data_7VDF
#
_entry.id   7VDF
#
_cell.length_a   1.00
_cell.length_b   1.00
_cell.length_c   1.00
_cell.angle_alpha   90.00
_cell.angle_beta   90.00
_cell.angle_gamma   90.00
#
_symmetry.space_group_name_H-M   'P 1'
#
loop_
_entity.id
_entity.type
_entity.pdbx_description
1 polymer Hemagglutinin
2 non-polymer 2-acetamido-2-deoxy-beta-D-glucopyranose
3 non-polymer beta-D-mannopyranose
#
_entity_poly.entity_id   1
_entity_poly.type   'polypeptide(L)'
_entity_poly.pdbx_seq_one_letter_code
;QDLPGNDNSTATLCLGHHAVPNGTLVKTITDDQIEVTNATELVQSSSTGKICNNPHRILDGIDCTLIDALLGDPHCDVFQ
NETWDLFVERSKAFSNCYPYDVPDYASLRSLVASSGTLEFITEGFTWTGVTQNGGSNACKRGPGSGFFSRLNWLTKSGST
YPVLNVTMPNNDNFDKLYIWGVHHPSTNQEQTSLYVQASGRVTVSTRRSQQTIIPNIGSRPWVRGLSSRISIYWTIVKPG
DVLVINSNGNLIAPRGYFKMRTGKSSIMRSDAPIDTCISECITPNGSIPNDKPFQNVNKITYGACPKYVKQNTLKLATGM
RNVPEKQTRGLFGAIAGFIENGWEGMIDGWYGFRHQNSEGTGQAADLKSTQAAIDQINGKLNRVIEKTNEKFHQIEKEFS
EVEGRIQDLEKYVEDTKIDLWSYNAELLVALENQHTIDLTDSEMNKLFEKTRRQLRENAEDMGNGCFKIYHKCDNACIES
IRNGTYDHDVYRDEALNNRFQIKGVELKSGYDGGGGTGGGGTGRMKQIEDKIEEILSKIYHIENEIARIKKLIGERHHHH
HH
;
_entity_poly.pdbx_strand_id   A,B,C
#
loop_
_chem_comp.id
_chem_comp.type
_chem_comp.name
_chem_comp.formula
BMA D-saccharide, beta linking beta-D-mannopyranose 'C6 H12 O6'
NAG D-saccharide, beta linking 2-acetamido-2-deoxy-beta-D-glucopyranose 'C8 H15 N O6'
#
# COMPACT_ATOMS: atom_id res chain seq x y z
N SER A 9 -52.13 37.01 -25.88
CA SER A 9 -51.45 36.95 -24.56
C SER A 9 -50.21 36.05 -24.64
N THR A 10 -49.54 35.87 -23.50
CA THR A 10 -48.34 35.05 -23.44
C THR A 10 -48.46 34.00 -22.35
N ALA A 11 -47.37 33.30 -22.06
CA ALA A 11 -47.35 32.27 -21.04
C ALA A 11 -45.94 32.16 -20.49
N THR A 12 -45.83 31.52 -19.34
CA THR A 12 -44.56 31.30 -18.67
C THR A 12 -44.35 29.81 -18.46
N LEU A 13 -43.14 29.33 -18.71
CA LEU A 13 -42.78 27.92 -18.52
C LEU A 13 -41.40 27.89 -17.88
N CYS A 14 -41.36 27.66 -16.57
CA CYS A 14 -40.12 27.67 -15.83
C CYS A 14 -39.69 26.23 -15.54
N LEU A 15 -38.43 25.93 -15.81
CA LEU A 15 -37.88 24.62 -15.54
C LEU A 15 -37.13 24.67 -14.21
N GLY A 16 -37.39 23.69 -13.35
CA GLY A 16 -36.80 23.69 -12.03
C GLY A 16 -36.50 22.29 -11.56
N HIS A 17 -35.87 22.20 -10.40
CA HIS A 17 -35.51 20.94 -9.80
C HIS A 17 -36.02 20.90 -8.36
N HIS A 18 -36.28 19.69 -7.87
CA HIS A 18 -36.81 19.54 -6.53
C HIS A 18 -35.77 19.93 -5.49
N ALA A 19 -36.25 20.50 -4.39
CA ALA A 19 -35.43 20.83 -3.25
C ALA A 19 -36.08 20.30 -1.99
N VAL A 20 -35.26 20.01 -0.99
CA VAL A 20 -35.74 19.47 0.28
C VAL A 20 -35.49 20.51 1.37
N PRO A 21 -36.41 20.69 2.33
CA PRO A 21 -36.14 21.66 3.40
C PRO A 21 -34.93 21.27 4.23
N ASN A 22 -34.69 19.98 4.43
CA ASN A 22 -33.59 19.47 5.24
C ASN A 22 -32.57 18.87 4.29
N GLY A 23 -31.65 19.70 3.80
CA GLY A 23 -30.55 19.20 3.00
C GLY A 23 -29.46 18.60 3.87
N THR A 24 -28.51 17.97 3.20
CA THR A 24 -27.37 17.35 3.88
C THR A 24 -26.08 17.84 3.23
N LEU A 25 -25.12 18.22 4.05
CA LEU A 25 -23.86 18.73 3.53
C LEU A 25 -22.97 17.56 3.12
N VAL A 26 -22.49 17.61 1.87
CA VAL A 26 -21.57 16.62 1.33
C VAL A 26 -20.32 17.38 0.89
N LYS A 27 -19.30 16.61 0.57
CA LYS A 27 -17.98 17.16 0.24
C LYS A 27 -17.62 16.84 -1.20
N THR A 28 -17.14 17.85 -1.93
CA THR A 28 -16.83 17.75 -3.35
C THR A 28 -15.37 18.11 -3.59
N ILE A 29 -14.95 17.98 -4.85
CA ILE A 29 -13.60 18.39 -5.24
C ILE A 29 -13.47 19.91 -5.24
N THR A 30 -14.56 20.62 -5.52
CA THR A 30 -14.54 22.06 -5.66
C THR A 30 -15.11 22.82 -4.49
N ASP A 31 -16.00 22.21 -3.71
CA ASP A 31 -16.65 22.87 -2.58
C ASP A 31 -16.38 22.08 -1.31
N ASP A 32 -16.02 22.78 -0.23
CA ASP A 32 -15.73 22.10 1.03
C ASP A 32 -16.98 21.44 1.61
N GLN A 33 -18.08 22.19 1.64
CA GLN A 33 -19.35 21.67 2.17
C GLN A 33 -20.47 22.23 1.30
N ILE A 34 -21.13 21.37 0.55
CA ILE A 34 -22.20 21.76 -0.37
C ILE A 34 -23.46 21.01 0.03
N GLU A 35 -24.57 21.73 0.14
CA GLU A 35 -25.83 21.13 0.55
C GLU A 35 -26.46 20.41 -0.64
N VAL A 36 -26.75 19.13 -0.48
CA VAL A 36 -27.43 18.32 -1.49
C VAL A 36 -28.74 17.82 -0.90
N THR A 37 -29.66 17.47 -1.79
CA THR A 37 -30.98 17.03 -1.36
C THR A 37 -30.90 15.75 -0.53
N ASN A 38 -30.06 14.80 -0.95
CA ASN A 38 -29.93 13.53 -0.26
C ASN A 38 -28.48 13.09 -0.28
N ALA A 39 -28.05 12.44 0.81
CA ALA A 39 -26.71 11.87 0.90
C ALA A 39 -26.79 10.63 1.77
N THR A 40 -25.85 9.72 1.54
CA THR A 40 -25.76 8.47 2.28
C THR A 40 -24.39 8.34 2.92
N GLU A 41 -24.37 7.89 4.17
CA GLU A 41 -23.10 7.66 4.85
C GLU A 41 -22.42 6.44 4.25
N LEU A 42 -21.17 6.61 3.81
CA LEU A 42 -20.41 5.53 3.20
C LEU A 42 -19.51 4.81 4.18
N VAL A 43 -19.44 5.24 5.43
CA VAL A 43 -18.59 4.63 6.44
C VAL A 43 -19.49 3.97 7.48
N GLN A 44 -19.25 2.70 7.73
CA GLN A 44 -19.92 1.97 8.80
C GLN A 44 -19.18 2.27 10.09
N SER A 45 -19.67 3.25 10.85
CA SER A 45 -19.00 3.72 12.06
C SER A 45 -19.47 3.01 13.31
N SER A 46 -20.47 2.13 13.22
CA SER A 46 -21.05 1.49 14.39
C SER A 46 -21.12 -0.01 14.18
N SER A 47 -21.18 -0.74 15.29
CA SER A 47 -21.30 -2.18 15.29
C SER A 47 -22.38 -2.59 16.29
N THR A 48 -22.98 -3.76 16.04
CA THR A 48 -23.99 -4.27 16.95
C THR A 48 -23.41 -4.76 18.27
N GLY A 49 -22.08 -4.85 18.38
CA GLY A 49 -21.44 -5.29 19.60
C GLY A 49 -21.41 -6.79 19.80
N LYS A 50 -21.92 -7.55 18.83
CA LYS A 50 -21.99 -9.00 18.93
C LYS A 50 -21.47 -9.60 17.62
N ILE A 51 -20.94 -10.81 17.72
CA ILE A 51 -20.42 -11.52 16.55
C ILE A 51 -21.50 -12.47 16.06
N CYS A 52 -21.93 -12.29 14.80
CA CYS A 52 -22.88 -13.20 14.19
C CYS A 52 -22.25 -14.56 13.99
N ASN A 53 -22.97 -15.62 14.35
CA ASN A 53 -22.48 -16.97 14.17
C ASN A 53 -22.71 -17.49 12.76
N ASN A 54 -23.33 -16.69 11.89
CA ASN A 54 -23.54 -17.04 10.49
C ASN A 54 -23.06 -15.88 9.62
N PRO A 55 -22.62 -16.16 8.39
CA PRO A 55 -22.52 -17.49 7.77
C PRO A 55 -21.22 -18.20 8.15
N HIS A 56 -20.36 -17.51 8.88
CA HIS A 56 -19.06 -18.05 9.26
C HIS A 56 -19.21 -18.95 10.47
N ARG A 57 -18.41 -20.02 10.51
CA ARG A 57 -18.38 -20.95 11.63
C ARG A 57 -17.49 -20.35 12.71
N ILE A 58 -18.13 -19.67 13.66
CA ILE A 58 -17.41 -19.00 14.74
C ILE A 58 -17.21 -19.99 15.88
N LEU A 59 -15.96 -20.16 16.29
CA LEU A 59 -15.61 -20.99 17.44
C LEU A 59 -15.15 -20.05 18.56
N ASP A 60 -15.91 -20.02 19.64
CA ASP A 60 -15.62 -19.14 20.77
C ASP A 60 -14.63 -19.84 21.70
N GLY A 61 -13.43 -19.29 21.80
CA GLY A 61 -12.46 -19.76 22.76
C GLY A 61 -12.72 -19.16 24.13
N ILE A 62 -13.72 -19.68 24.83
CA ILE A 62 -14.25 -19.02 26.01
C ILE A 62 -13.12 -18.66 26.98
N ASP A 63 -12.45 -19.70 27.50
CA ASP A 63 -11.34 -19.51 28.42
C ASP A 63 -10.05 -20.09 27.85
N CYS A 64 -10.01 -20.32 26.55
CA CYS A 64 -8.93 -21.06 25.91
C CYS A 64 -8.27 -20.19 24.84
N THR A 65 -6.95 -20.18 24.86
CA THR A 65 -6.15 -19.69 23.74
C THR A 65 -6.15 -20.74 22.63
N LEU A 66 -5.90 -20.28 21.40
CA LEU A 66 -5.86 -21.23 20.29
C LEU A 66 -4.75 -22.26 20.50
N ILE A 67 -3.59 -21.82 20.98
CA ILE A 67 -2.51 -22.76 21.27
C ILE A 67 -2.88 -23.64 22.45
N ASP A 68 -3.62 -23.11 23.42
CA ASP A 68 -4.07 -23.94 24.54
C ASP A 68 -4.98 -25.06 24.05
N ALA A 69 -5.91 -24.75 23.14
CA ALA A 69 -6.75 -25.78 22.56
C ALA A 69 -5.94 -26.74 21.70
N LEU A 70 -4.94 -26.22 20.99
CA LEU A 70 -4.10 -27.07 20.15
C LEU A 70 -3.34 -28.09 20.98
N LEU A 71 -2.65 -27.63 22.02
CA LEU A 71 -1.85 -28.55 22.84
C LEU A 71 -2.73 -29.55 23.56
N GLY A 72 -3.95 -29.18 23.93
CA GLY A 72 -4.82 -30.05 24.69
C GLY A 72 -4.83 -29.71 26.17
N ASP A 73 -5.01 -28.43 26.47
CA ASP A 73 -5.12 -28.01 27.86
C ASP A 73 -6.29 -28.74 28.52
N PRO A 74 -6.14 -29.19 29.77
CA PRO A 74 -7.25 -29.93 30.40
C PRO A 74 -8.56 -29.17 30.40
N HIS A 75 -8.51 -27.84 30.47
CA HIS A 75 -9.72 -27.02 30.40
C HIS A 75 -10.06 -26.62 28.98
N CYS A 76 -9.37 -27.18 27.99
CA CYS A 76 -9.65 -26.93 26.58
C CYS A 76 -10.00 -28.19 25.82
N ASP A 77 -10.27 -29.30 26.52
CA ASP A 77 -10.61 -30.55 25.85
C ASP A 77 -11.91 -30.46 25.08
N VAL A 78 -12.74 -29.45 25.36
CA VAL A 78 -13.95 -29.25 24.60
C VAL A 78 -13.65 -28.80 23.17
N PHE A 79 -12.44 -28.31 22.93
CA PHE A 79 -12.03 -27.85 21.61
C PHE A 79 -11.28 -28.90 20.81
N GLN A 80 -11.30 -30.15 21.26
CA GLN A 80 -10.63 -31.22 20.54
C GLN A 80 -11.37 -31.52 19.24
N ASN A 81 -10.62 -31.66 18.15
CA ASN A 81 -11.18 -31.92 16.82
C ASN A 81 -12.10 -30.80 16.35
N GLU A 82 -11.97 -29.61 16.92
CA GLU A 82 -12.85 -28.51 16.56
C GLU A 82 -12.43 -27.90 15.23
N THR A 83 -13.42 -27.35 14.52
CA THR A 83 -13.20 -26.63 13.28
C THR A 83 -13.85 -25.26 13.39
N TRP A 84 -13.31 -24.30 12.66
CA TRP A 84 -13.83 -22.94 12.72
C TRP A 84 -13.53 -22.23 11.41
N ASP A 85 -14.32 -21.19 11.14
CA ASP A 85 -13.97 -20.18 10.16
C ASP A 85 -13.30 -18.97 10.83
N LEU A 86 -13.75 -18.62 12.02
CA LEU A 86 -13.08 -17.62 12.84
C LEU A 86 -13.02 -18.14 14.26
N PHE A 87 -11.81 -18.25 14.80
CA PHE A 87 -11.60 -18.58 16.21
C PHE A 87 -11.58 -17.28 17.00
N VAL A 88 -12.52 -17.13 17.92
CA VAL A 88 -12.62 -15.92 18.73
C VAL A 88 -11.85 -16.16 20.02
N GLU A 89 -10.83 -15.35 20.26
CA GLU A 89 -9.89 -15.53 21.36
C GLU A 89 -10.20 -14.46 22.41
N ARG A 90 -10.89 -14.87 23.46
CA ARG A 90 -11.31 -13.94 24.50
C ARG A 90 -10.11 -13.45 25.31
N SER A 91 -10.22 -12.22 25.81
CA SER A 91 -9.17 -11.66 26.66
C SER A 91 -9.08 -12.36 28.00
N LYS A 92 -10.14 -13.06 28.42
CA LYS A 92 -10.12 -13.83 29.65
C LYS A 92 -9.50 -15.20 29.48
N ALA A 93 -9.09 -15.57 28.27
CA ALA A 93 -8.46 -16.85 28.04
C ALA A 93 -7.20 -16.97 28.89
N PHE A 94 -7.05 -18.12 29.56
CA PHE A 94 -5.92 -18.36 30.43
C PHE A 94 -5.44 -19.79 30.24
N SER A 95 -4.21 -20.04 30.66
CA SER A 95 -3.61 -21.37 30.61
C SER A 95 -3.65 -21.98 32.00
N ASN A 96 -4.13 -23.22 32.09
CA ASN A 96 -4.22 -23.94 33.36
C ASN A 96 -3.49 -25.28 33.27
N CYS A 97 -2.40 -25.31 32.51
CA CYS A 97 -1.64 -26.54 32.32
C CYS A 97 -0.17 -26.29 32.61
N TYR A 98 0.69 -27.22 32.23
CA TYR A 98 2.11 -27.06 32.45
C TYR A 98 2.57 -25.76 31.79
N PRO A 99 3.29 -24.90 32.50
CA PRO A 99 3.74 -23.65 31.88
C PRO A 99 4.62 -23.93 30.67
N TYR A 100 4.40 -23.16 29.62
CA TYR A 100 5.06 -23.40 28.35
C TYR A 100 5.24 -22.07 27.63
N ASP A 101 6.21 -22.06 26.72
CA ASP A 101 6.41 -20.97 25.79
C ASP A 101 6.56 -21.55 24.39
N VAL A 102 6.06 -20.82 23.41
CA VAL A 102 6.17 -21.26 22.02
C VAL A 102 7.17 -20.34 21.33
N PRO A 103 8.43 -20.76 21.14
CA PRO A 103 9.34 -19.95 20.33
C PRO A 103 8.74 -19.71 18.95
N ASP A 104 8.59 -18.45 18.59
CA ASP A 104 7.86 -18.07 17.38
C ASP A 104 6.38 -18.41 17.55
N TYR A 105 5.83 -17.98 18.69
CA TYR A 105 4.44 -18.29 19.04
C TYR A 105 3.47 -17.73 18.01
N ALA A 106 3.71 -16.51 17.55
CA ALA A 106 2.78 -15.86 16.63
C ALA A 106 2.62 -16.68 15.36
N SER A 107 3.72 -17.27 14.86
CA SER A 107 3.62 -18.07 13.64
C SER A 107 2.77 -19.31 13.85
N LEU A 108 2.95 -20.01 14.98
CA LEU A 108 2.13 -21.19 15.25
C LEU A 108 0.67 -20.82 15.37
N ARG A 109 0.38 -19.73 16.10
CA ARG A 109 -1.00 -19.29 16.23
C ARG A 109 -1.59 -18.96 14.87
N SER A 110 -0.82 -18.25 14.03
CA SER A 110 -1.29 -17.86 12.72
C SER A 110 -1.57 -19.08 11.85
N LEU A 111 -0.68 -20.06 11.84
CA LEU A 111 -0.85 -21.19 10.94
C LEU A 111 -1.94 -22.13 11.43
N VAL A 112 -2.10 -22.27 12.75
CA VAL A 112 -3.20 -23.07 13.27
C VAL A 112 -4.53 -22.40 13.01
N ALA A 113 -4.58 -21.06 13.11
CA ALA A 113 -5.80 -20.34 12.78
C ALA A 113 -6.13 -20.47 11.30
N SER A 114 -5.12 -20.34 10.44
CA SER A 114 -5.33 -20.47 9.00
C SER A 114 -5.80 -21.88 8.66
N SER A 115 -5.24 -22.89 9.32
CA SER A 115 -5.71 -24.25 9.10
C SER A 115 -7.19 -24.38 9.42
N GLY A 116 -7.62 -23.79 10.52
CA GLY A 116 -9.03 -23.76 10.82
C GLY A 116 -9.58 -25.04 11.39
N THR A 117 -8.73 -25.95 11.84
CA THR A 117 -9.19 -27.22 12.40
C THR A 117 -8.21 -27.66 13.48
N LEU A 118 -8.76 -28.25 14.54
CA LEU A 118 -7.99 -28.95 15.55
C LEU A 118 -8.12 -30.46 15.40
N GLU A 119 -8.51 -30.93 14.23
CA GLU A 119 -8.62 -32.36 13.97
C GLU A 119 -7.27 -33.02 14.21
N PHE A 120 -7.21 -33.86 15.23
CA PHE A 120 -5.98 -34.49 15.67
C PHE A 120 -6.09 -36.00 15.44
N ILE A 121 -5.20 -36.54 14.62
CA ILE A 121 -5.12 -37.96 14.36
C ILE A 121 -4.01 -38.53 15.22
N THR A 122 -4.37 -39.43 16.13
CA THR A 122 -3.37 -40.10 16.96
C THR A 122 -2.60 -41.10 16.12
N GLU A 123 -1.28 -41.11 16.28
CA GLU A 123 -0.41 -41.98 15.51
C GLU A 123 0.32 -42.94 16.44
N GLY A 124 0.61 -44.12 15.90
CA GLY A 124 1.22 -45.17 16.69
C GLY A 124 2.70 -44.96 16.95
N PHE A 125 3.04 -43.82 17.52
CA PHE A 125 4.43 -43.58 17.93
C PHE A 125 4.82 -44.62 18.97
N THR A 126 6.00 -45.21 18.77
CA THR A 126 6.52 -46.25 19.66
C THR A 126 7.73 -45.68 20.39
N TRP A 127 7.60 -45.51 21.70
CA TRP A 127 8.68 -45.01 22.55
C TRP A 127 9.13 -46.16 23.44
N THR A 128 10.26 -46.77 23.08
CA THR A 128 10.78 -47.92 23.78
C THR A 128 11.80 -47.48 24.82
N GLY A 129 11.69 -48.03 26.03
CA GLY A 129 12.62 -47.73 27.09
C GLY A 129 12.34 -46.44 27.84
N VAL A 130 11.20 -45.80 27.61
CA VAL A 130 10.83 -44.58 28.31
C VAL A 130 9.41 -44.73 28.82
N THR A 131 9.10 -43.99 29.90
CA THR A 131 7.76 -43.98 30.46
C THR A 131 6.95 -42.89 29.79
N GLN A 132 5.77 -43.27 29.29
CA GLN A 132 4.91 -42.35 28.57
C GLN A 132 3.85 -41.78 29.49
N ASN A 133 3.06 -40.85 28.95
CA ASN A 133 1.94 -40.25 29.68
C ASN A 133 2.40 -39.56 30.96
N GLY A 134 3.60 -38.98 30.94
CA GLY A 134 4.05 -38.22 32.09
C GLY A 134 3.12 -37.06 32.37
N GLY A 135 2.89 -36.80 33.66
CA GLY A 135 1.94 -35.80 34.07
C GLY A 135 2.51 -34.90 35.17
N SER A 136 1.74 -33.86 35.48
CA SER A 136 2.10 -32.91 36.52
C SER A 136 0.83 -32.43 37.19
N ASN A 137 0.99 -31.84 38.37
CA ASN A 137 -0.14 -31.25 39.08
C ASN A 137 -0.51 -29.88 38.55
N ALA A 138 0.31 -29.29 37.67
CA ALA A 138 -0.08 -28.05 37.02
C ALA A 138 -1.25 -28.29 36.07
N CYS A 139 -1.24 -29.41 35.36
CA CYS A 139 -2.36 -29.82 34.50
C CYS A 139 -3.18 -30.84 35.29
N LYS A 140 -4.26 -30.39 35.92
CA LYS A 140 -5.13 -31.25 36.70
C LYS A 140 -6.30 -31.67 35.81
N ARG A 141 -6.14 -32.79 35.11
CA ARG A 141 -7.22 -33.40 34.36
C ARG A 141 -7.96 -34.33 35.32
N GLY A 142 -9.01 -33.79 35.94
CA GLY A 142 -9.68 -34.50 37.01
C GLY A 142 -9.02 -34.21 38.35
N PRO A 143 -9.06 -35.16 39.26
CA PRO A 143 -8.40 -34.96 40.56
C PRO A 143 -6.91 -35.25 40.51
N GLY A 144 -6.50 -36.13 39.58
CA GLY A 144 -5.11 -36.52 39.49
C GLY A 144 -4.30 -35.64 38.55
N SER A 145 -2.99 -35.86 38.55
CA SER A 145 -2.10 -35.11 37.69
C SER A 145 -2.39 -35.41 36.23
N GLY A 146 -2.18 -34.42 35.38
CA GLY A 146 -2.44 -34.57 33.97
C GLY A 146 -1.40 -33.86 33.10
N PHE A 147 -1.68 -33.76 31.81
CA PHE A 147 -0.79 -33.10 30.88
C PHE A 147 -1.59 -32.73 29.63
N PHE A 148 -0.94 -32.06 28.70
CA PHE A 148 -1.56 -31.75 27.43
C PHE A 148 -2.01 -33.04 26.75
N SER A 149 -3.24 -33.05 26.25
CA SER A 149 -3.81 -34.27 25.68
C SER A 149 -3.20 -34.61 24.33
N ARG A 150 -2.63 -33.64 23.63
CA ARG A 150 -2.00 -33.87 22.34
C ARG A 150 -0.49 -34.05 22.45
N LEU A 151 0.07 -34.04 23.65
CA LEU A 151 1.49 -34.18 23.88
C LEU A 151 1.74 -35.30 24.87
N ASN A 152 2.79 -36.09 24.60
CA ASN A 152 3.19 -37.21 25.44
C ASN A 152 4.46 -36.83 26.17
N TRP A 153 4.40 -36.76 27.49
CA TRP A 153 5.56 -36.43 28.31
C TRP A 153 6.32 -37.72 28.58
N LEU A 154 7.40 -37.94 27.84
CA LEU A 154 8.20 -39.15 27.96
C LEU A 154 9.29 -38.94 29.00
N THR A 155 9.45 -39.91 29.89
CA THR A 155 10.47 -39.88 30.93
C THR A 155 11.18 -41.23 30.97
N LYS A 156 12.27 -41.28 31.73
CA LYS A 156 13.04 -42.51 31.84
C LYS A 156 12.18 -43.64 32.37
N SER A 157 12.35 -44.83 31.79
CA SER A 157 11.66 -46.04 32.24
C SER A 157 12.62 -46.81 33.16
N GLY A 158 12.31 -46.81 34.45
CA GLY A 158 13.17 -47.47 35.41
C GLY A 158 14.30 -46.56 35.85
N SER A 159 15.50 -46.80 35.31
CA SER A 159 16.66 -45.98 35.62
C SER A 159 17.48 -45.64 34.37
N THR A 160 16.86 -45.67 33.19
CA THR A 160 17.57 -45.38 31.96
C THR A 160 16.61 -44.75 30.97
N TYR A 161 17.11 -43.76 30.23
CA TYR A 161 16.36 -43.09 29.17
C TYR A 161 17.13 -43.27 27.87
N PRO A 162 16.80 -44.27 27.05
CA PRO A 162 17.58 -44.51 25.83
C PRO A 162 17.41 -43.37 24.84
N VAL A 163 18.22 -43.42 23.78
CA VAL A 163 18.14 -42.43 22.72
C VAL A 163 16.92 -42.77 21.88
N LEU A 164 15.79 -42.13 22.17
CA LEU A 164 14.59 -42.34 21.39
C LEU A 164 14.86 -41.97 19.94
N ASN A 165 14.42 -42.82 19.02
CA ASN A 165 14.67 -42.62 17.60
C ASN A 165 13.50 -43.24 16.85
N VAL A 166 12.50 -42.42 16.53
CA VAL A 166 11.27 -42.90 15.92
C VAL A 166 11.07 -42.21 14.58
N THR A 167 10.35 -42.89 13.69
CA THR A 167 10.02 -42.37 12.38
C THR A 167 8.52 -42.47 12.17
N MET A 168 7.99 -41.54 11.38
CA MET A 168 6.57 -41.50 11.05
C MET A 168 6.46 -40.97 9.63
N PRO A 169 6.28 -41.85 8.65
CA PRO A 169 6.15 -41.38 7.27
C PRO A 169 4.80 -40.71 7.03
N ASN A 170 4.80 -39.71 6.15
CA ASN A 170 3.58 -39.04 5.74
C ASN A 170 3.14 -39.65 4.42
N ASN A 171 2.50 -40.81 4.51
CA ASN A 171 2.00 -41.52 3.34
C ASN A 171 0.66 -40.99 2.86
N ASP A 172 0.08 -40.02 3.56
CA ASP A 172 -1.19 -39.43 3.15
C ASP A 172 -0.93 -38.36 2.09
N ASN A 173 -1.98 -37.63 1.72
CA ASN A 173 -1.90 -36.61 0.69
C ASN A 173 -2.07 -35.20 1.25
N PHE A 174 -1.87 -35.04 2.56
CA PHE A 174 -2.06 -33.75 3.23
C PHE A 174 -0.89 -33.49 4.16
N ASP A 175 -0.67 -32.21 4.46
CA ASP A 175 0.34 -31.83 5.42
C ASP A 175 -0.05 -32.31 6.82
N LYS A 176 0.93 -32.82 7.56
CA LYS A 176 0.74 -33.25 8.93
C LYS A 176 1.45 -32.26 9.86
N LEU A 177 0.71 -31.64 10.77
CA LEU A 177 1.29 -30.74 11.75
C LEU A 177 1.55 -31.53 13.02
N TYR A 178 2.82 -31.64 13.39
CA TYR A 178 3.25 -32.33 14.60
C TYR A 178 3.66 -31.29 15.61
N ILE A 179 2.89 -31.14 16.68
CA ILE A 179 3.22 -30.25 17.77
C ILE A 179 3.98 -31.07 18.80
N TRP A 180 5.28 -30.83 18.91
CA TRP A 180 6.12 -31.48 19.90
C TRP A 180 6.64 -30.42 20.85
N GLY A 181 7.29 -30.87 21.92
CA GLY A 181 7.82 -29.95 22.90
C GLY A 181 9.11 -30.44 23.48
N VAL A 182 9.82 -29.51 24.11
CA VAL A 182 11.09 -29.77 24.77
C VAL A 182 10.94 -29.34 26.22
N HIS A 183 11.19 -30.26 27.14
CA HIS A 183 11.10 -29.93 28.56
C HIS A 183 12.33 -29.15 28.99
N HIS A 184 12.10 -28.14 29.83
CA HIS A 184 13.14 -27.28 30.40
C HIS A 184 13.04 -27.44 31.90
N PRO A 185 13.74 -28.40 32.49
CA PRO A 185 13.69 -28.56 33.95
C PRO A 185 14.39 -27.41 34.64
N SER A 186 13.97 -27.16 35.89
CA SER A 186 14.51 -26.05 36.66
C SER A 186 15.89 -26.35 37.20
N THR A 187 16.21 -27.61 37.47
CA THR A 187 17.46 -27.98 38.10
C THR A 187 18.05 -29.21 37.42
N ASN A 188 19.36 -29.37 37.54
CA ASN A 188 20.01 -30.56 37.01
C ASN A 188 19.49 -31.82 37.70
N GLN A 189 19.10 -31.71 38.96
CA GLN A 189 18.53 -32.85 39.66
C GLN A 189 17.24 -33.31 38.96
N GLU A 190 16.38 -32.36 38.60
CA GLU A 190 15.16 -32.71 37.88
C GLU A 190 15.47 -33.30 36.52
N GLN A 191 16.45 -32.73 35.82
CA GLN A 191 16.84 -33.26 34.51
C GLN A 191 17.27 -34.71 34.63
N THR A 192 18.13 -35.01 35.60
CA THR A 192 18.63 -36.37 35.76
C THR A 192 17.53 -37.32 36.23
N SER A 193 16.67 -36.87 37.15
CA SER A 193 15.60 -37.72 37.64
C SER A 193 14.63 -38.08 36.52
N LEU A 194 14.23 -37.09 35.72
CA LEU A 194 13.36 -37.37 34.59
C LEU A 194 14.14 -37.98 33.43
N TYR A 195 15.37 -37.55 33.21
CA TYR A 195 16.11 -37.90 32.00
C TYR A 195 17.55 -38.16 32.43
N VAL A 196 17.93 -39.44 32.49
CA VAL A 196 19.23 -39.80 33.05
C VAL A 196 20.35 -38.97 32.43
N GLN A 197 20.20 -38.58 31.16
CA GLN A 197 21.19 -37.71 30.54
C GLN A 197 21.25 -36.38 31.25
N ALA A 198 22.47 -35.92 31.53
CA ALA A 198 22.66 -34.63 32.20
C ALA A 198 22.25 -33.47 31.30
N SER A 199 22.27 -33.66 29.99
CA SER A 199 21.86 -32.63 29.03
C SER A 199 21.13 -33.31 27.89
N GLY A 200 19.84 -33.07 27.78
CA GLY A 200 19.03 -33.68 26.75
C GLY A 200 19.28 -33.04 25.40
N ARG A 201 18.48 -33.49 24.43
CA ARG A 201 18.53 -32.98 23.06
C ARG A 201 17.35 -33.56 22.31
N VAL A 202 16.67 -32.73 21.53
CA VAL A 202 15.50 -33.15 20.78
C VAL A 202 15.65 -32.66 19.35
N THR A 203 15.92 -33.58 18.42
CA THR A 203 16.03 -33.27 17.00
C THR A 203 14.82 -33.86 16.29
N VAL A 204 13.93 -32.99 15.84
CA VAL A 204 12.76 -33.40 15.06
C VAL A 204 12.96 -32.85 13.65
N SER A 205 13.00 -33.74 12.67
CA SER A 205 13.43 -33.36 11.33
C SER A 205 12.61 -34.08 10.28
N THR A 206 12.60 -33.49 9.09
CA THR A 206 12.04 -34.10 7.89
C THR A 206 13.15 -34.20 6.84
N ARG A 207 12.78 -34.72 5.67
CA ARG A 207 13.78 -34.87 4.61
C ARG A 207 14.32 -33.52 4.15
N ARG A 208 13.62 -32.43 4.45
CA ARG A 208 14.02 -31.10 4.01
C ARG A 208 14.17 -30.10 5.14
N SER A 209 13.58 -30.34 6.30
CA SER A 209 13.64 -29.42 7.43
C SER A 209 14.30 -30.11 8.62
N GLN A 210 14.57 -29.33 9.66
CA GLN A 210 15.24 -29.83 10.85
C GLN A 210 15.13 -28.82 11.99
N GLN A 211 14.78 -29.28 13.19
CA GLN A 211 14.75 -28.44 14.38
C GLN A 211 15.39 -29.24 15.50
N THR A 212 16.57 -28.81 15.96
CA THR A 212 17.23 -29.42 17.10
C THR A 212 17.24 -28.43 18.25
N ILE A 213 16.74 -28.88 19.40
CA ILE A 213 16.56 -28.05 20.58
C ILE A 213 17.32 -28.67 21.74
N ILE A 214 18.11 -27.86 22.43
CA ILE A 214 18.84 -28.28 23.62
C ILE A 214 18.04 -27.85 24.84
N PRO A 215 17.62 -28.76 25.70
CA PRO A 215 16.82 -28.37 26.87
C PRO A 215 17.60 -27.45 27.79
N ASN A 216 16.86 -26.59 28.48
CA ASN A 216 17.43 -25.50 29.26
C ASN A 216 17.25 -25.81 30.73
N ILE A 217 18.34 -26.14 31.42
CA ILE A 217 18.28 -26.53 32.84
C ILE A 217 18.58 -25.27 33.64
N GLY A 218 17.54 -24.49 33.92
CA GLY A 218 17.68 -23.31 34.73
C GLY A 218 16.37 -22.95 35.38
N SER A 219 16.45 -22.32 36.55
CA SER A 219 15.25 -21.92 37.26
C SER A 219 14.61 -20.70 36.60
N ARG A 220 13.35 -20.46 36.97
CA ARG A 220 12.56 -19.43 36.34
C ARG A 220 11.26 -19.22 37.12
N PRO A 221 10.47 -18.19 36.82
CA PRO A 221 9.33 -17.87 37.68
C PRO A 221 8.37 -19.04 37.82
N TRP A 222 7.83 -19.20 39.03
CA TRP A 222 6.85 -20.25 39.26
C TRP A 222 5.54 -19.90 38.56
N VAL A 223 5.06 -20.82 37.74
CA VAL A 223 3.78 -20.68 37.05
C VAL A 223 2.99 -21.94 37.34
N ARG A 224 1.94 -21.81 38.15
CA ARG A 224 1.16 -22.95 38.61
C ARG A 224 2.01 -23.93 39.40
N GLY A 225 3.05 -23.43 40.06
CA GLY A 225 3.86 -24.23 40.95
C GLY A 225 5.10 -24.84 40.33
N LEU A 226 5.43 -24.48 39.10
CA LEU A 226 6.57 -25.07 38.41
C LEU A 226 7.49 -23.97 37.88
N SER A 227 8.78 -24.11 38.18
CA SER A 227 9.83 -23.32 37.54
C SER A 227 10.45 -24.05 36.36
N SER A 228 9.76 -25.05 35.81
CA SER A 228 10.15 -25.73 34.58
C SER A 228 9.17 -25.34 33.48
N ARG A 229 9.63 -25.43 32.23
CA ARG A 229 8.83 -24.99 31.09
C ARG A 229 8.75 -26.08 30.04
N ILE A 230 7.86 -25.87 29.09
CA ILE A 230 7.81 -26.64 27.84
C ILE A 230 7.98 -25.65 26.71
N SER A 231 9.00 -25.84 25.89
CA SER A 231 9.16 -25.07 24.67
C SER A 231 8.46 -25.82 23.54
N ILE A 232 7.42 -25.23 22.99
CA ILE A 232 6.58 -25.90 22.01
C ILE A 232 7.07 -25.57 20.62
N TYR A 233 7.33 -26.60 19.82
CA TYR A 233 7.73 -26.46 18.44
C TYR A 233 6.78 -27.27 17.57
N TRP A 234 6.72 -26.92 16.30
CA TRP A 234 5.86 -27.61 15.34
C TRP A 234 6.67 -27.98 14.11
N THR A 235 6.34 -29.14 13.54
CA THR A 235 6.94 -29.59 12.29
C THR A 235 5.81 -29.92 11.32
N ILE A 236 5.88 -29.35 10.13
CA ILE A 236 4.91 -29.64 9.08
C ILE A 236 5.55 -30.64 8.13
N VAL A 237 4.95 -31.82 8.04
CA VAL A 237 5.42 -32.91 7.20
C VAL A 237 4.58 -32.92 5.93
N LYS A 238 5.22 -32.65 4.80
CA LYS A 238 4.52 -32.64 3.53
C LYS A 238 4.22 -34.08 3.11
N PRO A 239 3.24 -34.27 2.21
CA PRO A 239 2.93 -35.62 1.76
C PRO A 239 4.16 -36.30 1.17
N GLY A 240 4.30 -37.59 1.47
CA GLY A 240 5.48 -38.33 1.09
C GLY A 240 6.69 -38.11 1.97
N ASP A 241 6.76 -36.99 2.68
CA ASP A 241 7.85 -36.74 3.61
C ASP A 241 7.70 -37.62 4.85
N VAL A 242 8.76 -37.66 5.64
CA VAL A 242 8.82 -38.49 6.84
C VAL A 242 9.35 -37.63 7.99
N LEU A 243 8.78 -37.84 9.17
CA LEU A 243 9.20 -37.14 10.39
C LEU A 243 10.02 -38.09 11.23
N VAL A 244 11.26 -37.72 11.53
CA VAL A 244 12.11 -38.47 12.44
C VAL A 244 12.29 -37.65 13.70
N ILE A 245 12.00 -38.26 14.84
CA ILE A 245 12.18 -37.65 16.15
C ILE A 245 13.28 -38.44 16.86
N ASN A 246 14.41 -37.77 17.12
CA ASN A 246 15.48 -38.32 17.93
C ASN A 246 15.57 -37.51 19.21
N SER A 247 15.86 -38.18 20.32
CA SER A 247 15.85 -37.51 21.61
C SER A 247 16.77 -38.23 22.58
N ASN A 248 17.76 -37.50 23.09
CA ASN A 248 18.48 -37.96 24.28
C ASN A 248 17.64 -37.76 25.53
N GLY A 249 16.77 -36.76 25.53
CA GLY A 249 15.91 -36.51 26.66
C GLY A 249 15.13 -35.22 26.43
N ASN A 250 14.32 -34.89 27.43
CA ASN A 250 13.56 -33.65 27.44
C ASN A 250 12.62 -33.55 26.24
N LEU A 251 12.07 -34.67 25.80
CA LEU A 251 11.18 -34.70 24.64
C LEU A 251 9.73 -34.75 25.13
N ILE A 252 8.98 -33.70 24.82
CA ILE A 252 7.52 -33.72 24.94
C ILE A 252 7.02 -34.13 23.56
N ALA A 253 6.93 -35.43 23.34
CA ALA A 253 6.70 -35.96 22.01
C ALA A 253 5.28 -35.66 21.55
N PRO A 254 5.04 -35.73 20.23
CA PRO A 254 3.67 -35.61 19.74
C PRO A 254 2.93 -36.94 19.83
N ARG A 255 1.67 -36.86 20.22
CA ARG A 255 0.81 -38.03 20.24
C ARG A 255 0.19 -38.32 18.89
N GLY A 256 0.48 -37.51 17.90
CA GLY A 256 -0.15 -37.62 16.59
C GLY A 256 0.14 -36.40 15.76
N TYR A 257 -0.78 -36.06 14.88
CA TYR A 257 -0.64 -34.87 14.05
C TYR A 257 -1.96 -34.16 13.90
N PHE A 258 -1.89 -32.86 13.71
CA PHE A 258 -3.07 -32.06 13.39
C PHE A 258 -3.18 -31.94 11.88
N LYS A 259 -4.35 -32.25 11.35
CA LYS A 259 -4.55 -32.29 9.91
C LYS A 259 -4.63 -30.86 9.37
N MET A 260 -3.72 -30.50 8.48
CA MET A 260 -3.67 -29.14 7.95
C MET A 260 -4.69 -28.93 6.85
N ARG A 261 -5.30 -27.75 6.87
CA ARG A 261 -6.21 -27.27 5.83
C ARG A 261 -5.72 -25.94 5.29
N THR A 262 -6.25 -25.57 4.13
CA THR A 262 -6.10 -24.24 3.55
C THR A 262 -7.50 -23.73 3.23
N GLY A 263 -7.78 -22.50 3.65
CA GLY A 263 -9.10 -21.95 3.39
C GLY A 263 -9.31 -20.63 4.10
N LYS A 264 -10.58 -20.33 4.34
CA LYS A 264 -11.06 -19.05 4.83
C LYS A 264 -10.98 -18.90 6.35
N SER A 265 -10.20 -19.71 7.03
CA SER A 265 -10.18 -19.71 8.49
C SER A 265 -9.14 -18.73 9.02
N SER A 266 -9.41 -18.22 10.22
CA SER A 266 -8.53 -17.25 10.87
C SER A 266 -8.87 -17.21 12.35
N ILE A 267 -8.21 -16.30 13.07
CA ILE A 267 -8.41 -16.13 14.50
C ILE A 267 -8.55 -14.65 14.80
N MET A 268 -9.44 -14.32 15.74
CA MET A 268 -9.72 -12.95 16.14
C MET A 268 -9.68 -12.85 17.64
N ARG A 269 -9.00 -11.82 18.15
CA ARG A 269 -9.05 -11.47 19.57
C ARG A 269 -10.22 -10.53 19.77
N SER A 270 -11.26 -11.00 20.46
CA SER A 270 -12.46 -10.21 20.64
C SER A 270 -13.18 -10.68 21.90
N ASP A 271 -13.80 -9.72 22.59
CA ASP A 271 -14.67 -10.01 23.73
C ASP A 271 -16.13 -9.80 23.39
N ALA A 272 -16.46 -9.58 22.13
CA ALA A 272 -17.84 -9.38 21.73
C ALA A 272 -18.60 -10.71 21.78
N PRO A 273 -19.72 -10.79 22.49
CA PRO A 273 -20.44 -12.06 22.56
C PRO A 273 -20.96 -12.50 21.20
N ILE A 274 -21.03 -13.82 21.02
CA ILE A 274 -21.58 -14.38 19.79
C ILE A 274 -23.10 -14.43 19.91
N ASP A 275 -23.79 -13.92 18.90
CA ASP A 275 -25.24 -13.80 18.91
C ASP A 275 -25.82 -14.55 17.72
N THR A 276 -27.05 -15.05 17.89
CA THR A 276 -27.76 -15.76 16.83
C THR A 276 -28.19 -14.74 15.79
N CYS A 277 -27.30 -14.50 14.83
CA CYS A 277 -27.48 -13.47 13.83
C CYS A 277 -26.56 -13.76 12.65
N ILE A 278 -26.84 -13.09 11.53
CA ILE A 278 -26.13 -13.31 10.27
C ILE A 278 -25.42 -12.02 9.89
N SER A 279 -24.13 -12.12 9.58
CA SER A 279 -23.35 -11.00 9.10
C SER A 279 -22.07 -11.51 8.50
N GLU A 280 -21.81 -11.15 7.24
CA GLU A 280 -20.61 -11.63 6.55
C GLU A 280 -19.34 -10.95 7.02
N CYS A 281 -19.45 -9.88 7.81
CA CYS A 281 -18.30 -9.13 8.29
C CYS A 281 -18.22 -9.23 9.80
N ILE A 282 -17.04 -9.55 10.32
CA ILE A 282 -16.81 -9.67 11.76
C ILE A 282 -15.64 -8.78 12.12
N THR A 283 -15.79 -8.03 13.20
CA THR A 283 -14.73 -7.21 13.76
C THR A 283 -14.59 -7.54 15.24
N PRO A 284 -13.46 -7.23 15.86
CA PRO A 284 -13.36 -7.39 17.32
C PRO A 284 -14.44 -6.62 18.05
N ASN A 285 -14.87 -5.49 17.48
CA ASN A 285 -16.00 -4.75 18.01
C ASN A 285 -17.31 -5.51 17.92
N GLY A 286 -17.36 -6.56 17.10
CA GLY A 286 -18.58 -7.24 16.75
C GLY A 286 -18.81 -7.24 15.26
N SER A 287 -19.87 -7.93 14.86
CA SER A 287 -20.24 -7.96 13.44
C SER A 287 -20.80 -6.62 13.00
N ILE A 288 -20.49 -6.22 11.77
CA ILE A 288 -20.98 -4.97 11.21
C ILE A 288 -21.61 -5.24 9.86
N PRO A 289 -22.59 -4.44 9.42
CA PRO A 289 -23.13 -4.62 8.07
C PRO A 289 -22.13 -4.17 7.02
N ASN A 290 -21.95 -4.99 5.99
CA ASN A 290 -21.01 -4.71 4.92
C ASN A 290 -21.66 -3.99 3.75
N ASP A 291 -22.83 -3.38 3.96
CA ASP A 291 -23.48 -2.65 2.88
C ASP A 291 -22.65 -1.45 2.43
N LYS A 292 -22.05 -0.74 3.39
CA LYS A 292 -21.23 0.42 3.06
C LYS A 292 -19.86 -0.01 2.54
N PRO A 293 -19.23 0.80 1.68
CA PRO A 293 -17.92 0.42 1.15
C PRO A 293 -16.80 0.55 2.15
N PHE A 294 -16.94 1.38 3.18
CA PHE A 294 -15.88 1.65 4.13
C PHE A 294 -16.41 1.50 5.55
N GLN A 295 -15.49 1.39 6.49
CA GLN A 295 -15.83 1.28 7.90
C GLN A 295 -14.88 2.16 8.71
N ASN A 296 -15.31 2.47 9.93
CA ASN A 296 -14.46 3.11 10.93
C ASN A 296 -14.54 2.34 12.24
N VAL A 297 -14.83 1.05 12.17
CA VAL A 297 -15.07 0.23 13.35
C VAL A 297 -13.76 -0.35 13.84
N ASN A 298 -13.10 -1.15 12.99
CA ASN A 298 -11.86 -1.80 13.38
C ASN A 298 -11.07 -2.14 12.13
N LYS A 299 -9.76 -1.91 12.18
CA LYS A 299 -8.89 -2.35 11.10
C LYS A 299 -8.77 -3.88 11.05
N ILE A 300 -9.08 -4.55 12.15
CA ILE A 300 -9.09 -6.01 12.20
C ILE A 300 -10.44 -6.50 11.72
N THR A 301 -10.44 -7.27 10.63
CA THR A 301 -11.68 -7.67 9.98
C THR A 301 -11.61 -9.12 9.56
N TYR A 302 -12.78 -9.74 9.43
CA TYR A 302 -12.91 -11.07 8.89
C TYR A 302 -14.13 -11.14 8.00
N GLY A 303 -13.99 -11.78 6.85
CA GLY A 303 -15.09 -11.95 5.92
C GLY A 303 -15.21 -10.81 4.94
N ALA A 304 -16.39 -10.73 4.32
CA ALA A 304 -16.68 -9.67 3.38
C ALA A 304 -16.91 -8.37 4.12
N CYS A 305 -15.83 -7.62 4.37
CA CYS A 305 -15.90 -6.44 5.23
C CYS A 305 -15.64 -5.17 4.43
N PRO A 306 -16.22 -4.05 4.85
CA PRO A 306 -15.85 -2.77 4.22
C PRO A 306 -14.40 -2.41 4.54
N LYS A 307 -13.79 -1.67 3.63
CA LYS A 307 -12.42 -1.21 3.84
C LYS A 307 -12.36 -0.29 5.05
N TYR A 308 -11.35 -0.48 5.88
CA TYR A 308 -11.16 0.38 7.03
C TYR A 308 -10.59 1.73 6.59
N VAL A 309 -11.21 2.81 7.05
CA VAL A 309 -10.76 4.15 6.75
C VAL A 309 -10.69 4.93 8.05
N LYS A 310 -9.82 5.95 8.07
CA LYS A 310 -9.71 6.80 9.25
C LYS A 310 -10.88 7.76 9.38
N GLN A 311 -11.61 8.01 8.31
CA GLN A 311 -12.76 8.91 8.38
C GLN A 311 -13.90 8.24 9.11
N ASN A 312 -14.47 8.95 10.08
CA ASN A 312 -15.67 8.47 10.76
C ASN A 312 -16.94 8.73 9.97
N THR A 313 -16.88 9.59 8.95
CA THR A 313 -18.04 9.86 8.12
C THR A 313 -17.57 10.27 6.74
N LEU A 314 -18.23 9.73 5.72
CA LEU A 314 -18.00 10.12 4.32
C LEU A 314 -19.37 10.10 3.64
N LYS A 315 -19.98 11.27 3.50
CA LYS A 315 -21.31 11.37 2.91
C LYS A 315 -21.19 11.43 1.40
N LEU A 316 -21.85 10.49 0.72
CA LEU A 316 -21.92 10.46 -0.73
C LEU A 316 -23.25 11.07 -1.19
N ALA A 317 -23.16 12.06 -2.06
CA ALA A 317 -24.36 12.75 -2.55
C ALA A 317 -25.17 11.80 -3.43
N THR A 318 -26.30 11.34 -2.92
CA THR A 318 -27.24 10.56 -3.70
C THR A 318 -28.36 11.42 -4.30
N GLY A 319 -28.31 12.73 -4.08
CA GLY A 319 -29.23 13.65 -4.70
C GLY A 319 -28.50 14.76 -5.40
N MET A 320 -29.16 15.88 -5.65
CA MET A 320 -28.55 17.02 -6.32
C MET A 320 -28.33 18.15 -5.34
N ARG A 321 -27.72 19.23 -5.85
CA ARG A 321 -27.52 20.43 -5.06
C ARG A 321 -28.86 20.92 -4.51
N ASN A 322 -28.88 21.25 -3.22
CA ASN A 322 -30.08 21.75 -2.57
C ASN A 322 -30.08 23.27 -2.60
N VAL A 323 -31.09 23.85 -3.23
CA VAL A 323 -31.25 25.30 -3.30
C VAL A 323 -32.66 25.63 -2.85
N PRO A 324 -32.92 25.71 -1.54
CA PRO A 324 -34.30 25.89 -1.08
C PRO A 324 -34.89 27.20 -1.59
N GLU A 325 -36.21 27.20 -1.75
CA GLU A 325 -36.96 28.37 -2.18
C GLU A 325 -36.46 29.65 -1.52
N ALA A 334 -44.54 34.89 -10.02
CA ALA A 334 -43.11 34.61 -9.93
C ALA A 334 -42.86 33.13 -9.66
N ILE A 335 -42.56 32.38 -10.72
CA ILE A 335 -42.31 30.94 -10.63
C ILE A 335 -40.91 30.64 -11.15
N ALA A 336 -39.96 31.54 -10.87
CA ALA A 336 -38.60 31.41 -11.36
C ALA A 336 -38.10 29.98 -11.24
N GLY A 337 -37.30 29.56 -12.21
CA GLY A 337 -36.88 28.18 -12.35
C GLY A 337 -35.59 27.86 -11.62
N PHE A 338 -34.85 26.90 -12.17
CA PHE A 338 -33.69 26.36 -11.47
C PHE A 338 -32.60 27.40 -11.25
N ILE A 339 -32.45 28.36 -12.17
CA ILE A 339 -31.38 29.34 -12.03
C ILE A 339 -31.52 30.10 -10.72
N GLU A 340 -32.77 30.43 -10.36
CA GLU A 340 -33.01 31.19 -9.13
C GLU A 340 -32.90 30.28 -7.90
N ASN A 341 -33.73 29.26 -7.82
CA ASN A 341 -33.81 28.44 -6.62
C ASN A 341 -34.41 27.09 -6.96
N GLY A 342 -34.25 26.14 -6.04
CA GLY A 342 -34.90 24.85 -6.17
C GLY A 342 -36.37 24.91 -5.78
N TRP A 343 -37.08 23.86 -6.17
CA TRP A 343 -38.53 23.78 -5.95
C TRP A 343 -38.80 22.87 -4.75
N GLU A 344 -39.18 23.49 -3.63
CA GLU A 344 -39.53 22.71 -2.45
C GLU A 344 -40.81 21.90 -2.67
N GLY A 345 -41.77 22.48 -3.38
CA GLY A 345 -43.09 21.89 -3.54
C GLY A 345 -43.22 20.82 -4.60
N MET A 346 -42.14 20.50 -5.30
CA MET A 346 -42.17 19.46 -6.33
C MET A 346 -41.63 18.16 -5.73
N ILE A 347 -42.52 17.20 -5.52
CA ILE A 347 -42.15 15.90 -4.98
C ILE A 347 -42.34 14.77 -5.98
N ASP A 348 -43.05 15.02 -7.08
CA ASP A 348 -43.29 13.96 -8.05
C ASP A 348 -41.99 13.45 -8.65
N GLY A 349 -41.06 14.35 -8.96
CA GLY A 349 -39.79 13.97 -9.53
C GLY A 349 -38.66 14.89 -9.14
N TRP A 350 -37.52 14.75 -9.81
CA TRP A 350 -36.35 15.58 -9.55
C TRP A 350 -36.37 16.88 -10.33
N TYR A 351 -36.71 16.81 -11.61
CA TYR A 351 -36.81 17.98 -12.48
C TYR A 351 -38.23 18.09 -13.00
N GLY A 352 -38.66 19.32 -13.25
CA GLY A 352 -40.04 19.52 -13.68
C GLY A 352 -40.25 20.91 -14.25
N PHE A 353 -41.49 21.14 -14.65
CA PHE A 353 -41.93 22.40 -15.23
C PHE A 353 -43.04 23.00 -14.38
N ARG A 354 -42.99 24.32 -14.21
CA ARG A 354 -44.07 25.10 -13.62
C ARG A 354 -44.52 26.10 -14.66
N HIS A 355 -45.79 26.05 -15.04
CA HIS A 355 -46.31 26.90 -16.10
C HIS A 355 -47.39 27.83 -15.56
N GLN A 356 -47.45 29.02 -16.16
CA GLN A 356 -48.52 29.98 -15.93
C GLN A 356 -49.10 30.37 -17.28
N ASN A 357 -50.38 30.09 -17.47
CA ASN A 357 -51.07 30.43 -18.72
C ASN A 357 -52.46 30.94 -18.37
N SER A 358 -53.25 31.23 -19.42
CA SER A 358 -54.59 31.75 -19.21
C SER A 358 -55.46 30.78 -18.41
N GLU A 359 -55.11 29.50 -18.40
CA GLU A 359 -55.87 28.48 -17.67
C GLU A 359 -55.41 28.32 -16.24
N GLY A 360 -54.45 29.11 -15.78
CA GLY A 360 -53.98 29.06 -14.41
C GLY A 360 -52.64 28.35 -14.28
N THR A 361 -52.04 28.53 -13.11
CA THR A 361 -50.73 27.94 -12.84
C THR A 361 -50.85 26.43 -12.67
N GLY A 362 -49.77 25.74 -13.03
CA GLY A 362 -49.71 24.29 -12.89
C GLY A 362 -48.27 23.84 -12.84
N GLN A 363 -48.10 22.55 -12.54
CA GLN A 363 -46.78 21.96 -12.43
C GLN A 363 -46.82 20.51 -12.90
N ALA A 364 -45.68 20.02 -13.36
CA ALA A 364 -45.57 18.64 -13.81
C ALA A 364 -44.10 18.25 -13.83
N ALA A 365 -43.76 17.17 -13.12
CA ALA A 365 -42.38 16.73 -13.07
C ALA A 365 -41.96 16.08 -14.39
N ASP A 366 -40.68 16.24 -14.73
CA ASP A 366 -40.11 15.63 -15.92
C ASP A 366 -39.56 14.26 -15.53
N LEU A 367 -40.20 13.20 -16.02
CA LEU A 367 -39.81 11.85 -15.65
C LEU A 367 -38.53 11.41 -16.36
N LYS A 368 -38.32 11.85 -17.60
CA LYS A 368 -37.16 11.37 -18.35
C LYS A 368 -35.86 11.83 -17.70
N SER A 369 -35.72 13.13 -17.43
CA SER A 369 -34.50 13.64 -16.83
C SER A 369 -34.35 13.17 -15.40
N THR A 370 -35.45 13.11 -14.65
CA THR A 370 -35.41 12.58 -13.29
C THR A 370 -34.86 11.16 -13.29
N GLN A 371 -35.39 10.31 -14.19
CA GLN A 371 -34.94 8.93 -14.23
C GLN A 371 -33.51 8.81 -14.72
N ALA A 372 -33.10 9.66 -15.66
CA ALA A 372 -31.72 9.65 -16.10
C ALA A 372 -30.78 9.94 -14.92
N ALA A 373 -31.09 11.01 -14.17
CA ALA A 373 -30.25 11.34 -13.02
C ALA A 373 -30.26 10.23 -11.99
N ILE A 374 -31.43 9.67 -11.69
CA ILE A 374 -31.52 8.63 -10.67
C ILE A 374 -30.75 7.39 -11.10
N ASP A 375 -30.88 6.98 -12.37
CA ASP A 375 -30.18 5.80 -12.85
C ASP A 375 -28.67 6.02 -12.81
N GLN A 376 -28.21 7.21 -13.24
CA GLN A 376 -26.78 7.46 -13.19
C GLN A 376 -26.26 7.46 -11.75
N ILE A 377 -27.03 8.02 -10.83
CA ILE A 377 -26.57 8.12 -9.44
C ILE A 377 -26.70 6.79 -8.68
N ASN A 378 -27.54 5.88 -9.16
CA ASN A 378 -27.84 4.68 -8.38
C ASN A 378 -26.60 3.86 -8.10
N GLY A 379 -25.81 3.58 -9.14
CA GLY A 379 -24.66 2.70 -8.98
C GLY A 379 -23.32 3.39 -9.05
N LYS A 380 -23.28 4.70 -8.88
CA LYS A 380 -22.03 5.44 -9.00
C LYS A 380 -20.95 4.83 -8.13
N LEU A 381 -21.29 4.48 -6.89
CA LEU A 381 -20.30 4.03 -5.94
C LEU A 381 -19.85 2.59 -6.24
N ASN A 382 -20.77 1.72 -6.61
CA ASN A 382 -20.49 0.30 -6.71
C ASN A 382 -19.92 -0.11 -8.06
N ARG A 383 -19.80 0.82 -9.01
CA ARG A 383 -19.11 0.54 -10.27
C ARG A 383 -17.68 1.07 -10.27
N VAL A 384 -17.18 1.49 -9.12
CA VAL A 384 -15.77 1.83 -8.95
C VAL A 384 -15.13 1.15 -7.75
N ILE A 385 -15.92 0.66 -6.79
CA ILE A 385 -15.43 -0.14 -5.67
C ILE A 385 -15.92 -1.56 -5.87
N GLU A 386 -14.99 -2.52 -5.78
CA GLU A 386 -15.37 -3.92 -5.85
C GLU A 386 -16.40 -4.23 -4.75
N LYS A 387 -17.21 -5.25 -5.01
CA LYS A 387 -18.34 -5.56 -4.13
C LYS A 387 -17.93 -5.51 -2.67
N THR A 388 -17.03 -6.40 -2.27
CA THR A 388 -16.51 -6.42 -0.89
C THR A 388 -15.20 -7.20 -0.90
N ASN A 389 -14.13 -6.58 -0.42
CA ASN A 389 -12.86 -7.29 -0.27
C ASN A 389 -13.03 -8.31 0.84
N GLU A 390 -13.11 -9.59 0.45
CA GLU A 390 -13.39 -10.68 1.37
C GLU A 390 -12.06 -11.21 1.90
N LYS A 391 -11.67 -10.72 3.07
CA LYS A 391 -10.38 -11.03 3.67
C LYS A 391 -10.61 -11.95 4.86
N PHE A 392 -9.88 -13.05 4.92
CA PHE A 392 -10.14 -14.05 5.95
C PHE A 392 -9.01 -14.16 6.97
N HIS A 393 -7.82 -14.55 6.53
CA HIS A 393 -6.66 -14.53 7.41
C HIS A 393 -5.66 -13.49 6.93
N GLN A 394 -5.21 -12.65 7.86
CA GLN A 394 -4.30 -11.56 7.53
C GLN A 394 -3.38 -11.35 8.73
N ILE A 395 -2.60 -10.26 8.70
CA ILE A 395 -1.57 -10.03 9.71
C ILE A 395 -2.21 -9.64 11.03
N GLU A 396 -1.45 -9.76 12.11
CA GLU A 396 -1.87 -9.21 13.39
C GLU A 396 -1.75 -7.69 13.36
N LYS A 397 -2.79 -7.03 13.84
CA LYS A 397 -2.88 -5.59 13.78
C LYS A 397 -2.86 -4.94 15.16
N GLU A 398 -3.07 -5.72 16.21
CA GLU A 398 -2.95 -5.28 17.59
C GLU A 398 -1.97 -6.20 18.30
N PHE A 399 -1.01 -5.62 19.00
CA PHE A 399 0.04 -6.38 19.66
C PHE A 399 0.10 -6.04 21.14
N SER A 400 0.24 -7.06 21.97
CA SER A 400 0.34 -6.87 23.42
C SER A 400 1.77 -6.82 23.92
N GLU A 401 2.73 -7.33 23.15
CA GLU A 401 4.14 -7.26 23.50
C GLU A 401 4.88 -6.33 22.56
N VAL A 402 6.01 -5.81 23.03
CA VAL A 402 6.89 -4.98 22.22
C VAL A 402 7.93 -5.91 21.62
N GLU A 403 7.66 -6.37 20.39
CA GLU A 403 8.50 -7.37 19.76
C GLU A 403 9.64 -6.72 18.95
N GLY A 404 9.33 -5.67 18.20
CA GLY A 404 10.36 -4.91 17.54
C GLY A 404 10.24 -4.83 16.03
N ARG A 405 11.23 -5.39 15.32
CA ARG A 405 11.35 -5.17 13.88
C ARG A 405 10.15 -5.74 13.13
N ILE A 406 9.79 -6.99 13.41
CA ILE A 406 8.69 -7.62 12.67
C ILE A 406 7.36 -6.97 13.06
N GLN A 407 7.15 -6.72 14.35
CA GLN A 407 5.94 -6.05 14.78
C GLN A 407 5.86 -4.64 14.21
N ASP A 408 6.99 -3.93 14.18
CA ASP A 408 7.02 -2.60 13.59
C ASP A 408 6.70 -2.65 12.11
N LEU A 409 7.20 -3.66 11.40
CA LEU A 409 6.87 -3.81 9.99
C LEU A 409 5.39 -4.10 9.79
N GLU A 410 4.80 -4.95 10.63
CA GLU A 410 3.38 -5.22 10.53
C GLU A 410 2.57 -3.94 10.77
N LYS A 411 2.93 -3.18 11.81
CA LYS A 411 2.23 -1.94 12.10
C LYS A 411 2.38 -0.95 10.95
N TYR A 412 3.58 -0.86 10.37
CA TYR A 412 3.80 0.05 9.25
C TYR A 412 3.00 -0.36 8.03
N VAL A 413 2.94 -1.67 7.74
CA VAL A 413 2.17 -2.13 6.60
C VAL A 413 0.69 -1.80 6.78
N GLU A 414 0.16 -2.06 7.98
CA GLU A 414 -1.24 -1.76 8.22
C GLU A 414 -1.52 -0.26 8.21
N ASP A 415 -0.61 0.54 8.78
CA ASP A 415 -0.82 1.99 8.78
C ASP A 415 -0.76 2.54 7.36
N THR A 416 0.16 2.03 6.54
CA THR A 416 0.21 2.42 5.14
C THR A 416 -1.07 2.04 4.41
N LYS A 417 -1.56 0.82 4.63
CA LYS A 417 -2.80 0.40 4.01
C LYS A 417 -3.95 1.30 4.43
N ILE A 418 -4.04 1.60 5.72
CA ILE A 418 -5.13 2.42 6.24
C ILE A 418 -5.06 3.83 5.65
N ASP A 419 -3.87 4.42 5.62
CA ASP A 419 -3.72 5.76 5.06
C ASP A 419 -4.07 5.78 3.58
N LEU A 420 -3.58 4.80 2.82
CA LEU A 420 -3.86 4.77 1.39
C LEU A 420 -5.34 4.57 1.12
N TRP A 421 -5.99 3.68 1.87
CA TRP A 421 -7.41 3.45 1.64
C TRP A 421 -8.27 4.59 2.17
N SER A 422 -7.81 5.29 3.21
CA SER A 422 -8.52 6.48 3.67
C SER A 422 -8.43 7.60 2.65
N TYR A 423 -7.25 7.79 2.06
CA TYR A 423 -7.13 8.74 0.96
C TYR A 423 -7.99 8.32 -0.22
N ASN A 424 -8.02 7.02 -0.52
CA ASN A 424 -8.86 6.54 -1.61
C ASN A 424 -10.32 6.85 -1.34
N ALA A 425 -10.77 6.61 -0.11
CA ALA A 425 -12.16 6.89 0.24
C ALA A 425 -12.47 8.38 0.15
N GLU A 426 -11.57 9.22 0.67
CA GLU A 426 -11.80 10.67 0.62
C GLU A 426 -11.86 11.16 -0.82
N LEU A 427 -10.86 10.79 -1.62
CA LEU A 427 -10.83 11.21 -3.01
C LEU A 427 -12.03 10.66 -3.77
N LEU A 428 -12.40 9.41 -3.52
CA LEU A 428 -13.54 8.81 -4.21
C LEU A 428 -14.82 9.55 -3.86
N VAL A 429 -15.03 9.84 -2.58
CA VAL A 429 -16.25 10.52 -2.19
C VAL A 429 -16.29 11.92 -2.78
N ALA A 430 -15.17 12.63 -2.74
CA ALA A 430 -15.12 13.97 -3.33
C ALA A 430 -15.40 13.92 -4.83
N LEU A 431 -14.77 12.97 -5.54
CA LEU A 431 -14.95 12.85 -6.97
C LEU A 431 -16.39 12.46 -7.31
N GLU A 432 -16.96 11.52 -6.58
CA GLU A 432 -18.32 11.07 -6.87
C GLU A 432 -19.34 12.14 -6.52
N ASN A 433 -19.10 12.91 -5.46
CA ASN A 433 -20.01 14.02 -5.15
C ASN A 433 -19.91 15.12 -6.19
N GLN A 434 -18.68 15.45 -6.61
CA GLN A 434 -18.52 16.43 -7.68
C GLN A 434 -19.21 15.96 -8.96
N HIS A 435 -19.04 14.68 -9.29
CA HIS A 435 -19.67 14.14 -10.49
C HIS A 435 -21.18 14.12 -10.36
N THR A 436 -21.71 13.78 -9.18
CA THR A 436 -23.15 13.79 -8.97
C THR A 436 -23.72 15.19 -9.11
N ILE A 437 -23.04 16.19 -8.55
CA ILE A 437 -23.54 17.55 -8.62
C ILE A 437 -23.46 18.08 -10.04
N ASP A 438 -22.33 17.85 -10.72
CA ASP A 438 -22.23 18.23 -12.12
C ASP A 438 -23.26 17.48 -12.97
N LEU A 439 -23.54 16.24 -12.60
CA LEU A 439 -24.49 15.41 -13.33
C LEU A 439 -25.91 15.97 -13.21
N THR A 440 -26.30 16.32 -12.00
CA THR A 440 -27.64 16.88 -11.81
C THR A 440 -27.76 18.26 -12.44
N ASP A 441 -26.70 19.08 -12.34
CA ASP A 441 -26.70 20.36 -13.03
C ASP A 441 -26.81 20.17 -14.53
N SER A 442 -26.10 19.17 -15.07
CA SER A 442 -26.15 18.91 -16.50
C SER A 442 -27.51 18.38 -16.93
N GLU A 443 -28.16 17.58 -16.09
CA GLU A 443 -29.51 17.12 -16.42
C GLU A 443 -30.48 18.29 -16.46
N MET A 444 -30.38 19.20 -15.48
CA MET A 444 -31.23 20.38 -15.49
C MET A 444 -30.96 21.24 -16.72
N ASN A 445 -29.68 21.44 -17.05
CA ASN A 445 -29.33 22.25 -18.21
C ASN A 445 -29.76 21.57 -19.51
N LYS A 446 -29.68 20.25 -19.56
CA LYS A 446 -30.12 19.52 -20.76
C LYS A 446 -31.63 19.63 -20.94
N LEU A 447 -32.40 19.55 -19.85
CA LEU A 447 -33.82 19.80 -19.95
C LEU A 447 -34.10 21.22 -20.43
N PHE A 448 -33.34 22.19 -19.90
CA PHE A 448 -33.51 23.57 -20.34
C PHE A 448 -33.20 23.72 -21.83
N GLU A 449 -32.14 23.09 -22.30
CA GLU A 449 -31.77 23.19 -23.71
C GLU A 449 -32.78 22.49 -24.60
N LYS A 450 -33.33 21.35 -24.16
CA LYS A 450 -34.38 20.69 -24.92
C LYS A 450 -35.60 21.60 -25.04
N THR A 451 -35.99 22.24 -23.93
CA THR A 451 -37.15 23.14 -23.98
C THR A 451 -36.87 24.34 -24.87
N ARG A 452 -35.64 24.87 -24.81
CA ARG A 452 -35.26 25.97 -25.69
C ARG A 452 -35.33 25.56 -27.15
N ARG A 453 -34.82 24.36 -27.47
CA ARG A 453 -34.85 23.88 -28.84
C ARG A 453 -36.28 23.70 -29.34
N GLN A 454 -37.15 23.14 -28.50
CA GLN A 454 -38.55 23.01 -28.88
C GLN A 454 -39.16 24.39 -29.13
N LEU A 455 -38.86 25.35 -28.26
CA LEU A 455 -39.32 26.74 -28.43
C LEU A 455 -38.22 27.50 -29.18
N ARG A 456 -38.12 27.22 -30.47
CA ARG A 456 -37.05 27.78 -31.29
C ARG A 456 -37.05 29.30 -31.22
N GLU A 457 -38.10 29.93 -31.74
CA GLU A 457 -38.26 31.37 -31.66
C GLU A 457 -39.56 31.78 -31.01
N ASN A 458 -40.34 30.82 -30.51
CA ASN A 458 -41.62 31.12 -29.88
C ASN A 458 -41.48 31.48 -28.41
N ALA A 459 -40.30 31.32 -27.83
CA ALA A 459 -40.07 31.64 -26.43
C ALA A 459 -38.74 32.36 -26.28
N GLU A 460 -38.63 33.15 -25.21
CA GLU A 460 -37.39 33.83 -24.86
C GLU A 460 -37.03 33.46 -23.43
N ASP A 461 -35.77 33.09 -23.21
CA ASP A 461 -35.31 32.78 -21.86
C ASP A 461 -35.25 34.06 -21.04
N MET A 462 -35.92 34.04 -19.89
CA MET A 462 -35.97 35.21 -19.01
C MET A 462 -34.76 35.31 -18.10
N GLY A 463 -33.89 34.31 -18.08
CA GLY A 463 -32.69 34.35 -17.26
C GLY A 463 -32.82 33.69 -15.90
N ASN A 464 -34.03 33.34 -15.48
CA ASN A 464 -34.26 32.65 -14.21
C ASN A 464 -34.57 31.17 -14.43
N GLY A 465 -33.90 30.55 -15.39
CA GLY A 465 -34.20 29.16 -15.72
C GLY A 465 -35.61 28.98 -16.20
N CYS A 466 -36.11 29.91 -16.99
CA CYS A 466 -37.52 29.94 -17.35
C CYS A 466 -37.67 30.59 -18.72
N PHE A 467 -38.79 30.29 -19.38
CA PHE A 467 -39.08 30.78 -20.71
C PHE A 467 -40.38 31.58 -20.70
N LYS A 468 -40.35 32.72 -21.38
CA LYS A 468 -41.56 33.48 -21.69
C LYS A 468 -41.97 33.09 -23.10
N ILE A 469 -43.06 32.33 -23.21
CA ILE A 469 -43.59 31.88 -24.49
C ILE A 469 -44.56 32.95 -24.97
N TYR A 470 -44.34 33.46 -26.18
CA TYR A 470 -45.04 34.64 -26.66
C TYR A 470 -46.31 34.30 -27.43
N HIS A 471 -46.95 33.17 -27.13
CA HIS A 471 -48.22 32.82 -27.73
C HIS A 471 -49.10 32.18 -26.67
N LYS A 472 -50.41 32.20 -26.91
CA LYS A 472 -51.35 31.56 -26.00
C LYS A 472 -51.01 30.08 -25.86
N CYS A 473 -50.57 29.70 -24.65
CA CYS A 473 -50.08 28.35 -24.38
C CYS A 473 -51.01 27.71 -23.35
N ASP A 474 -52.08 27.07 -23.83
CA ASP A 474 -52.99 26.38 -22.94
C ASP A 474 -52.30 25.17 -22.32
N ASN A 475 -53.01 24.48 -21.42
CA ASN A 475 -52.43 23.32 -20.76
C ASN A 475 -52.05 22.23 -21.76
N ALA A 476 -52.81 22.09 -22.84
CA ALA A 476 -52.44 21.12 -23.87
C ALA A 476 -51.11 21.49 -24.51
N CYS A 477 -50.90 22.77 -24.81
CA CYS A 477 -49.64 23.21 -25.42
C CYS A 477 -48.49 23.03 -24.43
N ILE A 478 -48.72 23.32 -23.15
CA ILE A 478 -47.67 23.10 -22.16
C ILE A 478 -47.32 21.62 -22.06
N GLU A 479 -48.33 20.76 -22.09
CA GLU A 479 -48.07 19.32 -22.07
C GLU A 479 -47.28 18.90 -23.30
N SER A 480 -47.62 19.46 -24.46
CA SER A 480 -46.87 19.16 -25.68
C SER A 480 -45.41 19.58 -25.53
N ILE A 481 -45.16 20.73 -24.93
CA ILE A 481 -43.78 21.17 -24.69
C ILE A 481 -43.10 20.20 -23.74
N ARG A 482 -43.80 19.79 -22.68
CA ARG A 482 -43.18 18.93 -21.67
C ARG A 482 -42.82 17.56 -22.25
N ASN A 483 -43.68 16.99 -23.08
CA ASN A 483 -43.45 15.66 -23.63
C ASN A 483 -42.70 15.68 -24.95
N GLY A 484 -42.28 16.86 -25.43
CA GLY A 484 -41.47 16.97 -26.62
C GLY A 484 -42.23 17.00 -27.92
N THR A 485 -43.56 16.91 -27.89
CA THR A 485 -44.38 16.93 -29.10
C THR A 485 -44.87 18.33 -29.45
N TYR A 486 -44.11 19.37 -29.09
CA TYR A 486 -44.51 20.75 -29.34
C TYR A 486 -44.01 21.17 -30.71
N ASP A 487 -44.92 21.66 -31.56
CA ASP A 487 -44.59 22.13 -32.90
C ASP A 487 -44.53 23.65 -32.87
N HIS A 488 -43.32 24.20 -33.03
CA HIS A 488 -43.15 25.64 -33.00
C HIS A 488 -43.83 26.30 -34.19
N ASP A 489 -43.88 25.64 -35.34
CA ASP A 489 -44.42 26.26 -36.54
C ASP A 489 -45.88 26.65 -36.36
N VAL A 490 -46.62 25.92 -35.53
CA VAL A 490 -48.04 26.23 -35.34
C VAL A 490 -48.22 27.63 -34.79
N TYR A 491 -47.41 28.00 -33.79
CA TYR A 491 -47.54 29.27 -33.10
C TYR A 491 -46.42 30.25 -33.47
N ARG A 492 -45.64 29.95 -34.51
CA ARG A 492 -44.50 30.80 -34.82
C ARG A 492 -44.95 32.21 -35.21
N ASP A 493 -46.01 32.31 -36.02
CA ASP A 493 -46.47 33.63 -36.44
C ASP A 493 -46.91 34.47 -35.24
N GLU A 494 -47.77 33.91 -34.39
CA GLU A 494 -48.24 34.65 -33.23
C GLU A 494 -47.10 35.00 -32.29
N ALA A 495 -46.19 34.05 -32.06
CA ALA A 495 -45.09 34.32 -31.14
C ALA A 495 -44.17 35.41 -31.68
N LEU A 496 -43.86 35.36 -32.98
CA LEU A 496 -43.04 36.41 -33.56
C LEU A 496 -43.73 37.76 -33.49
N ASN A 497 -45.04 37.79 -33.75
CA ASN A 497 -45.78 39.04 -33.66
C ASN A 497 -45.73 39.61 -32.25
N ASN A 498 -45.90 38.75 -31.24
CA ASN A 498 -45.86 39.22 -29.86
C ASN A 498 -44.44 39.60 -29.44
N ARG A 499 -43.43 39.00 -30.07
CA ARG A 499 -42.04 39.29 -29.71
C ARG A 499 -41.56 40.61 -30.30
N PHE A 500 -41.58 40.71 -31.64
CA PHE A 500 -40.95 41.81 -32.35
C PHE A 500 -41.96 42.85 -32.83
N GLN A 501 -43.19 42.81 -32.33
CA GLN A 501 -44.20 43.80 -32.70
C GLN A 501 -45.10 44.12 -31.51
N SER B 9 -27.45 54.36 -32.11
CA SER B 9 -26.12 53.68 -32.18
C SER B 9 -26.15 52.35 -31.44
N THR B 10 -25.06 51.60 -31.54
CA THR B 10 -24.93 50.30 -30.90
C THR B 10 -23.63 50.27 -30.10
N ALA B 11 -23.71 49.72 -28.89
CA ALA B 11 -22.55 49.54 -28.03
C ALA B 11 -22.07 48.10 -28.11
N THR B 12 -20.83 47.89 -27.66
CA THR B 12 -20.20 46.57 -27.70
C THR B 12 -19.65 46.29 -26.30
N LEU B 13 -20.48 45.72 -25.44
CA LEU B 13 -20.04 45.21 -24.15
C LEU B 13 -19.68 43.74 -24.32
N CYS B 14 -18.68 43.29 -23.57
CA CYS B 14 -18.40 41.86 -23.55
C CYS B 14 -17.39 41.52 -22.47
N LEU B 15 -17.05 40.24 -22.41
CA LEU B 15 -16.43 39.62 -21.25
C LEU B 15 -15.07 39.06 -21.59
N GLY B 16 -14.27 38.87 -20.55
CA GLY B 16 -12.96 38.28 -20.71
C GLY B 16 -12.42 37.86 -19.36
N HIS B 17 -11.27 37.21 -19.39
CA HIS B 17 -10.59 36.76 -18.19
C HIS B 17 -9.16 37.26 -18.19
N HIS B 18 -8.61 37.44 -17.00
CA HIS B 18 -7.26 37.97 -16.88
C HIS B 18 -6.25 36.97 -17.44
N ALA B 19 -5.18 37.51 -18.01
CA ALA B 19 -4.06 36.70 -18.49
C ALA B 19 -2.77 37.29 -17.96
N VAL B 20 -1.79 36.42 -17.75
CA VAL B 20 -0.47 36.83 -17.28
C VAL B 20 0.51 36.65 -18.44
N PRO B 21 1.57 37.46 -18.53
CA PRO B 21 2.53 37.27 -19.62
C PRO B 21 3.43 36.08 -19.37
N ASN B 22 3.71 35.80 -18.10
CA ASN B 22 4.55 34.68 -17.69
C ASN B 22 3.64 33.61 -17.08
N GLY B 23 3.11 32.74 -17.94
CA GLY B 23 2.31 31.63 -17.48
C GLY B 23 3.15 30.48 -16.98
N THR B 24 2.48 29.50 -16.38
CA THR B 24 3.13 28.31 -15.82
C THR B 24 2.43 27.07 -16.34
N LEU B 25 3.23 26.07 -16.72
CA LEU B 25 2.69 24.86 -17.32
C LEU B 25 2.32 23.85 -16.24
N VAL B 26 1.14 23.26 -16.36
CA VAL B 26 0.65 22.24 -15.44
C VAL B 26 0.14 21.06 -16.25
N LYS B 27 0.00 19.92 -15.58
CA LYS B 27 -0.47 18.70 -16.21
C LYS B 27 -1.90 18.42 -15.73
N THR B 28 -2.79 18.16 -16.69
CA THR B 28 -4.18 17.83 -16.41
C THR B 28 -4.48 16.42 -16.90
N ILE B 29 -5.72 16.00 -16.72
CA ILE B 29 -6.16 14.70 -17.22
C ILE B 29 -6.19 14.70 -18.74
N THR B 30 -6.60 15.82 -19.34
CA THR B 30 -6.82 15.90 -20.78
C THR B 30 -5.63 16.46 -21.54
N ASP B 31 -4.87 17.37 -20.96
CA ASP B 31 -3.77 18.02 -21.64
C ASP B 31 -2.45 17.70 -20.95
N ASP B 32 -1.44 17.36 -21.76
CA ASP B 32 -0.14 16.98 -21.21
C ASP B 32 0.50 18.14 -20.45
N GLN B 33 0.57 19.31 -21.09
CA GLN B 33 1.14 20.50 -20.48
C GLN B 33 0.34 21.70 -20.97
N ILE B 34 -0.44 22.29 -20.06
CA ILE B 34 -1.32 23.42 -20.37
C ILE B 34 -0.87 24.62 -19.55
N GLU B 35 -0.80 25.77 -20.20
CA GLU B 35 -0.36 26.99 -19.53
C GLU B 35 -1.51 27.60 -18.74
N VAL B 36 -1.25 27.94 -17.48
CA VAL B 36 -2.22 28.56 -16.61
C VAL B 36 -1.60 29.82 -16.02
N THR B 37 -2.47 30.71 -15.55
CA THR B 37 -2.01 31.99 -15.03
C THR B 37 -1.12 31.80 -13.80
N ASN B 38 -1.51 30.91 -12.89
CA ASN B 38 -0.74 30.67 -11.68
C ASN B 38 -0.75 29.18 -11.35
N ALA B 39 0.32 28.74 -10.70
CA ALA B 39 0.41 27.37 -10.21
C ALA B 39 1.34 27.35 -9.01
N THR B 40 1.17 26.34 -8.17
CA THR B 40 1.99 26.18 -6.96
C THR B 40 2.62 24.81 -6.96
N GLU B 41 3.90 24.76 -6.59
CA GLU B 41 4.61 23.50 -6.46
C GLU B 41 4.07 22.75 -5.25
N LEU B 42 3.62 21.52 -5.46
CA LEU B 42 3.08 20.69 -4.38
C LEU B 42 4.08 19.71 -3.81
N VAL B 43 5.32 19.72 -4.30
CA VAL B 43 6.37 18.83 -3.82
C VAL B 43 7.44 19.67 -3.15
N GLN B 44 7.77 19.34 -1.90
CA GLN B 44 8.89 19.95 -1.20
C GLN B 44 10.15 19.22 -1.64
N SER B 45 10.85 19.78 -2.62
CA SER B 45 12.01 19.14 -3.21
C SER B 45 13.32 19.56 -2.55
N SER B 46 13.28 20.49 -1.60
CA SER B 46 14.49 21.03 -0.99
C SER B 46 14.35 21.03 0.52
N SER B 47 15.50 21.00 1.19
CA SER B 47 15.58 21.06 2.64
C SER B 47 16.60 22.11 3.05
N THR B 48 16.43 22.65 4.26
CA THR B 48 17.37 23.62 4.77
C THR B 48 18.71 22.99 5.18
N GLY B 49 18.80 21.66 5.19
CA GLY B 49 20.02 20.98 5.53
C GLY B 49 20.29 20.84 7.01
N LYS B 50 19.37 21.31 7.86
CA LYS B 50 19.53 21.29 9.29
C LYS B 50 18.27 20.74 9.93
N ILE B 51 18.43 20.09 11.07
CA ILE B 51 17.31 19.55 11.83
C ILE B 51 16.90 20.59 12.87
N CYS B 52 15.64 20.99 12.82
CA CYS B 52 15.12 21.95 13.80
C CYS B 52 14.91 21.26 15.14
N ASN B 53 15.37 21.90 16.21
CA ASN B 53 15.23 21.35 17.54
C ASN B 53 13.84 21.53 18.13
N ASN B 54 12.94 22.22 17.42
CA ASN B 54 11.56 22.39 17.83
C ASN B 54 10.64 21.98 16.70
N PRO B 55 9.42 21.53 17.00
CA PRO B 55 8.85 21.36 18.34
C PRO B 55 9.24 20.03 18.98
N HIS B 56 9.88 19.16 18.22
CA HIS B 56 10.28 17.86 18.72
C HIS B 56 11.60 17.97 19.48
N ARG B 57 11.70 17.22 20.57
CA ARG B 57 12.91 17.19 21.38
C ARG B 57 13.92 16.27 20.69
N ILE B 58 14.89 16.87 20.01
CA ILE B 58 15.87 16.12 19.24
C ILE B 58 17.07 15.86 20.12
N LEU B 59 17.44 14.59 20.25
CA LEU B 59 18.64 14.18 20.98
C LEU B 59 19.69 13.78 19.95
N ASP B 60 20.75 14.58 19.85
CA ASP B 60 21.83 14.31 18.91
C ASP B 60 22.79 13.30 19.52
N GLY B 61 22.92 12.14 18.87
CA GLY B 61 23.92 11.16 19.25
C GLY B 61 25.26 11.46 18.61
N ILE B 62 26.00 12.44 19.14
CA ILE B 62 27.14 13.00 18.43
C ILE B 62 28.06 11.90 17.96
N ASP B 63 28.65 11.17 18.91
CA ASP B 63 29.55 10.05 18.61
C ASP B 63 28.99 8.74 19.15
N CYS B 64 27.69 8.69 19.42
CA CYS B 64 27.07 7.60 20.15
C CYS B 64 25.95 6.98 19.32
N THR B 65 25.93 5.65 19.28
CA THR B 65 24.80 4.91 18.79
C THR B 65 23.73 4.82 19.88
N LEU B 66 22.48 4.60 19.48
CA LEU B 66 21.42 4.49 20.46
C LEU B 66 21.69 3.32 21.41
N ILE B 67 22.15 2.20 20.87
CA ILE B 67 22.48 1.06 21.73
C ILE B 67 23.71 1.36 22.56
N ASP B 68 24.65 2.15 22.04
CA ASP B 68 25.80 2.53 22.84
C ASP B 68 25.38 3.36 24.05
N ALA B 69 24.46 4.31 23.85
CA ALA B 69 23.94 5.09 24.98
C ALA B 69 23.11 4.22 25.91
N LEU B 70 22.37 3.25 25.35
CA LEU B 70 21.58 2.35 26.17
C LEU B 70 22.47 1.53 27.09
N LEU B 71 23.49 0.88 26.55
CA LEU B 71 24.36 0.03 27.36
C LEU B 71 25.16 0.85 28.36
N GLY B 72 25.46 2.10 28.04
CA GLY B 72 26.28 2.91 28.92
C GLY B 72 27.73 2.94 28.49
N ASP B 73 27.97 3.21 27.22
CA ASP B 73 29.33 3.33 26.73
C ASP B 73 30.05 4.43 27.50
N PRO B 74 31.32 4.25 27.87
CA PRO B 74 32.01 5.30 28.64
C PRO B 74 31.98 6.66 27.95
N HIS B 75 31.98 6.70 26.62
CA HIS B 75 31.86 7.94 25.90
C HIS B 75 30.40 8.30 25.60
N CYS B 76 29.45 7.54 26.14
CA CYS B 76 28.02 7.80 25.99
C CYS B 76 27.35 8.01 27.33
N ASP B 77 28.11 8.45 28.34
CA ASP B 77 27.54 8.70 29.66
C ASP B 77 26.76 10.00 29.72
N VAL B 78 26.94 10.89 28.73
CA VAL B 78 26.14 12.11 28.68
C VAL B 78 24.71 11.82 28.28
N PHE B 79 24.44 10.63 27.74
CA PHE B 79 23.11 10.24 27.29
C PHE B 79 22.36 9.42 28.33
N GLN B 80 22.83 9.43 29.58
CA GLN B 80 22.18 8.67 30.64
C GLN B 80 20.92 9.40 31.09
N ASN B 81 19.83 8.64 31.25
CA ASN B 81 18.53 9.19 31.63
C ASN B 81 18.02 10.19 30.60
N GLU B 82 18.46 10.06 29.36
CA GLU B 82 18.06 11.00 28.32
C GLU B 82 16.70 10.62 27.74
N THR B 83 15.98 11.64 27.32
CA THR B 83 14.70 11.48 26.63
C THR B 83 14.78 12.22 25.30
N TRP B 84 14.03 11.72 24.33
CA TRP B 84 14.03 12.33 23.01
C TRP B 84 12.69 12.09 22.34
N ASP B 85 12.37 12.98 21.39
CA ASP B 85 11.33 12.71 20.42
C ASP B 85 11.91 12.11 19.15
N LEU B 86 13.14 12.52 18.79
CA LEU B 86 13.88 11.88 17.71
C LEU B 86 15.33 11.79 18.12
N PHE B 87 15.86 10.58 18.17
CA PHE B 87 17.27 10.35 18.38
C PHE B 87 17.97 10.38 17.03
N VAL B 88 18.98 11.23 16.89
CA VAL B 88 19.70 11.41 15.64
C VAL B 88 21.01 10.67 15.74
N GLU B 89 21.18 9.64 14.91
CA GLU B 89 22.39 8.83 14.89
C GLU B 89 23.30 9.34 13.78
N ARG B 90 24.44 9.90 14.16
CA ARG B 90 25.40 10.38 13.19
C ARG B 90 26.20 9.22 12.61
N SER B 91 26.64 9.39 11.35
CA SER B 91 27.45 8.37 10.72
C SER B 91 28.81 8.24 11.37
N LYS B 92 29.25 9.25 12.12
CA LYS B 92 30.50 9.18 12.86
C LYS B 92 30.37 8.46 14.19
N ALA B 93 29.15 8.06 14.57
CA ALA B 93 28.96 7.32 15.80
C ALA B 93 29.79 6.05 15.79
N PHE B 94 30.48 5.79 16.91
CA PHE B 94 31.35 4.64 17.02
C PHE B 94 31.24 4.08 18.44
N SER B 95 31.65 2.82 18.58
CA SER B 95 31.69 2.15 19.88
C SER B 95 33.12 2.15 20.39
N ASN B 96 33.29 2.57 21.65
CA ASN B 96 34.61 2.61 22.28
C ASN B 96 34.62 1.79 23.56
N CYS B 97 33.80 0.74 23.61
CA CYS B 97 33.66 -0.08 24.80
C CYS B 97 33.89 -1.54 24.43
N TYR B 98 33.53 -2.45 25.33
CA TYR B 98 33.76 -3.86 25.09
C TYR B 98 33.06 -4.27 23.80
N PRO B 99 33.74 -4.94 22.87
CA PRO B 99 33.07 -5.34 21.63
C PRO B 99 31.86 -6.22 21.94
N TYR B 100 30.76 -5.93 21.26
CA TYR B 100 29.50 -6.59 21.54
C TYR B 100 28.71 -6.71 20.26
N ASP B 101 27.78 -7.67 20.25
CA ASP B 101 26.80 -7.81 19.20
C ASP B 101 25.43 -7.96 19.83
N VAL B 102 24.42 -7.45 19.15
CA VAL B 102 23.05 -7.56 19.64
C VAL B 102 22.30 -8.48 18.70
N PRO B 103 22.14 -9.77 19.02
CA PRO B 103 21.28 -10.62 18.20
C PRO B 103 19.90 -10.01 18.08
N ASP B 104 19.46 -9.76 16.84
CA ASP B 104 18.23 -9.00 16.60
C ASP B 104 18.43 -7.55 17.03
N TYR B 105 19.56 -6.98 16.57
CA TYR B 105 19.94 -5.61 16.95
C TYR B 105 18.88 -4.60 16.52
N ALA B 106 18.36 -4.77 15.30
CA ALA B 106 17.40 -3.80 14.78
C ALA B 106 16.18 -3.69 15.67
N SER B 107 15.72 -4.81 16.21
CA SER B 107 14.55 -4.77 17.09
C SER B 107 14.83 -4.00 18.37
N LEU B 108 15.99 -4.23 18.98
CA LEU B 108 16.33 -3.48 20.19
C LEU B 108 16.45 -2.00 19.90
N ARG B 109 17.11 -1.64 18.81
CA ARG B 109 17.22 -0.23 18.43
C ARG B 109 15.84 0.37 18.21
N SER B 110 14.97 -0.35 17.51
CA SER B 110 13.63 0.16 17.23
C SER B 110 12.83 0.36 18.50
N LEU B 111 12.87 -0.60 19.42
CA LEU B 111 12.03 -0.48 20.61
C LEU B 111 12.60 0.53 21.61
N VAL B 112 13.91 0.69 21.65
CA VAL B 112 14.49 1.73 22.50
C VAL B 112 14.20 3.10 21.93
N ALA B 113 14.25 3.24 20.60
CA ALA B 113 13.88 4.51 19.97
C ALA B 113 12.41 4.83 20.21
N SER B 114 11.53 3.85 20.05
CA SER B 114 10.12 4.07 20.30
C SER B 114 9.87 4.43 21.75
N SER B 115 10.57 3.76 22.67
CA SER B 115 10.44 4.12 24.08
C SER B 115 10.75 5.59 24.29
N GLY B 116 11.75 6.12 23.58
CA GLY B 116 12.02 7.54 23.64
C GLY B 116 12.68 8.01 24.90
N THR B 117 13.19 7.10 25.73
CA THR B 117 13.81 7.49 26.98
C THR B 117 14.89 6.48 27.34
N LEU B 118 15.98 6.98 27.91
CA LEU B 118 17.01 6.15 28.51
C LEU B 118 16.94 6.18 30.04
N GLU B 119 15.80 6.61 30.59
CA GLU B 119 15.61 6.60 32.03
C GLU B 119 15.87 5.21 32.58
N PHE B 120 16.89 5.10 33.41
CA PHE B 120 17.36 3.82 33.93
C PHE B 120 17.26 3.84 35.45
N ILE B 121 16.49 2.91 36.00
CA ILE B 121 16.35 2.75 37.43
C ILE B 121 17.24 1.58 37.85
N THR B 122 18.22 1.87 38.69
CA THR B 122 19.07 0.83 39.26
C THR B 122 18.27 0.00 40.26
N GLU B 123 18.45 -1.32 40.20
CA GLU B 123 17.71 -2.23 41.05
C GLU B 123 18.67 -3.03 41.92
N GLY B 124 18.21 -3.37 43.11
CA GLY B 124 19.06 -4.06 44.08
C GLY B 124 19.28 -5.52 43.75
N PHE B 125 19.81 -5.80 42.56
CA PHE B 125 20.19 -7.16 42.22
C PHE B 125 21.26 -7.66 43.18
N THR B 126 21.06 -8.86 43.70
CA THR B 126 21.98 -9.47 44.66
C THR B 126 22.70 -10.62 43.97
N TRP B 127 24.01 -10.45 43.74
CA TRP B 127 24.85 -11.47 43.13
C TRP B 127 25.78 -12.00 44.21
N THR B 128 25.45 -13.17 44.75
CA THR B 128 26.21 -13.77 45.83
C THR B 128 27.22 -14.76 45.28
N GLY B 129 28.45 -14.67 45.75
CA GLY B 129 29.50 -15.58 45.35
C GLY B 129 30.19 -15.24 44.05
N VAL B 130 29.96 -14.05 43.50
CA VAL B 130 30.63 -13.61 42.29
C VAL B 130 31.12 -12.19 42.48
N THR B 131 32.18 -11.83 41.76
CA THR B 131 32.75 -10.50 41.79
C THR B 131 32.02 -9.63 40.77
N GLN B 132 31.53 -8.48 41.22
CA GLN B 132 30.75 -7.58 40.39
C GLN B 132 31.66 -6.50 39.81
N ASN B 133 31.06 -5.66 38.96
CA ASN B 133 31.75 -4.51 38.38
C ASN B 133 32.99 -4.92 37.61
N GLY B 134 32.95 -6.08 36.96
CA GLY B 134 34.04 -6.51 36.11
C GLY B 134 34.31 -5.50 35.02
N GLY B 135 35.57 -5.13 34.83
CA GLY B 135 35.95 -4.11 33.88
C GLY B 135 36.81 -4.67 32.75
N SER B 136 37.20 -3.75 31.86
CA SER B 136 38.08 -4.08 30.75
C SER B 136 38.80 -2.82 30.33
N ASN B 137 39.89 -2.99 29.58
CA ASN B 137 40.63 -1.88 29.03
C ASN B 137 40.14 -1.47 27.65
N ALA B 138 39.23 -2.24 27.06
CA ALA B 138 38.48 -1.74 25.91
C ALA B 138 37.48 -0.70 26.35
N CYS B 139 36.88 -0.88 27.52
CA CYS B 139 36.01 0.11 28.14
C CYS B 139 36.82 0.82 29.21
N LYS B 140 37.40 1.96 28.87
CA LYS B 140 38.19 2.73 29.81
C LYS B 140 37.35 3.93 30.26
N ARG B 141 36.83 3.84 31.49
CA ARG B 141 35.94 4.89 31.98
C ARG B 141 36.73 6.16 32.27
N GLY B 142 37.87 6.02 32.92
CA GLY B 142 38.76 7.12 33.19
C GLY B 142 40.21 6.68 32.97
N PRO B 143 41.07 6.90 33.97
CA PRO B 143 42.40 6.30 33.91
C PRO B 143 42.40 4.90 34.51
N GLY B 144 41.78 3.96 33.80
CA GLY B 144 41.69 2.60 34.28
C GLY B 144 40.63 1.83 33.52
N SER B 145 40.58 0.53 33.79
CA SER B 145 39.62 -0.33 33.13
C SER B 145 38.19 0.03 33.54
N GLY B 146 37.26 -0.16 32.62
CA GLY B 146 35.85 0.06 32.90
C GLY B 146 34.95 -0.91 32.16
N PHE B 147 33.68 -0.58 32.06
CA PHE B 147 32.69 -1.43 31.39
C PHE B 147 31.45 -0.59 31.15
N PHE B 148 30.46 -1.18 30.49
CA PHE B 148 29.18 -0.51 30.29
C PHE B 148 28.59 -0.12 31.65
N SER B 149 28.16 1.14 31.75
CA SER B 149 27.65 1.63 33.03
C SER B 149 26.31 1.00 33.39
N ARG B 150 25.58 0.46 32.42
CA ARG B 150 24.27 -0.13 32.65
C ARG B 150 24.32 -1.65 32.71
N LEU B 151 25.51 -2.24 32.67
CA LEU B 151 25.68 -3.69 32.72
C LEU B 151 26.72 -4.03 33.78
N ASN B 152 26.46 -5.11 34.50
CA ASN B 152 27.34 -5.60 35.57
C ASN B 152 28.04 -6.86 35.07
N TRP B 153 29.36 -6.78 34.92
CA TRP B 153 30.14 -7.94 34.49
C TRP B 153 30.49 -8.75 35.72
N LEU B 154 29.74 -9.81 35.97
CA LEU B 154 29.96 -10.68 37.11
C LEU B 154 30.95 -11.77 36.77
N THR B 155 31.90 -12.01 37.67
CA THR B 155 32.90 -13.04 37.49
C THR B 155 33.04 -13.83 38.79
N LYS B 156 33.78 -14.93 38.73
CA LYS B 156 33.94 -15.78 39.89
C LYS B 156 34.55 -15.00 41.05
N SER B 157 34.02 -15.21 42.24
CA SER B 157 34.54 -14.61 43.47
C SER B 157 35.47 -15.62 44.13
N GLY B 158 36.78 -15.35 44.09
CA GLY B 158 37.74 -16.28 44.63
C GLY B 158 38.12 -17.36 43.65
N SER B 159 37.55 -18.55 43.82
CA SER B 159 37.82 -19.66 42.92
C SER B 159 36.55 -20.44 42.60
N THR B 160 35.40 -19.78 42.66
CA THR B 160 34.13 -20.44 42.39
C THR B 160 33.14 -19.41 41.87
N TYR B 161 32.33 -19.84 40.89
CA TYR B 161 31.25 -19.03 40.32
C TYR B 161 29.96 -19.79 40.53
N PRO B 162 29.24 -19.54 41.61
CA PRO B 162 28.03 -20.33 41.88
C PRO B 162 26.95 -20.07 40.85
N VAL B 163 25.89 -20.86 40.94
CA VAL B 163 24.75 -20.70 40.04
C VAL B 163 23.94 -19.51 40.50
N LEU B 164 24.21 -18.34 39.93
CA LEU B 164 23.41 -17.16 40.25
C LEU B 164 21.95 -17.43 39.91
N ASN B 165 21.06 -17.09 40.84
CA ASN B 165 19.63 -17.32 40.66
C ASN B 165 18.91 -16.18 41.39
N VAL B 166 18.61 -15.12 40.64
CA VAL B 166 18.05 -13.91 41.22
C VAL B 166 16.68 -13.66 40.62
N THR B 167 15.82 -13.01 41.40
CA THR B 167 14.49 -12.65 40.98
C THR B 167 14.28 -11.15 41.20
N MET B 168 13.50 -10.55 40.31
CA MET B 168 13.18 -9.13 40.38
C MET B 168 11.73 -8.98 39.94
N PRO B 169 10.80 -8.82 40.88
CA PRO B 169 9.39 -8.64 40.48
C PRO B 169 9.15 -7.25 39.91
N ASN B 170 8.22 -7.18 38.96
CA ASN B 170 7.79 -5.90 38.39
C ASN B 170 6.51 -5.49 39.10
N ASN B 171 6.68 -4.95 40.31
CA ASN B 171 5.56 -4.48 41.11
C ASN B 171 5.05 -3.12 40.67
N ASP B 172 5.72 -2.48 39.73
CA ASP B 172 5.29 -1.18 39.22
C ASP B 172 4.19 -1.38 38.19
N ASN B 173 3.75 -0.30 37.56
CA ASN B 173 2.67 -0.33 36.58
C ASN B 173 3.16 0.00 35.17
N PHE B 174 4.42 -0.30 34.89
CA PHE B 174 5.00 -0.03 33.57
C PHE B 174 5.92 -1.18 33.19
N ASP B 175 6.17 -1.30 31.89
CA ASP B 175 7.11 -2.30 31.40
C ASP B 175 8.53 -1.94 31.81
N LYS B 176 9.29 -2.95 32.25
CA LYS B 176 10.69 -2.79 32.61
C LYS B 176 11.54 -3.45 31.53
N LEU B 177 12.41 -2.67 30.91
CA LEU B 177 13.34 -3.20 29.92
C LEU B 177 14.66 -3.51 30.60
N TYR B 178 15.00 -4.80 30.65
CA TYR B 178 16.25 -5.25 31.25
C TYR B 178 17.20 -5.60 30.12
N ILE B 179 18.27 -4.84 29.99
CA ILE B 179 19.31 -5.13 29.01
C ILE B 179 20.40 -5.92 29.74
N TRP B 180 20.51 -7.20 29.40
CA TRP B 180 21.53 -8.08 29.95
C TRP B 180 22.41 -8.55 28.81
N GLY B 181 23.50 -9.23 29.16
CA GLY B 181 24.43 -9.70 28.15
C GLY B 181 25.02 -11.03 28.53
N VAL B 182 25.58 -11.69 27.52
CA VAL B 182 26.24 -12.98 27.69
C VAL B 182 27.66 -12.81 27.17
N HIS B 183 28.63 -13.12 28.02
CA HIS B 183 30.03 -13.00 27.62
C HIS B 183 30.45 -14.20 26.79
N HIS B 184 31.14 -13.92 25.68
CA HIS B 184 31.70 -14.94 24.80
C HIS B 184 33.21 -14.83 24.89
N PRO B 185 33.86 -15.60 25.75
CA PRO B 185 35.32 -15.56 25.83
C PRO B 185 35.97 -16.15 24.58
N SER B 186 37.20 -15.72 24.34
CA SER B 186 37.93 -16.18 23.16
C SER B 186 38.46 -17.60 23.33
N THR B 187 38.83 -17.98 24.54
CA THR B 187 39.46 -19.27 24.79
C THR B 187 38.83 -19.92 26.02
N ASN B 188 38.94 -21.25 26.08
CA ASN B 188 38.47 -21.97 27.26
C ASN B 188 39.22 -21.54 28.51
N GLN B 189 40.48 -21.13 28.37
CA GLN B 189 41.23 -20.64 29.51
C GLN B 189 40.56 -19.40 30.10
N GLU B 190 40.16 -18.46 29.24
CA GLU B 190 39.45 -17.28 29.72
C GLU B 190 38.10 -17.66 30.32
N GLN B 191 37.39 -18.61 29.69
CA GLN B 191 36.10 -19.04 30.22
C GLN B 191 36.24 -19.58 31.63
N THR B 192 37.25 -20.41 31.88
CA THR B 192 37.43 -20.99 33.20
C THR B 192 37.96 -19.95 34.19
N SER B 193 38.85 -19.06 33.75
CA SER B 193 39.38 -18.05 34.65
C SER B 193 38.29 -17.10 35.11
N LEU B 194 37.44 -16.65 34.20
CA LEU B 194 36.34 -15.77 34.58
C LEU B 194 35.21 -16.56 35.24
N TYR B 195 34.94 -17.77 34.75
CA TYR B 195 33.79 -18.55 35.18
C TYR B 195 34.24 -19.99 35.32
N VAL B 196 34.40 -20.46 36.56
CA VAL B 196 34.98 -21.78 36.79
C VAL B 196 34.32 -22.84 35.91
N GLN B 197 33.05 -22.65 35.56
CA GLN B 197 32.38 -23.59 34.68
C GLN B 197 33.00 -23.55 33.29
N ALA B 198 33.25 -24.73 32.72
CA ALA B 198 33.83 -24.81 31.38
C ALA B 198 32.85 -24.34 30.31
N SER B 199 31.56 -24.33 30.60
CA SER B 199 30.56 -23.88 29.65
C SER B 199 29.45 -23.20 30.44
N GLY B 200 29.34 -21.88 30.30
CA GLY B 200 28.35 -21.12 31.01
C GLY B 200 26.95 -21.30 30.42
N ARG B 201 26.02 -20.54 30.97
CA ARG B 201 24.64 -20.54 30.52
C ARG B 201 23.93 -19.39 31.21
N VAL B 202 23.09 -18.67 30.45
CA VAL B 202 22.37 -17.52 30.98
C VAL B 202 20.92 -17.67 30.54
N THR B 203 20.04 -18.01 31.49
CA THR B 203 18.61 -18.11 31.25
C THR B 203 17.94 -16.94 31.94
N VAL B 204 17.48 -15.96 31.18
CA VAL B 204 16.73 -14.84 31.70
C VAL B 204 15.30 -15.01 31.21
N SER B 205 14.36 -15.09 32.15
CA SER B 205 13.01 -15.51 31.82
C SER B 205 12.00 -14.73 32.64
N THR B 206 10.78 -14.69 32.14
CA THR B 206 9.62 -14.17 32.84
C THR B 206 8.58 -15.28 32.97
N ARG B 207 7.43 -14.94 33.56
CA ARG B 207 6.38 -15.93 33.74
C ARG B 207 5.84 -16.41 32.41
N ARG B 208 6.12 -15.70 31.32
CA ARG B 208 5.57 -16.02 30.01
C ARG B 208 6.65 -16.19 28.96
N SER B 209 7.78 -15.51 29.14
CA SER B 209 8.88 -15.51 28.18
C SER B 209 10.08 -16.25 28.74
N GLN B 210 11.08 -16.43 27.89
CA GLN B 210 12.29 -17.16 28.26
C GLN B 210 13.36 -16.90 27.21
N GLN B 211 14.61 -16.74 27.65
CA GLN B 211 15.74 -16.58 26.74
C GLN B 211 16.93 -17.29 27.37
N THR B 212 17.35 -18.39 26.78
CA THR B 212 18.54 -19.10 27.22
C THR B 212 19.65 -18.87 26.19
N ILE B 213 20.81 -18.45 26.68
CA ILE B 213 21.98 -18.22 25.84
C ILE B 213 23.11 -19.09 26.37
N ILE B 214 23.71 -19.88 25.48
CA ILE B 214 24.92 -20.63 25.78
C ILE B 214 26.11 -19.83 25.27
N PRO B 215 27.03 -19.41 26.14
CA PRO B 215 28.18 -18.63 25.65
C PRO B 215 29.01 -19.43 24.66
N ASN B 216 29.56 -18.71 23.69
CA ASN B 216 30.37 -19.30 22.63
C ASN B 216 31.84 -19.03 22.92
N ILE B 217 32.57 -20.08 23.29
CA ILE B 217 33.99 -19.96 23.63
C ILE B 217 34.76 -20.20 22.34
N GLY B 218 34.96 -19.14 21.58
CA GLY B 218 35.70 -19.22 20.34
C GLY B 218 36.37 -17.91 20.03
N SER B 219 37.52 -17.98 19.34
CA SER B 219 38.25 -16.79 18.96
C SER B 219 37.51 -16.05 17.85
N ARG B 220 37.86 -14.79 17.68
CA ARG B 220 37.17 -13.92 16.73
C ARG B 220 37.94 -12.62 16.57
N PRO B 221 37.59 -11.77 15.60
CA PRO B 221 38.44 -10.62 15.30
C PRO B 221 38.68 -9.73 16.50
N TRP B 222 39.89 -9.20 16.61
CA TRP B 222 40.22 -8.27 17.68
C TRP B 222 39.51 -6.96 17.44
N VAL B 223 38.75 -6.51 18.44
CA VAL B 223 38.07 -5.23 18.41
C VAL B 223 38.44 -4.51 19.70
N ARG B 224 39.23 -3.44 19.59
CA ARG B 224 39.74 -2.73 20.76
C ARG B 224 40.54 -3.66 21.66
N GLY B 225 41.27 -4.59 21.05
CA GLY B 225 42.17 -5.45 21.77
C GLY B 225 41.56 -6.70 22.36
N LEU B 226 40.33 -7.05 21.97
CA LEU B 226 39.64 -8.20 22.53
C LEU B 226 39.08 -9.07 21.43
N SER B 227 39.32 -10.37 21.53
CA SER B 227 38.64 -11.37 20.72
C SER B 227 37.48 -12.03 21.47
N SER B 228 37.05 -11.43 22.58
CA SER B 228 35.83 -11.82 23.27
C SER B 228 34.72 -10.85 22.91
N ARG B 229 33.47 -11.28 23.13
CA ARG B 229 32.32 -10.47 22.77
C ARG B 229 31.31 -10.46 23.90
N ILE B 230 30.32 -9.58 23.76
CA ILE B 230 29.15 -9.56 24.61
C ILE B 230 27.93 -9.63 23.68
N SER B 231 27.13 -10.68 23.82
CA SER B 231 25.87 -10.77 23.11
C SER B 231 24.80 -10.12 23.97
N ILE B 232 24.23 -9.03 23.48
CA ILE B 232 23.29 -8.22 24.25
C ILE B 232 21.88 -8.69 23.96
N TYR B 233 21.15 -9.00 25.02
CA TYR B 233 19.75 -9.41 24.94
C TYR B 233 18.93 -8.51 25.85
N TRP B 234 17.64 -8.42 25.58
CA TRP B 234 16.73 -7.61 26.36
C TRP B 234 15.50 -8.43 26.74
N THR B 235 15.01 -8.18 27.94
CA THR B 235 13.79 -8.80 28.44
C THR B 235 12.83 -7.69 28.87
N ILE B 236 11.61 -7.74 28.37
CA ILE B 236 10.57 -6.78 28.75
C ILE B 236 9.68 -7.45 29.77
N VAL B 237 9.65 -6.89 30.98
CA VAL B 237 8.88 -7.42 32.10
C VAL B 237 7.68 -6.52 32.26
N LYS B 238 6.51 -6.99 31.83
CA LYS B 238 5.29 -6.22 31.98
C LYS B 238 4.83 -6.23 33.44
N PRO B 239 3.98 -5.28 33.82
CA PRO B 239 3.60 -5.17 35.24
C PRO B 239 3.01 -6.47 35.76
N GLY B 240 3.35 -6.80 37.01
CA GLY B 240 2.96 -8.03 37.63
C GLY B 240 3.90 -9.18 37.34
N ASP B 241 4.57 -9.15 36.19
CA ASP B 241 5.52 -10.19 35.84
C ASP B 241 6.79 -10.05 36.67
N VAL B 242 7.61 -11.10 36.65
CA VAL B 242 8.84 -11.17 37.42
C VAL B 242 9.95 -11.66 36.51
N LEU B 243 11.14 -11.09 36.68
CA LEU B 243 12.32 -11.47 35.91
C LEU B 243 13.20 -12.37 36.76
N VAL B 244 13.46 -13.58 36.28
CA VAL B 244 14.38 -14.49 36.93
C VAL B 244 15.61 -14.65 36.04
N ILE B 245 16.78 -14.38 36.61
CA ILE B 245 18.06 -14.56 35.93
C ILE B 245 18.76 -15.73 36.60
N ASN B 246 19.00 -16.79 35.83
CA ASN B 246 19.72 -17.97 36.30
C ASN B 246 20.95 -18.14 35.43
N SER B 247 22.13 -17.98 36.01
CA SER B 247 23.38 -18.01 35.28
C SER B 247 24.34 -18.99 35.91
N ASN B 248 24.85 -19.91 35.10
CA ASN B 248 25.99 -20.74 35.47
C ASN B 248 27.32 -20.08 35.12
N GLY B 249 27.28 -18.93 34.45
CA GLY B 249 28.48 -18.26 34.00
C GLY B 249 28.18 -17.40 32.80
N ASN B 250 29.15 -16.54 32.47
CA ASN B 250 29.08 -15.71 31.28
C ASN B 250 27.86 -14.80 31.29
N LEU B 251 27.50 -14.30 32.47
CA LEU B 251 26.36 -13.40 32.61
C LEU B 251 26.86 -11.97 32.72
N ILE B 252 26.47 -11.14 31.75
CA ILE B 252 26.62 -9.69 31.84
C ILE B 252 25.26 -9.19 32.33
N ALA B 253 25.10 -9.15 33.64
CA ALA B 253 23.81 -8.95 34.24
C ALA B 253 23.34 -7.51 34.06
N PRO B 254 22.05 -7.26 34.22
CA PRO B 254 21.57 -5.87 34.21
C PRO B 254 21.73 -5.23 35.59
N ARG B 255 22.12 -3.96 35.58
CA ARG B 255 22.20 -3.19 36.81
C ARG B 255 20.84 -2.60 37.20
N GLY B 256 19.82 -2.83 36.39
CA GLY B 256 18.53 -2.22 36.62
C GLY B 256 17.65 -2.42 35.39
N TYR B 257 16.71 -1.49 35.21
CA TYR B 257 15.81 -1.56 34.07
C TYR B 257 15.64 -0.18 33.47
N PHE B 258 15.33 -0.15 32.17
CA PHE B 258 14.99 1.07 31.49
C PHE B 258 13.48 1.24 31.47
N LYS B 259 13.01 2.41 31.87
CA LYS B 259 11.58 2.70 31.92
C LYS B 259 11.06 2.80 30.50
N MET B 260 10.37 1.77 30.05
CA MET B 260 9.77 1.79 28.72
C MET B 260 8.59 2.75 28.69
N ARG B 261 8.39 3.37 27.53
CA ARG B 261 7.32 4.34 27.33
C ARG B 261 6.74 4.16 25.94
N THR B 262 5.54 4.71 25.76
CA THR B 262 4.87 4.74 24.47
C THR B 262 4.62 6.19 24.10
N GLY B 263 4.93 6.56 22.87
CA GLY B 263 4.78 7.93 22.47
C GLY B 263 5.28 8.17 21.07
N LYS B 264 5.54 9.44 20.76
CA LYS B 264 5.90 9.87 19.42
C LYS B 264 7.40 9.80 19.16
N SER B 265 8.13 8.96 19.88
CA SER B 265 9.58 8.94 19.78
C SER B 265 10.05 7.95 18.73
N SER B 266 11.21 8.23 18.15
CA SER B 266 11.80 7.41 17.10
C SER B 266 13.29 7.74 17.00
N ILE B 267 13.95 7.14 16.02
CA ILE B 267 15.38 7.34 15.80
C ILE B 267 15.62 7.58 14.32
N MET B 268 16.55 8.48 14.02
CA MET B 268 16.88 8.85 12.65
C MET B 268 18.38 8.79 12.46
N ARG B 269 18.81 8.22 11.34
CA ARG B 269 20.21 8.28 10.92
C ARG B 269 20.38 9.52 10.04
N SER B 270 21.11 10.50 10.54
CA SER B 270 21.26 11.76 9.83
C SER B 270 22.53 12.46 10.27
N ASP B 271 23.19 13.11 9.32
CA ASP B 271 24.33 13.96 9.61
C ASP B 271 23.99 15.45 9.52
N ALA B 272 22.71 15.78 9.38
CA ALA B 272 22.31 17.18 9.31
C ALA B 272 22.46 17.83 10.68
N PRO B 273 23.17 18.95 10.78
CA PRO B 273 23.34 19.58 12.09
C PRO B 273 22.02 20.08 12.66
N ILE B 274 21.96 20.10 13.99
CA ILE B 274 20.78 20.63 14.68
C ILE B 274 20.89 22.14 14.73
N ASP B 275 19.83 22.82 14.29
CA ASP B 275 19.80 24.27 14.23
C ASP B 275 18.68 24.81 15.09
N THR B 276 18.89 26.01 15.63
CA THR B 276 17.86 26.68 16.42
C THR B 276 16.75 27.18 15.50
N CYS B 277 15.71 26.38 15.34
CA CYS B 277 14.65 26.66 14.39
C CYS B 277 13.49 25.71 14.69
N ILE B 278 12.34 26.00 14.08
CA ILE B 278 11.11 25.25 14.32
C ILE B 278 10.66 24.61 13.01
N SER B 279 10.37 23.32 13.05
CA SER B 279 9.82 22.62 11.90
C SER B 279 9.24 21.29 12.37
N GLU B 280 7.98 21.05 12.05
CA GLU B 280 7.31 19.83 12.49
C GLU B 280 7.74 18.61 11.71
N CYS B 281 8.45 18.78 10.60
CA CYS B 281 8.89 17.67 9.76
C CYS B 281 10.41 17.58 9.80
N ILE B 282 10.93 16.39 10.03
CA ILE B 282 12.37 16.14 10.06
C ILE B 282 12.69 15.01 9.09
N THR B 283 13.71 15.22 8.28
CA THR B 283 14.23 14.21 7.36
C THR B 283 15.72 14.08 7.60
N PRO B 284 16.32 12.95 7.18
CA PRO B 284 17.78 12.84 7.30
C PRO B 284 18.52 13.95 6.60
N ASN B 285 17.95 14.49 5.50
CA ASN B 285 18.50 15.67 4.86
C ASN B 285 18.38 16.92 5.72
N GLY B 286 17.56 16.88 6.77
CA GLY B 286 17.24 18.05 7.56
C GLY B 286 15.74 18.29 7.61
N SER B 287 15.36 19.31 8.37
CA SER B 287 13.96 19.67 8.48
C SER B 287 13.46 20.31 7.19
N ILE B 288 12.21 20.03 6.85
CA ILE B 288 11.59 20.58 5.65
C ILE B 288 10.25 21.19 6.04
N PRO B 289 9.76 22.21 5.32
CA PRO B 289 8.41 22.71 5.60
C PRO B 289 7.35 21.72 5.14
N ASN B 290 6.34 21.52 6.00
CA ASN B 290 5.26 20.61 5.70
C ASN B 290 4.05 21.30 5.10
N ASP B 291 4.24 22.51 4.58
CA ASP B 291 3.13 23.23 3.94
C ASP B 291 2.66 22.51 2.69
N LYS B 292 3.57 21.92 1.93
CA LYS B 292 3.20 21.24 0.70
C LYS B 292 2.68 19.84 0.99
N PRO B 293 1.76 19.33 0.16
CA PRO B 293 1.20 18.00 0.43
C PRO B 293 2.20 16.86 0.29
N PHE B 294 3.20 17.02 -0.59
CA PHE B 294 4.14 15.95 -0.90
C PHE B 294 5.55 16.47 -0.79
N GLN B 295 6.50 15.53 -0.76
CA GLN B 295 7.92 15.86 -0.71
C GLN B 295 8.67 14.97 -1.69
N ASN B 296 9.87 15.42 -2.06
CA ASN B 296 10.83 14.60 -2.78
C ASN B 296 12.19 14.60 -2.08
N VAL B 297 12.21 14.85 -0.78
CA VAL B 297 13.45 15.00 -0.04
C VAL B 297 13.94 13.63 0.41
N ASN B 298 13.14 12.95 1.22
CA ASN B 298 13.55 11.66 1.77
C ASN B 298 12.31 10.86 2.14
N LYS B 299 12.35 9.56 1.85
CA LYS B 299 11.28 8.67 2.30
C LYS B 299 11.31 8.48 3.82
N ILE B 300 12.45 8.74 4.45
CA ILE B 300 12.56 8.66 5.90
C ILE B 300 12.10 10.00 6.48
N THR B 301 11.08 9.97 7.32
CA THR B 301 10.44 11.18 7.84
C THR B 301 10.11 11.00 9.31
N TYR B 302 10.00 12.13 10.00
CA TYR B 302 9.54 12.17 11.38
C TYR B 302 8.66 13.40 11.57
N GLY B 303 7.55 13.20 12.25
CA GLY B 303 6.65 14.30 12.55
C GLY B 303 5.61 14.52 11.47
N ALA B 304 5.01 15.70 11.50
CA ALA B 304 4.02 16.08 10.50
C ALA B 304 4.72 16.37 9.19
N CYS B 305 4.81 15.36 8.31
CA CYS B 305 5.60 15.46 7.10
C CYS B 305 4.74 15.25 5.86
N PRO B 306 5.09 15.87 4.74
CA PRO B 306 4.41 15.55 3.48
C PRO B 306 4.71 14.13 3.04
N LYS B 307 3.76 13.54 2.32
CA LYS B 307 3.97 12.22 1.76
C LYS B 307 5.12 12.24 0.76
N TYR B 308 5.99 11.23 0.85
CA TYR B 308 7.09 11.12 -0.09
C TYR B 308 6.57 10.64 -1.45
N VAL B 309 6.99 11.33 -2.50
CA VAL B 309 6.63 10.96 -3.86
C VAL B 309 7.90 10.94 -4.70
N LYS B 310 7.88 10.15 -5.77
CA LYS B 310 9.01 10.08 -6.68
C LYS B 310 9.10 11.31 -7.57
N GLN B 311 8.05 12.12 -7.65
CA GLN B 311 8.07 13.30 -8.49
C GLN B 311 8.89 14.40 -7.85
N ASN B 312 9.78 15.01 -8.63
CA ASN B 312 10.51 16.18 -8.17
C ASN B 312 9.62 17.42 -8.18
N THR B 313 8.63 17.46 -9.07
CA THR B 313 7.75 18.60 -9.21
C THR B 313 6.34 18.13 -9.54
N LEU B 314 5.36 18.77 -8.91
CA LEU B 314 3.95 18.57 -9.23
C LEU B 314 3.28 19.93 -9.10
N LYS B 315 3.11 20.63 -10.21
CA LYS B 315 2.53 21.96 -10.20
C LYS B 315 1.01 21.88 -10.20
N LEU B 316 0.39 22.52 -9.21
CA LEU B 316 -1.05 22.58 -9.09
C LEU B 316 -1.55 23.92 -9.60
N ALA B 317 -2.48 23.87 -10.56
CA ALA B 317 -3.03 25.09 -11.14
C ALA B 317 -3.86 25.83 -10.09
N THR B 318 -3.33 26.93 -9.58
CA THR B 318 -4.06 27.82 -8.69
C THR B 318 -4.69 28.99 -9.46
N GLY B 319 -4.53 29.03 -10.77
CA GLY B 319 -5.19 30.02 -11.60
C GLY B 319 -5.98 29.35 -12.70
N MET B 320 -6.24 30.07 -13.78
CA MET B 320 -7.01 29.54 -14.90
C MET B 320 -6.10 29.37 -16.12
N ARG B 321 -6.72 28.94 -17.22
CA ARG B 321 -6.01 28.84 -18.49
C ARG B 321 -5.42 30.19 -18.85
N ASN B 322 -4.17 30.19 -19.30
CA ASN B 322 -3.48 31.39 -19.76
C ASN B 322 -3.59 31.47 -21.27
N VAL B 323 -4.26 32.51 -21.76
CA VAL B 323 -4.41 32.74 -23.19
C VAL B 323 -3.98 34.17 -23.46
N PRO B 324 -2.67 34.45 -23.53
CA PRO B 324 -2.23 35.84 -23.63
C PRO B 324 -2.72 36.51 -24.92
N GLU B 325 -2.87 37.83 -24.84
CA GLU B 325 -3.30 38.64 -25.98
C GLU B 325 -2.61 38.20 -27.27
N ALA B 334 -12.02 46.73 -31.59
CA ALA B 334 -11.69 45.32 -31.39
C ALA B 334 -11.38 45.03 -29.92
N ILE B 335 -12.39 44.59 -29.18
CA ILE B 335 -12.26 44.27 -27.78
C ILE B 335 -12.65 42.82 -27.55
N ALA B 336 -12.34 41.95 -28.52
CA ALA B 336 -12.74 40.55 -28.45
C ALA B 336 -12.53 39.97 -27.07
N GLY B 337 -13.44 39.08 -26.67
CA GLY B 337 -13.51 38.59 -25.31
C GLY B 337 -12.77 37.29 -25.09
N PHE B 338 -13.26 36.51 -24.13
CA PHE B 338 -12.54 35.32 -23.67
C PHE B 338 -12.43 34.28 -24.77
N ILE B 339 -13.44 34.15 -25.63
CA ILE B 339 -13.40 33.13 -26.67
C ILE B 339 -12.18 33.32 -27.56
N GLU B 340 -11.75 34.57 -27.74
CA GLU B 340 -10.57 34.84 -28.57
C GLU B 340 -9.29 34.68 -27.77
N ASN B 341 -9.14 35.46 -26.71
CA ASN B 341 -7.88 35.50 -25.97
C ASN B 341 -8.13 36.03 -24.57
N GLY B 342 -7.16 35.79 -23.68
CA GLY B 342 -7.22 36.36 -22.36
C GLY B 342 -6.81 37.82 -22.34
N TRP B 343 -7.14 38.50 -21.24
CA TRP B 343 -6.90 39.92 -21.08
C TRP B 343 -5.68 40.12 -20.18
N GLU B 344 -4.58 40.59 -20.79
CA GLU B 344 -3.38 40.87 -20.00
C GLU B 344 -3.52 42.14 -19.19
N GLY B 345 -4.29 43.11 -19.67
CA GLY B 345 -4.42 44.39 -19.02
C GLY B 345 -5.40 44.46 -17.87
N MET B 346 -6.05 43.36 -17.53
CA MET B 346 -7.00 43.33 -16.43
C MET B 346 -6.33 42.71 -15.21
N ILE B 347 -6.17 43.50 -14.16
CA ILE B 347 -5.56 43.03 -12.93
C ILE B 347 -6.49 43.14 -11.74
N ASP B 348 -7.59 43.90 -11.84
CA ASP B 348 -8.50 44.06 -10.71
C ASP B 348 -9.10 42.71 -10.31
N GLY B 349 -9.46 41.89 -11.28
CA GLY B 349 -10.06 40.60 -10.99
C GLY B 349 -9.71 39.53 -12.00
N TRP B 350 -10.32 38.36 -11.87
CA TRP B 350 -10.04 37.26 -12.78
C TRP B 350 -10.90 37.37 -14.04
N TYR B 351 -12.19 37.62 -13.88
CA TYR B 351 -13.11 37.82 -14.98
C TYR B 351 -13.65 39.25 -14.94
N GLY B 352 -13.91 39.80 -16.11
CA GLY B 352 -14.36 41.17 -16.18
C GLY B 352 -15.00 41.48 -17.52
N PHE B 353 -15.40 42.74 -17.66
CA PHE B 353 -16.04 43.24 -18.86
C PHE B 353 -15.20 44.36 -19.46
N ARG B 354 -15.08 44.33 -20.79
CA ARG B 354 -14.61 45.46 -21.58
C ARG B 354 -15.76 45.92 -22.45
N HIS B 355 -15.98 47.22 -22.50
CA HIS B 355 -17.09 47.78 -23.25
C HIS B 355 -16.61 48.93 -24.13
N GLN B 356 -17.27 49.07 -25.27
CA GLN B 356 -17.00 50.13 -26.24
C GLN B 356 -18.34 50.76 -26.60
N ASN B 357 -18.64 51.91 -26.00
CA ASN B 357 -19.87 52.64 -26.26
C ASN B 357 -19.52 54.06 -26.70
N SER B 358 -20.57 54.87 -26.91
CA SER B 358 -20.36 56.23 -27.38
C SER B 358 -19.48 57.03 -26.43
N GLU B 359 -19.50 56.69 -25.15
CA GLU B 359 -18.71 57.38 -24.14
C GLU B 359 -17.29 56.85 -24.04
N GLY B 360 -16.82 56.11 -25.04
CA GLY B 360 -15.46 55.61 -25.06
C GLY B 360 -15.32 54.24 -24.44
N THR B 361 -14.16 53.64 -24.66
CA THR B 361 -13.89 52.30 -24.15
C THR B 361 -13.68 52.33 -22.64
N GLY B 362 -13.98 51.20 -22.00
CA GLY B 362 -13.81 51.06 -20.58
C GLY B 362 -13.75 49.61 -20.18
N GLN B 363 -13.39 49.39 -18.91
CA GLN B 363 -13.24 48.03 -18.39
C GLN B 363 -13.62 48.03 -16.92
N ALA B 364 -14.03 46.86 -16.44
CA ALA B 364 -14.39 46.69 -15.03
C ALA B 364 -14.41 45.21 -14.70
N ALA B 365 -13.65 44.81 -13.69
CA ALA B 365 -13.58 43.40 -13.31
C ALA B 365 -14.88 42.95 -12.65
N ASP B 366 -15.22 41.69 -12.88
CA ASP B 366 -16.41 41.07 -12.28
C ASP B 366 -15.97 40.42 -10.97
N LEU B 367 -16.37 41.01 -9.85
CA LEU B 367 -15.92 40.53 -8.56
C LEU B 367 -16.62 39.24 -8.15
N LYS B 368 -17.89 39.07 -8.54
CA LYS B 368 -18.63 37.88 -8.11
C LYS B 368 -18.01 36.60 -8.67
N SER B 369 -17.82 36.55 -9.98
CA SER B 369 -17.25 35.35 -10.59
C SER B 369 -15.79 35.17 -10.20
N THR B 370 -15.05 36.27 -10.11
CA THR B 370 -13.66 36.18 -9.65
C THR B 370 -13.59 35.54 -8.27
N GLN B 371 -14.43 36.01 -7.34
CA GLN B 371 -14.40 35.47 -5.99
C GLN B 371 -14.91 34.04 -5.95
N ALA B 372 -15.90 33.71 -6.78
CA ALA B 372 -16.35 32.32 -6.85
C ALA B 372 -15.22 31.40 -7.26
N ALA B 373 -14.49 31.77 -8.32
CA ALA B 373 -13.37 30.95 -8.77
C ALA B 373 -12.28 30.87 -7.71
N ILE B 374 -11.96 32.01 -7.09
CA ILE B 374 -10.89 32.02 -6.10
C ILE B 374 -11.25 31.16 -4.90
N ASP B 375 -12.49 31.27 -4.42
CA ASP B 375 -12.92 30.46 -3.29
C ASP B 375 -12.93 28.97 -3.64
N GLN B 376 -13.38 28.63 -4.86
CA GLN B 376 -13.38 27.24 -5.27
C GLN B 376 -11.96 26.68 -5.36
N ILE B 377 -11.01 27.51 -5.81
CA ILE B 377 -9.64 27.04 -5.98
C ILE B 377 -8.84 27.08 -4.69
N ASN B 378 -9.27 27.86 -3.69
CA ASN B 378 -8.45 28.10 -2.52
C ASN B 378 -8.11 26.80 -1.79
N GLY B 379 -9.13 26.00 -1.47
CA GLY B 379 -8.92 24.82 -0.66
C GLY B 379 -9.02 23.51 -1.42
N LYS B 380 -8.87 23.56 -2.75
CA LYS B 380 -9.04 22.36 -3.56
C LYS B 380 -8.16 21.23 -3.06
N LEU B 381 -6.86 21.51 -2.86
CA LEU B 381 -5.94 20.47 -2.42
C LEU B 381 -6.18 20.08 -0.97
N ASN B 382 -6.41 21.07 -0.10
CA ASN B 382 -6.54 20.79 1.33
C ASN B 382 -7.80 20.01 1.67
N ARG B 383 -8.74 19.90 0.75
CA ARG B 383 -9.96 19.16 1.00
C ARG B 383 -9.94 17.77 0.36
N VAL B 384 -8.82 17.33 -0.19
CA VAL B 384 -8.73 15.97 -0.72
C VAL B 384 -7.54 15.27 -0.08
N ILE B 385 -6.72 16.04 0.63
CA ILE B 385 -5.59 15.53 1.40
C ILE B 385 -5.83 15.88 2.86
N GLU B 386 -5.73 14.88 3.74
CA GLU B 386 -5.81 15.15 5.16
C GLU B 386 -4.79 16.22 5.55
N LYS B 387 -5.00 16.83 6.71
CA LYS B 387 -4.16 17.95 7.13
C LYS B 387 -2.68 17.63 6.89
N THR B 388 -2.17 16.60 7.57
CA THR B 388 -0.82 16.11 7.32
C THR B 388 -0.60 14.80 8.04
N ASN B 389 -0.13 13.78 7.34
CA ASN B 389 0.13 12.48 7.96
C ASN B 389 1.32 12.61 8.92
N GLU B 390 1.03 12.50 10.20
CA GLU B 390 2.03 12.71 11.25
C GLU B 390 2.55 11.36 11.71
N LYS B 391 3.74 10.99 11.26
CA LYS B 391 4.33 9.69 11.51
C LYS B 391 5.56 9.87 12.38
N PHE B 392 5.70 9.04 13.41
CA PHE B 392 6.79 9.24 14.37
C PHE B 392 7.75 8.08 14.30
N HIS B 393 7.33 6.86 14.63
CA HIS B 393 8.20 5.71 14.44
C HIS B 393 7.76 4.93 13.22
N GLN B 394 8.73 4.47 12.43
CA GLN B 394 8.44 3.80 11.19
C GLN B 394 9.33 2.56 11.09
N ILE B 395 9.31 1.94 9.91
CA ILE B 395 10.24 0.87 9.59
C ILE B 395 11.56 1.50 9.17
N GLU B 396 12.62 0.71 9.15
CA GLU B 396 13.87 1.17 8.56
C GLU B 396 13.76 1.14 7.04
N LYS B 397 14.17 2.24 6.42
CA LYS B 397 14.03 2.40 4.97
C LYS B 397 15.37 2.45 4.25
N GLU B 398 16.48 2.63 4.96
CA GLU B 398 17.81 2.45 4.41
C GLU B 398 18.57 1.47 5.29
N PHE B 399 19.27 0.53 4.65
CA PHE B 399 19.98 -0.52 5.37
C PHE B 399 21.43 -0.57 4.93
N SER B 400 22.33 -0.73 5.89
CA SER B 400 23.76 -0.82 5.62
C SER B 400 24.25 -2.26 5.46
N GLU B 401 23.49 -3.24 5.94
CA GLU B 401 23.82 -4.65 5.79
C GLU B 401 22.80 -5.33 4.89
N VAL B 402 23.23 -6.43 4.28
CA VAL B 402 22.35 -7.26 3.46
C VAL B 402 21.80 -8.34 4.38
N GLU B 403 20.59 -8.13 4.88
CA GLU B 403 19.97 -9.04 5.84
C GLU B 403 19.18 -10.14 5.15
N GLY B 404 18.39 -9.79 4.12
CA GLY B 404 17.70 -10.80 3.35
C GLY B 404 16.19 -10.64 3.33
N ARG B 405 15.50 -11.65 3.88
CA ARG B 405 14.04 -11.72 3.72
C ARG B 405 13.34 -10.55 4.39
N ILE B 406 13.68 -10.25 5.65
CA ILE B 406 13.00 -9.18 6.37
C ILE B 406 13.36 -7.83 5.79
N GLN B 407 14.64 -7.61 5.48
CA GLN B 407 15.04 -6.36 4.84
C GLN B 407 14.38 -6.22 3.48
N ASP B 408 14.29 -7.31 2.73
CA ASP B 408 13.62 -7.27 1.44
C ASP B 408 12.15 -6.91 1.59
N LEU B 409 11.49 -7.47 2.62
CA LEU B 409 10.09 -7.13 2.87
C LEU B 409 9.93 -5.67 3.24
N GLU B 410 10.84 -5.14 4.08
CA GLU B 410 10.77 -3.73 4.43
C GLU B 410 10.94 -2.85 3.20
N LYS B 411 11.93 -3.18 2.36
CA LYS B 411 12.17 -2.41 1.15
C LYS B 411 10.97 -2.48 0.21
N TYR B 412 10.37 -3.67 0.08
CA TYR B 412 9.22 -3.83 -0.79
C TYR B 412 8.02 -3.06 -0.26
N VAL B 413 7.79 -3.08 1.05
CA VAL B 413 6.68 -2.32 1.63
C VAL B 413 6.87 -0.84 1.37
N GLU B 414 8.09 -0.34 1.60
CA GLU B 414 8.33 1.08 1.40
C GLU B 414 8.24 1.46 -0.07
N ASP B 415 8.74 0.60 -0.96
CA ASP B 415 8.62 0.88 -2.40
C ASP B 415 7.17 0.88 -2.84
N THR B 416 6.37 -0.06 -2.32
CA THR B 416 4.95 -0.09 -2.65
C THR B 416 4.26 1.18 -2.16
N LYS B 417 4.56 1.60 -0.93
CA LYS B 417 3.99 2.84 -0.41
C LYS B 417 4.39 4.03 -1.27
N ILE B 418 5.67 4.11 -1.64
CA ILE B 418 6.14 5.25 -2.43
C ILE B 418 5.48 5.25 -3.80
N ASP B 419 5.40 4.10 -4.45
CA ASP B 419 4.77 4.04 -5.77
C ASP B 419 3.30 4.40 -5.70
N LEU B 420 2.58 3.86 -4.71
CA LEU B 420 1.16 4.15 -4.60
C LEU B 420 0.92 5.62 -4.29
N TRP B 421 1.72 6.22 -3.41
CA TRP B 421 1.52 7.62 -3.10
C TRP B 421 1.99 8.54 -4.22
N SER B 422 3.00 8.11 -5.00
CA SER B 422 3.39 8.88 -6.16
C SER B 422 2.32 8.86 -7.23
N TYR B 423 1.71 7.69 -7.44
CA TYR B 423 0.56 7.62 -8.35
C TYR B 423 -0.58 8.46 -7.83
N ASN B 424 -0.83 8.44 -6.52
CA ASN B 424 -1.88 9.27 -5.95
C ASN B 424 -1.59 10.74 -6.20
N ALA B 425 -0.34 11.16 -6.04
CA ALA B 425 0.02 12.55 -6.29
C ALA B 425 -0.17 12.92 -7.75
N GLU B 426 0.31 12.07 -8.67
CA GLU B 426 0.12 12.33 -10.09
C GLU B 426 -1.36 12.45 -10.43
N LEU B 427 -2.15 11.44 -10.04
CA LEU B 427 -3.57 11.44 -10.39
C LEU B 427 -4.29 12.61 -9.75
N LEU B 428 -3.99 12.92 -8.50
CA LEU B 428 -4.65 14.02 -7.81
C LEU B 428 -4.29 15.36 -8.45
N VAL B 429 -3.03 15.57 -8.79
CA VAL B 429 -2.65 16.83 -9.39
C VAL B 429 -3.29 16.98 -10.76
N ALA B 430 -3.31 15.90 -11.55
CA ALA B 430 -3.97 15.95 -12.85
C ALA B 430 -5.46 16.24 -12.69
N LEU B 431 -6.11 15.55 -11.75
CA LEU B 431 -7.55 15.75 -11.54
C LEU B 431 -7.84 17.16 -11.05
N GLU B 432 -7.03 17.68 -10.12
CA GLU B 432 -7.27 19.00 -9.57
C GLU B 432 -6.99 20.08 -10.59
N ASN B 433 -5.97 19.90 -11.42
CA ASN B 433 -5.71 20.86 -12.49
C ASN B 433 -6.80 20.83 -13.54
N GLN B 434 -7.26 19.63 -13.90
CA GLN B 434 -8.38 19.52 -14.84
C GLN B 434 -9.61 20.19 -14.27
N HIS B 435 -9.91 19.96 -12.99
CA HIS B 435 -11.06 20.57 -12.36
C HIS B 435 -10.91 22.08 -12.26
N THR B 436 -9.70 22.57 -11.95
CA THR B 436 -9.48 24.00 -11.88
C THR B 436 -9.68 24.66 -13.24
N ILE B 437 -9.16 24.05 -14.31
CA ILE B 437 -9.29 24.63 -15.63
C ILE B 437 -10.74 24.59 -16.09
N ASP B 438 -11.41 23.45 -15.91
CA ASP B 438 -12.82 23.35 -16.25
C ASP B 438 -13.65 24.30 -15.41
N LEU B 439 -13.26 24.53 -14.16
CA LEU B 439 -14.00 25.40 -13.26
C LEU B 439 -13.86 26.86 -13.66
N THR B 440 -12.65 27.28 -14.03
CA THR B 440 -12.47 28.65 -14.49
C THR B 440 -13.17 28.86 -15.83
N ASP B 441 -13.10 27.88 -16.73
CA ASP B 441 -13.85 27.96 -17.97
C ASP B 441 -15.34 28.05 -17.70
N SER B 442 -15.83 27.28 -16.73
CA SER B 442 -17.26 27.30 -16.40
C SER B 442 -17.65 28.62 -15.78
N GLU B 443 -16.77 29.22 -14.98
CA GLU B 443 -17.06 30.55 -14.43
C GLU B 443 -17.15 31.58 -15.54
N MET B 444 -16.23 31.53 -16.50
CA MET B 444 -16.28 32.46 -17.62
C MET B 444 -17.57 32.26 -18.41
N ASN B 445 -17.91 31.00 -18.69
CA ASN B 445 -19.13 30.72 -19.46
C ASN B 445 -20.38 31.10 -18.68
N LYS B 446 -20.37 30.92 -17.36
CA LYS B 446 -21.52 31.29 -16.55
C LYS B 446 -21.72 32.79 -16.54
N LEU B 447 -20.64 33.55 -16.43
CA LEU B 447 -20.78 35.01 -16.53
C LEU B 447 -21.29 35.41 -17.91
N PHE B 448 -20.79 34.74 -18.96
CA PHE B 448 -21.28 35.02 -20.31
C PHE B 448 -22.77 34.71 -20.43
N GLU B 449 -23.22 33.61 -19.84
CA GLU B 449 -24.63 33.25 -19.92
C GLU B 449 -25.50 34.20 -19.11
N LYS B 450 -25.01 34.66 -17.95
CA LYS B 450 -25.74 35.68 -17.21
C LYS B 450 -25.87 36.95 -18.04
N THR B 451 -24.79 37.37 -18.68
CA THR B 451 -24.85 38.58 -19.51
C THR B 451 -25.80 38.39 -20.68
N ARG B 452 -25.80 37.19 -21.29
CA ARG B 452 -26.74 36.90 -22.37
C ARG B 452 -28.17 36.96 -21.88
N ARG B 453 -28.44 36.37 -20.70
CA ARG B 453 -29.78 36.36 -20.16
C ARG B 453 -30.27 37.77 -19.87
N GLN B 454 -29.40 38.60 -19.30
CA GLN B 454 -29.77 40.01 -19.08
C GLN B 454 -30.06 40.69 -20.41
N LEU B 455 -29.22 40.43 -21.42
CA LEU B 455 -29.42 40.97 -22.76
C LEU B 455 -30.23 39.96 -23.58
N ARG B 456 -31.52 39.85 -23.23
CA ARG B 456 -32.38 38.83 -23.80
C ARG B 456 -32.40 38.92 -25.32
N GLU B 457 -32.93 40.02 -25.85
CA GLU B 457 -32.97 40.24 -27.29
C GLU B 457 -32.31 41.56 -27.69
N ASN B 458 -31.68 42.25 -26.74
CA ASN B 458 -31.06 43.54 -27.00
C ASN B 458 -29.59 43.42 -27.40
N ALA B 459 -29.02 42.21 -27.39
CA ALA B 459 -27.63 42.02 -27.75
C ALA B 459 -27.51 40.78 -28.63
N GLU B 460 -26.29 40.55 -29.12
CA GLU B 460 -26.00 39.38 -29.95
C GLU B 460 -24.56 38.98 -29.73
N ASP B 461 -24.33 37.69 -29.47
CA ASP B 461 -22.98 37.17 -29.33
C ASP B 461 -22.26 37.30 -30.66
N MET B 462 -21.24 38.17 -30.71
CA MET B 462 -20.49 38.39 -31.95
C MET B 462 -19.72 37.15 -32.37
N GLY B 463 -19.53 36.19 -31.47
CA GLY B 463 -18.81 34.96 -31.76
C GLY B 463 -17.37 34.96 -31.28
N ASN B 464 -16.79 36.13 -31.04
CA ASN B 464 -15.48 36.22 -30.41
C ASN B 464 -15.58 36.35 -28.90
N GLY B 465 -16.64 35.80 -28.31
CA GLY B 465 -16.91 36.00 -26.90
C GLY B 465 -17.40 37.39 -26.58
N CYS B 466 -17.92 38.11 -27.58
CA CYS B 466 -18.28 39.51 -27.41
C CYS B 466 -19.72 39.75 -27.85
N PHE B 467 -20.48 40.40 -26.97
CA PHE B 467 -21.85 40.80 -27.29
C PHE B 467 -21.85 42.11 -28.08
N LYS B 468 -22.88 42.28 -28.91
CA LYS B 468 -23.13 43.53 -29.63
C LYS B 468 -24.49 44.05 -29.20
N ILE B 469 -24.49 45.01 -28.27
CA ILE B 469 -25.73 45.61 -27.80
C ILE B 469 -26.22 46.61 -28.84
N TYR B 470 -27.47 46.45 -29.26
CA TYR B 470 -28.02 47.22 -30.37
C TYR B 470 -28.76 48.47 -29.93
N HIS B 471 -28.40 49.05 -28.78
CA HIS B 471 -28.99 50.30 -28.34
C HIS B 471 -27.91 51.14 -27.69
N LYS B 472 -28.13 52.46 -27.66
CA LYS B 472 -27.20 53.37 -27.02
C LYS B 472 -27.05 52.97 -25.55
N CYS B 473 -25.86 52.50 -25.18
CA CYS B 473 -25.60 51.93 -23.86
C CYS B 473 -24.49 52.75 -23.21
N ASP B 474 -24.88 53.80 -22.50
CA ASP B 474 -23.91 54.64 -21.82
C ASP B 474 -23.29 53.88 -20.66
N ASN B 475 -22.33 54.53 -19.99
CA ASN B 475 -21.61 53.86 -18.91
C ASN B 475 -22.55 53.44 -17.79
N ALA B 476 -23.63 54.18 -17.56
CA ALA B 476 -24.62 53.77 -16.56
C ALA B 476 -25.26 52.44 -16.96
N CYS B 477 -25.62 52.29 -18.23
CA CYS B 477 -26.20 51.03 -18.69
C CYS B 477 -25.17 49.91 -18.68
N ILE B 478 -23.91 50.21 -18.97
CA ILE B 478 -22.86 49.21 -18.84
C ILE B 478 -22.77 48.73 -17.39
N GLU B 479 -22.79 49.67 -16.44
CA GLU B 479 -22.75 49.28 -15.03
C GLU B 479 -23.97 48.45 -14.65
N SER B 480 -25.14 48.82 -15.19
CA SER B 480 -26.34 48.03 -14.92
C SER B 480 -26.19 46.61 -15.42
N ILE B 481 -25.64 46.45 -16.63
CA ILE B 481 -25.40 45.10 -17.16
C ILE B 481 -24.40 44.35 -16.27
N ARG B 482 -23.34 45.03 -15.86
CA ARG B 482 -22.29 44.37 -15.08
C ARG B 482 -22.81 43.90 -13.73
N ASN B 483 -23.61 44.72 -13.06
CA ASN B 483 -24.10 44.40 -11.73
C ASN B 483 -25.43 43.65 -11.74
N GLY B 484 -25.96 43.33 -12.91
CA GLY B 484 -27.16 42.52 -13.02
C GLY B 484 -28.46 43.28 -12.92
N THR B 485 -28.42 44.60 -12.75
CA THR B 485 -29.63 45.42 -12.67
C THR B 485 -30.05 45.99 -14.02
N TYR B 486 -29.75 45.29 -15.10
CA TYR B 486 -30.08 45.77 -16.45
C TYR B 486 -31.48 45.31 -16.82
N ASP B 487 -32.33 46.27 -17.19
CA ASP B 487 -33.70 46.00 -17.61
C ASP B 487 -33.75 46.02 -19.14
N HIS B 488 -33.91 44.85 -19.75
CA HIS B 488 -33.96 44.78 -21.21
C HIS B 488 -35.17 45.50 -21.77
N ASP B 489 -36.29 45.51 -21.04
CA ASP B 489 -37.51 46.10 -21.57
C ASP B 489 -37.36 47.58 -21.89
N VAL B 490 -36.48 48.27 -21.16
CA VAL B 490 -36.31 49.70 -21.38
C VAL B 490 -35.81 49.96 -22.80
N TYR B 491 -34.82 49.18 -23.24
CA TYR B 491 -34.21 49.37 -24.55
C TYR B 491 -34.65 48.33 -25.56
N ARG B 492 -35.68 47.53 -25.25
CA ARG B 492 -36.07 46.45 -26.15
C ARG B 492 -36.54 47.01 -27.49
N ASP B 493 -37.33 48.08 -27.48
CA ASP B 493 -37.83 48.64 -28.73
C ASP B 493 -36.69 49.12 -29.61
N GLU B 494 -35.81 49.97 -29.06
CA GLU B 494 -34.70 50.49 -29.84
C GLU B 494 -33.77 49.38 -30.29
N ALA B 495 -33.50 48.42 -29.40
CA ALA B 495 -32.60 47.33 -29.75
C ALA B 495 -33.17 46.49 -30.89
N LEU B 496 -34.47 46.16 -30.82
CA LEU B 496 -35.09 45.41 -31.90
C LEU B 496 -35.07 46.21 -33.20
N ASN B 497 -35.33 47.52 -33.12
CA ASN B 497 -35.30 48.34 -34.32
C ASN B 497 -33.92 48.32 -34.96
N ASN B 498 -32.86 48.43 -34.14
CA ASN B 498 -31.51 48.41 -34.67
C ASN B 498 -31.07 47.01 -35.11
N ARG B 499 -31.72 45.96 -34.60
CA ARG B 499 -31.33 44.59 -34.88
C ARG B 499 -32.00 44.06 -36.15
N PHE B 500 -33.33 44.07 -36.19
CA PHE B 500 -34.09 43.45 -37.26
C PHE B 500 -34.60 44.45 -38.28
N GLN B 501 -34.10 45.68 -38.27
CA GLN B 501 -34.49 46.68 -39.26
C GLN B 501 -33.31 47.54 -39.64
N SER C 9 -35.09 30.78 -50.81
CA SER C 9 -35.06 29.41 -50.23
C SER C 9 -34.17 29.38 -48.98
N THR C 10 -34.05 28.19 -48.38
CA THR C 10 -33.24 28.03 -47.18
C THR C 10 -32.25 26.88 -47.36
N ALA C 11 -31.56 26.52 -46.29
CA ALA C 11 -30.59 25.44 -46.32
C ALA C 11 -30.53 24.80 -44.94
N THR C 12 -29.95 23.60 -44.89
CA THR C 12 -29.78 22.86 -43.64
C THR C 12 -28.30 22.55 -43.46
N LEU C 13 -27.82 22.73 -42.23
CA LEU C 13 -26.43 22.44 -41.88
C LEU C 13 -26.45 21.72 -40.54
N CYS C 14 -26.35 20.39 -40.58
CA CYS C 14 -26.40 19.58 -39.36
C CYS C 14 -24.98 19.21 -38.96
N LEU C 15 -24.71 19.30 -37.66
CA LEU C 15 -23.42 18.92 -37.11
C LEU C 15 -23.55 17.57 -36.44
N GLY C 16 -22.62 16.67 -36.75
CA GLY C 16 -22.67 15.31 -36.24
C GLY C 16 -21.29 14.78 -35.95
N HIS C 17 -21.27 13.56 -35.42
CA HIS C 17 -20.03 12.89 -35.08
C HIS C 17 -20.04 11.48 -35.65
N HIS C 18 -18.85 10.95 -35.92
CA HIS C 18 -18.74 9.63 -36.51
C HIS C 18 -19.26 8.57 -35.53
N ALA C 19 -19.88 7.54 -36.09
CA ALA C 19 -20.33 6.39 -35.32
C ALA C 19 -19.88 5.13 -36.05
N VAL C 20 -19.68 4.07 -35.27
CA VAL C 20 -19.28 2.78 -35.83
C VAL C 20 -20.38 1.77 -35.52
N PRO C 21 -20.57 0.75 -36.35
CA PRO C 21 -21.59 -0.26 -36.04
C PRO C 21 -21.13 -1.22 -34.96
N ASN C 22 -19.83 -1.48 -34.92
CA ASN C 22 -19.24 -2.39 -33.93
C ASN C 22 -18.67 -1.55 -32.79
N GLY C 23 -19.57 -1.12 -31.90
CA GLY C 23 -19.15 -0.38 -30.73
C GLY C 23 -18.57 -1.29 -29.66
N THR C 24 -17.95 -0.66 -28.67
CA THR C 24 -17.33 -1.38 -27.56
C THR C 24 -17.79 -0.75 -26.24
N LEU C 25 -18.15 -1.59 -25.28
CA LEU C 25 -18.67 -1.13 -24.01
C LEU C 25 -17.53 -0.82 -23.05
N VAL C 26 -17.60 0.34 -22.39
CA VAL C 26 -16.60 0.77 -21.42
C VAL C 26 -17.33 1.23 -20.16
N LYS C 27 -16.58 1.28 -19.06
CA LYS C 27 -17.11 1.70 -17.77
C LYS C 27 -16.63 3.11 -17.45
N THR C 28 -17.56 3.98 -17.11
CA THR C 28 -17.26 5.35 -16.70
C THR C 28 -17.75 5.57 -15.27
N ILE C 29 -17.50 6.77 -14.76
CA ILE C 29 -17.95 7.11 -13.41
C ILE C 29 -19.47 7.19 -13.36
N THR C 30 -20.10 7.67 -14.43
CA THR C 30 -21.52 7.93 -14.44
C THR C 30 -22.35 6.80 -15.03
N ASP C 31 -21.78 5.97 -15.91
CA ASP C 31 -22.53 4.92 -16.59
C ASP C 31 -21.82 3.59 -16.41
N ASP C 32 -22.60 2.54 -16.15
CA ASP C 32 -22.04 1.23 -15.90
C ASP C 32 -21.37 0.65 -17.15
N GLN C 33 -22.08 0.70 -18.28
CA GLN C 33 -21.55 0.17 -19.55
C GLN C 33 -22.07 1.08 -20.66
N ILE C 34 -21.19 1.93 -21.18
CA ILE C 34 -21.52 2.89 -22.22
C ILE C 34 -20.80 2.46 -23.49
N GLU C 35 -21.53 2.44 -24.60
CA GLU C 35 -20.95 2.05 -25.88
C GLU C 35 -20.17 3.20 -26.47
N VAL C 36 -18.95 2.92 -26.94
CA VAL C 36 -18.08 3.93 -27.52
C VAL C 36 -17.55 3.43 -28.85
N THR C 37 -17.08 4.38 -29.68
CA THR C 37 -16.59 4.03 -31.00
C THR C 37 -15.38 3.11 -30.93
N ASN C 38 -14.46 3.40 -30.02
CA ASN C 38 -13.23 2.63 -29.90
C ASN C 38 -12.81 2.55 -28.43
N ALA C 39 -12.24 1.41 -28.06
CA ALA C 39 -11.68 1.23 -26.73
C ALA C 39 -10.48 0.30 -26.83
N THR C 40 -9.55 0.46 -25.90
CA THR C 40 -8.34 -0.35 -25.85
C THR C 40 -8.28 -1.09 -24.52
N GLU C 41 -7.93 -2.37 -24.58
CA GLU C 41 -7.74 -3.16 -23.38
C GLU C 41 -6.49 -2.69 -22.65
N LEU C 42 -6.65 -2.30 -21.38
CA LEU C 42 -5.54 -1.81 -20.58
C LEU C 42 -4.90 -2.88 -19.71
N VAL C 43 -5.41 -4.10 -19.73
CA VAL C 43 -4.89 -5.20 -18.93
C VAL C 43 -4.28 -6.23 -19.87
N GLN C 44 -3.00 -6.55 -19.66
CA GLN C 44 -2.35 -7.63 -20.38
C GLN C 44 -2.74 -8.93 -19.70
N SER C 45 -3.75 -9.60 -20.23
CA SER C 45 -4.30 -10.80 -19.63
C SER C 45 -3.66 -12.08 -20.15
N SER C 46 -2.75 -12.00 -21.11
CA SER C 46 -2.17 -13.16 -21.75
C SER C 46 -0.66 -13.03 -21.82
N SER C 47 0.01 -14.18 -21.93
CA SER C 47 1.45 -14.24 -22.07
C SER C 47 1.79 -15.20 -23.20
N THR C 48 2.96 -14.98 -23.81
CA THR C 48 3.42 -15.86 -24.88
C THR C 48 3.84 -17.23 -24.36
N GLY C 49 3.95 -17.41 -23.05
CA GLY C 49 4.27 -18.69 -22.46
C GLY C 49 5.74 -19.01 -22.38
N LYS C 50 6.60 -18.18 -22.95
CA LYS C 50 8.04 -18.39 -22.96
C LYS C 50 8.72 -17.13 -22.48
N ILE C 51 9.80 -17.30 -21.74
CA ILE C 51 10.56 -16.16 -21.22
C ILE C 51 11.53 -15.68 -22.28
N CYS C 52 11.48 -14.37 -22.58
CA CYS C 52 12.43 -13.77 -23.50
C CYS C 52 13.79 -13.66 -22.84
N ASN C 53 14.83 -14.05 -23.58
CA ASN C 53 16.20 -13.98 -23.08
C ASN C 53 16.81 -12.60 -23.24
N ASN C 54 16.07 -11.64 -23.79
CA ASN C 54 16.49 -10.26 -23.91
C ASN C 54 15.41 -9.34 -23.38
N PRO C 55 15.77 -8.14 -22.89
CA PRO C 55 17.14 -7.62 -22.79
C PRO C 55 17.86 -8.10 -21.53
N HIS C 56 17.13 -8.76 -20.65
CA HIS C 56 17.71 -9.27 -19.41
C HIS C 56 18.43 -10.58 -19.68
N ARG C 57 19.51 -10.80 -18.92
CA ARG C 57 20.27 -12.04 -19.01
C ARG C 57 19.57 -13.08 -18.14
N ILE C 58 18.84 -13.99 -18.77
CA ILE C 58 18.09 -15.01 -18.07
C ILE C 58 18.96 -16.24 -17.93
N LEU C 59 19.26 -16.62 -16.69
CA LEU C 59 20.02 -17.83 -16.40
C LEU C 59 19.02 -18.92 -16.01
N ASP C 60 18.89 -19.93 -16.86
CA ASP C 60 17.96 -21.02 -16.62
C ASP C 60 18.60 -22.04 -15.70
N GLY C 61 18.03 -22.21 -14.52
CA GLY C 61 18.46 -23.26 -13.60
C GLY C 61 17.79 -24.57 -13.93
N ILE C 62 18.28 -25.26 -14.97
CA ILE C 62 17.55 -26.37 -15.56
C ILE C 62 17.13 -27.36 -14.47
N ASP C 63 18.12 -27.98 -13.81
CA ASP C 63 17.88 -28.92 -12.73
C ASP C 63 18.45 -28.44 -11.41
N CYS C 64 18.83 -27.17 -11.33
CA CYS C 64 19.54 -26.63 -10.18
C CYS C 64 18.72 -25.56 -9.49
N THR C 65 18.65 -25.64 -8.17
CA THR C 65 18.21 -24.53 -7.35
C THR C 65 19.35 -23.50 -7.26
N LEU C 66 18.97 -22.26 -6.96
CA LEU C 66 19.99 -21.22 -6.84
C LEU C 66 20.99 -21.54 -5.75
N ILE C 67 20.52 -22.05 -4.61
CA ILE C 67 21.43 -22.45 -3.55
C ILE C 67 22.24 -23.67 -3.97
N ASP C 68 21.65 -24.55 -4.78
CA ASP C 68 22.42 -25.69 -5.29
C ASP C 68 23.59 -25.24 -6.15
N ALA C 69 23.34 -24.28 -7.05
CA ALA C 69 24.42 -23.72 -7.86
C ALA C 69 25.41 -22.97 -6.99
N LEU C 70 24.93 -22.27 -5.96
CA LEU C 70 25.80 -21.54 -5.06
C LEU C 70 26.77 -22.47 -4.34
N LEU C 71 26.23 -23.53 -3.74
CA LEU C 71 27.08 -24.45 -2.98
C LEU C 71 28.03 -25.22 -3.88
N GLY C 72 27.66 -25.44 -5.13
CA GLY C 72 28.48 -26.21 -6.03
C GLY C 72 28.05 -27.66 -6.13
N ASP C 73 26.76 -27.88 -6.32
CA ASP C 73 26.26 -29.23 -6.49
C ASP C 73 26.95 -29.87 -7.71
N PRO C 74 27.34 -31.15 -7.63
CA PRO C 74 28.03 -31.75 -8.78
C PRO C 74 27.28 -31.62 -10.09
N HIS C 75 25.95 -31.71 -10.07
CA HIS C 75 25.15 -31.49 -11.25
C HIS C 75 24.86 -30.02 -11.50
N CYS C 76 25.57 -29.12 -10.81
CA CYS C 76 25.38 -27.68 -10.95
C CYS C 76 26.72 -26.97 -11.13
N ASP C 77 27.71 -27.66 -11.69
CA ASP C 77 29.00 -27.05 -11.96
C ASP C 77 28.99 -26.19 -13.22
N VAL C 78 27.96 -26.31 -14.05
CA VAL C 78 27.82 -25.44 -15.21
C VAL C 78 27.42 -24.03 -14.81
N PHE C 79 26.96 -23.84 -13.58
CA PHE C 79 26.55 -22.54 -13.08
C PHE C 79 27.64 -21.86 -12.28
N GLN C 80 28.88 -22.34 -12.37
CA GLN C 80 29.98 -21.74 -11.64
C GLN C 80 30.42 -20.45 -12.32
N ASN C 81 30.65 -19.42 -11.51
CA ASN C 81 30.98 -18.07 -12.00
C ASN C 81 29.86 -17.48 -12.86
N GLU C 82 28.63 -17.93 -12.65
CA GLU C 82 27.54 -17.49 -13.50
C GLU C 82 26.98 -16.17 -13.01
N THR C 83 26.57 -15.34 -13.97
CA THR C 83 25.88 -14.08 -13.70
C THR C 83 24.51 -14.13 -14.36
N TRP C 84 23.59 -13.32 -13.84
CA TRP C 84 22.24 -13.30 -14.38
C TRP C 84 21.59 -11.98 -14.02
N ASP C 85 20.61 -11.60 -14.83
CA ASP C 85 19.65 -10.58 -14.43
C ASP C 85 18.41 -11.20 -13.83
N LEU C 86 18.03 -12.39 -14.29
CA LEU C 86 16.97 -13.17 -13.67
C LEU C 86 17.39 -14.64 -13.67
N PHE C 87 17.45 -15.22 -12.49
CA PHE C 87 17.68 -16.66 -12.35
C PHE C 87 16.32 -17.35 -12.39
N VAL C 88 16.13 -18.24 -13.37
CA VAL C 88 14.88 -18.96 -13.51
C VAL C 88 15.04 -20.31 -12.82
N GLU C 89 14.21 -20.55 -11.82
CA GLU C 89 14.32 -21.72 -10.95
C GLU C 89 13.18 -22.68 -11.32
N ARG C 90 13.54 -23.72 -12.06
CA ARG C 90 12.54 -24.68 -12.54
C ARG C 90 11.99 -25.52 -11.40
N SER C 91 10.73 -25.92 -11.53
CA SER C 91 10.11 -26.78 -10.53
C SER C 91 10.72 -28.17 -10.52
N LYS C 92 11.40 -28.58 -11.59
CA LYS C 92 12.10 -29.86 -11.63
C LYS C 92 13.47 -29.80 -10.99
N ALA C 93 13.90 -28.63 -10.51
CA ALA C 93 15.19 -28.52 -9.86
C ALA C 93 15.25 -29.44 -8.64
N PHE C 94 16.36 -30.15 -8.51
CA PHE C 94 16.54 -31.11 -7.44
C PHE C 94 17.98 -31.03 -6.94
N SER C 95 18.19 -31.52 -5.72
CA SER C 95 19.51 -31.60 -5.11
C SER C 95 20.01 -33.03 -5.23
N ASN C 96 21.25 -33.18 -5.69
CA ASN C 96 21.87 -34.50 -5.87
C ASN C 96 23.19 -34.59 -5.13
N CYS C 97 23.34 -33.81 -4.05
CA CYS C 97 24.57 -33.79 -3.28
C CYS C 97 24.25 -34.03 -1.81
N TYR C 98 25.21 -33.76 -0.93
CA TYR C 98 25.03 -34.06 0.48
C TYR C 98 23.77 -33.36 0.97
N PRO C 99 22.87 -34.06 1.65
CA PRO C 99 21.67 -33.39 2.15
C PRO C 99 22.02 -32.24 3.08
N TYR C 100 21.30 -31.14 2.93
CA TYR C 100 21.62 -29.92 3.66
C TYR C 100 20.34 -29.13 3.89
N ASP C 101 20.40 -28.26 4.89
CA ASP C 101 19.35 -27.29 5.14
C ASP C 101 20.01 -25.93 5.35
N VAL C 102 19.31 -24.88 4.95
CA VAL C 102 19.81 -23.52 5.10
C VAL C 102 18.93 -22.81 6.11
N PRO C 103 19.34 -22.70 7.38
CA PRO C 103 18.58 -21.86 8.31
C PRO C 103 18.43 -20.46 7.76
N ASP C 104 17.19 -20.01 7.60
CA ASP C 104 16.90 -18.79 6.84
C ASP C 104 17.28 -18.99 5.37
N TYR C 105 16.75 -20.08 4.79
CA TYR C 105 17.03 -20.38 3.39
C TYR C 105 16.54 -19.28 2.48
N ALA C 106 15.36 -18.72 2.77
CA ALA C 106 14.80 -17.68 1.92
C ALA C 106 15.71 -16.46 1.87
N SER C 107 16.31 -16.09 3.00
CA SER C 107 17.20 -14.93 3.02
C SER C 107 18.43 -15.15 2.15
N LEU C 108 19.05 -16.33 2.27
CA LEU C 108 20.22 -16.63 1.43
C LEU C 108 19.85 -16.64 -0.05
N ARG C 109 18.73 -17.27 -0.39
CA ARG C 109 18.31 -17.29 -1.78
C ARG C 109 18.05 -15.88 -2.29
N SER C 110 17.39 -15.05 -1.47
CA SER C 110 17.09 -13.68 -1.87
C SER C 110 18.36 -12.88 -2.10
N LEU C 111 19.33 -12.98 -1.18
CA LEU C 111 20.51 -12.14 -1.31
C LEU C 111 21.43 -12.63 -2.41
N VAL C 112 21.46 -13.95 -2.65
CA VAL C 112 22.25 -14.47 -3.77
C VAL C 112 21.62 -14.09 -5.10
N ALA C 113 20.29 -14.11 -5.18
CA ALA C 113 19.62 -13.67 -6.39
C ALA C 113 19.83 -12.19 -6.63
N SER C 114 19.73 -11.37 -5.57
CA SER C 114 19.96 -9.95 -5.71
C SER C 114 21.40 -9.66 -6.13
N SER C 115 22.36 -10.39 -5.56
CA SER C 115 23.75 -10.23 -5.98
C SER C 115 23.89 -10.46 -7.47
N GLY C 116 23.19 -11.44 -8.01
CA GLY C 116 23.16 -11.63 -9.44
C GLY C 116 24.39 -12.30 -10.02
N THR C 117 25.21 -12.93 -9.20
CA THR C 117 26.42 -13.57 -9.68
C THR C 117 26.77 -14.73 -8.78
N LEU C 118 27.33 -15.78 -9.40
CA LEU C 118 27.99 -16.85 -8.67
C LEU C 118 29.51 -16.77 -8.77
N GLU C 119 30.03 -15.59 -9.14
CA GLU C 119 31.47 -15.40 -9.21
C GLU C 119 32.10 -15.73 -7.87
N PHE C 120 32.93 -16.78 -7.86
CA PHE C 120 33.52 -17.29 -6.63
C PHE C 120 35.03 -17.17 -6.73
N ILE C 121 35.61 -16.46 -5.76
CA ILE C 121 37.05 -16.29 -5.67
C ILE C 121 37.56 -17.29 -4.62
N THR C 122 38.42 -18.21 -5.05
CA THR C 122 39.04 -19.14 -4.13
C THR C 122 40.10 -18.42 -3.30
N GLU C 123 40.09 -18.66 -1.99
CA GLU C 123 40.98 -17.99 -1.07
C GLU C 123 41.90 -19.00 -0.41
N GLY C 124 43.09 -18.54 -0.05
CA GLY C 124 44.10 -19.41 0.52
C GLY C 124 43.86 -19.74 1.97
N PHE C 125 42.68 -20.28 2.28
CA PHE C 125 42.40 -20.76 3.63
C PHE C 125 43.38 -21.86 3.99
N THR C 126 43.95 -21.77 5.19
CA THR C 126 44.93 -22.74 5.68
C THR C 126 44.31 -23.48 6.86
N TRP C 127 44.00 -24.76 6.66
CA TRP C 127 43.45 -25.62 7.70
C TRP C 127 44.54 -26.61 8.09
N THR C 128 45.16 -26.37 9.24
CA THR C 128 46.28 -27.17 9.71
C THR C 128 45.77 -28.23 10.66
N GLY C 129 46.24 -29.47 10.48
CA GLY C 129 45.86 -30.57 11.35
C GLY C 129 44.54 -31.21 11.03
N VAL C 130 43.94 -30.90 9.87
CA VAL C 130 42.69 -31.51 9.46
C VAL C 130 42.82 -31.97 8.02
N THR C 131 42.06 -33.02 7.68
CA THR C 131 42.02 -33.51 6.32
C THR C 131 40.99 -32.71 5.53
N GLN C 132 41.39 -32.23 4.35
CA GLN C 132 40.56 -31.39 3.52
C GLN C 132 39.90 -32.20 2.42
N ASN C 133 38.99 -31.55 1.69
CA ASN C 133 38.34 -32.13 0.52
C ASN C 133 37.59 -33.41 0.89
N GLY C 134 37.01 -33.43 2.08
CA GLY C 134 36.16 -34.56 2.45
C GLY C 134 34.98 -34.68 1.51
N GLY C 135 34.64 -35.93 1.18
CA GLY C 135 33.57 -36.19 0.23
C GLY C 135 32.67 -37.30 0.72
N SER C 136 31.50 -37.37 0.12
CA SER C 136 30.50 -38.39 0.42
C SER C 136 29.98 -39.00 -0.87
N ASN C 137 29.51 -40.24 -0.77
CA ASN C 137 28.94 -40.91 -1.93
C ASN C 137 27.60 -40.32 -2.35
N ALA C 138 27.01 -39.44 -1.54
CA ALA C 138 25.81 -38.72 -1.97
C ALA C 138 26.14 -37.69 -3.03
N CYS C 139 27.34 -37.12 -2.99
CA CYS C 139 27.81 -36.15 -3.98
C CYS C 139 28.83 -36.86 -4.86
N LYS C 140 28.37 -37.40 -5.98
CA LYS C 140 29.24 -38.14 -6.90
C LYS C 140 29.59 -37.22 -8.06
N ARG C 141 30.73 -36.54 -7.97
CA ARG C 141 31.16 -35.67 -9.06
C ARG C 141 31.59 -36.48 -10.27
N GLY C 142 32.24 -37.62 -10.04
CA GLY C 142 32.66 -38.49 -11.11
C GLY C 142 32.48 -39.94 -10.72
N PRO C 143 33.49 -40.78 -10.98
CA PRO C 143 33.47 -42.18 -10.53
C PRO C 143 33.99 -42.34 -9.10
N GLY C 144 33.48 -41.52 -8.19
CA GLY C 144 33.93 -41.57 -6.81
C GLY C 144 33.20 -40.54 -5.98
N SER C 145 33.43 -40.61 -4.68
CA SER C 145 32.77 -39.71 -3.75
C SER C 145 33.23 -38.27 -3.99
N GLY C 146 32.30 -37.34 -3.82
CA GLY C 146 32.61 -35.93 -3.97
C GLY C 146 31.92 -35.08 -2.92
N PHE C 147 31.84 -33.77 -3.16
CA PHE C 147 31.22 -32.85 -2.22
C PHE C 147 30.93 -31.56 -2.97
N PHE C 148 30.30 -30.62 -2.27
CA PHE C 148 30.08 -29.30 -2.84
C PHE C 148 31.41 -28.70 -3.27
N SER C 149 31.46 -28.18 -4.50
CA SER C 149 32.71 -27.63 -5.02
C SER C 149 33.10 -26.33 -4.34
N ARG C 150 32.14 -25.64 -3.72
CA ARG C 150 32.39 -24.36 -3.07
C ARG C 150 32.57 -24.50 -1.57
N LEU C 151 32.55 -25.72 -1.04
CA LEU C 151 32.69 -25.98 0.38
C LEU C 151 33.74 -27.05 0.60
N ASN C 152 34.55 -26.87 1.64
CA ASN C 152 35.61 -27.79 2.01
C ASN C 152 35.17 -28.56 3.25
N TRP C 153 35.03 -29.88 3.12
CA TRP C 153 34.65 -30.72 4.24
C TRP C 153 35.91 -31.11 4.99
N LEU C 154 36.16 -30.42 6.11
CA LEU C 154 37.34 -30.66 6.92
C LEU C 154 37.06 -31.77 7.93
N THR C 155 38.01 -32.68 8.08
CA THR C 155 37.89 -33.78 9.03
C THR C 155 39.22 -33.95 9.74
N LYS C 156 39.22 -34.78 10.77
CA LYS C 156 40.44 -35.01 11.55
C LYS C 156 41.55 -35.56 10.65
N SER C 157 42.77 -35.07 10.87
CA SER C 157 43.94 -35.54 10.16
C SER C 157 44.65 -36.54 11.06
N GLY C 158 44.52 -37.83 10.72
CA GLY C 158 45.11 -38.87 11.54
C GLY C 158 44.19 -39.31 12.66
N SER C 159 44.43 -38.80 13.87
CA SER C 159 43.61 -39.13 15.02
C SER C 159 43.36 -37.90 15.89
N THR C 160 43.38 -36.71 15.30
CA THR C 160 43.17 -35.48 16.05
C THR C 160 42.60 -34.42 15.13
N TYR C 161 41.66 -33.63 15.66
CA TYR C 161 41.05 -32.51 14.95
C TYR C 161 41.30 -31.28 15.80
N PRO C 162 42.36 -30.51 15.52
CA PRO C 162 42.70 -29.38 16.38
C PRO C 162 41.64 -28.29 16.29
N VAL C 163 41.78 -27.29 17.15
CA VAL C 163 40.87 -26.15 17.17
C VAL C 163 41.26 -25.28 15.98
N LEU C 164 40.59 -25.49 14.86
CA LEU C 164 40.85 -24.69 13.67
C LEU C 164 40.57 -23.22 13.97
N ASN C 165 41.50 -22.36 13.58
CA ASN C 165 41.38 -20.93 13.90
C ASN C 165 42.04 -20.15 12.76
N VAL C 166 41.24 -19.73 11.80
CA VAL C 166 41.76 -19.09 10.59
C VAL C 166 41.15 -17.70 10.45
N THR C 167 41.88 -16.83 9.77
CA THR C 167 41.45 -15.47 9.49
C THR C 167 41.58 -15.19 8.00
N MET C 168 40.72 -14.30 7.52
CA MET C 168 40.72 -13.89 6.12
C MET C 168 40.28 -12.44 6.10
N PRO C 169 41.21 -11.49 5.94
CA PRO C 169 40.81 -10.08 5.89
C PRO C 169 40.18 -9.74 4.55
N ASN C 170 39.22 -8.82 4.59
CA ASN C 170 38.57 -8.31 3.39
C ASN C 170 39.27 -7.01 3.00
N ASN C 171 40.44 -7.15 2.39
CA ASN C 171 41.22 -6.01 1.95
C ASN C 171 40.71 -5.42 0.64
N ASP C 172 39.74 -6.05 0.00
CA ASP C 172 39.16 -5.52 -1.22
C ASP C 172 38.14 -4.45 -0.89
N ASN C 173 37.53 -3.88 -1.93
CA ASN C 173 36.56 -2.81 -1.79
C ASN C 173 35.13 -3.28 -2.04
N PHE C 174 34.86 -4.57 -1.89
CA PHE C 174 33.54 -5.13 -2.11
C PHE C 174 33.21 -6.12 -1.00
N ASP C 175 31.92 -6.35 -0.83
CA ASP C 175 31.47 -7.35 0.13
C ASP C 175 31.87 -8.75 -0.32
N LYS C 176 32.27 -9.58 0.63
CA LYS C 176 32.61 -10.98 0.37
C LYS C 176 31.56 -11.85 1.03
N LEU C 177 30.92 -12.70 0.24
CA LEU C 177 29.94 -13.64 0.76
C LEU C 177 30.63 -14.98 0.97
N TYR C 178 30.73 -15.40 2.23
CA TYR C 178 31.35 -16.66 2.61
C TYR C 178 30.23 -17.63 2.96
N ILE C 179 30.04 -18.65 2.13
CA ILE C 179 29.08 -19.71 2.41
C ILE C 179 29.85 -20.83 3.09
N TRP C 180 29.60 -21.01 4.39
CA TRP C 180 30.19 -22.09 5.16
C TRP C 180 29.06 -23.00 5.64
N GLY C 181 29.43 -24.10 6.29
CA GLY C 181 28.44 -25.04 6.75
C GLY C 181 28.89 -25.74 8.00
N VAL C 182 27.92 -26.35 8.68
CA VAL C 182 28.15 -27.12 9.89
C VAL C 182 27.62 -28.51 9.66
N HIS C 183 28.47 -29.52 9.85
CA HIS C 183 28.07 -30.90 9.66
C HIS C 183 27.28 -31.38 10.86
N HIS C 184 26.14 -32.03 10.60
CA HIS C 184 25.29 -32.62 11.63
C HIS C 184 25.38 -34.13 11.46
N PRO C 185 26.27 -34.81 12.18
CA PRO C 185 26.41 -36.26 12.00
C PRO C 185 25.22 -37.03 12.54
N SER C 186 25.04 -38.23 11.98
CA SER C 186 23.93 -39.06 12.40
C SER C 186 24.07 -39.52 13.84
N THR C 187 25.27 -39.92 14.25
CA THR C 187 25.49 -40.52 15.56
C THR C 187 26.79 -39.99 16.15
N ASN C 188 26.91 -40.16 17.47
CA ASN C 188 28.14 -39.76 18.15
C ASN C 188 29.34 -40.51 17.60
N GLN C 189 29.14 -41.74 17.13
CA GLN C 189 30.25 -42.49 16.53
C GLN C 189 30.77 -41.75 15.30
N GLU C 190 29.87 -41.29 14.44
CA GLU C 190 30.29 -40.51 13.27
C GLU C 190 30.95 -39.20 13.68
N GLN C 191 30.40 -38.54 14.70
CA GLN C 191 30.97 -37.29 15.18
C GLN C 191 32.42 -37.49 15.62
N THR C 192 32.68 -38.56 16.38
CA THR C 192 34.03 -38.80 16.87
C THR C 192 34.95 -39.27 15.74
N SER C 193 34.44 -40.11 14.83
CA SER C 193 35.26 -40.58 13.73
C SER C 193 35.70 -39.44 12.83
N LEU C 194 34.77 -38.54 12.49
CA LEU C 194 35.12 -37.38 11.67
C LEU C 194 35.81 -36.30 12.50
N TYR C 195 35.39 -36.13 13.75
CA TYR C 195 35.86 -35.01 14.58
C TYR C 195 36.08 -35.58 15.98
N VAL C 196 37.35 -35.77 16.36
CA VAL C 196 37.65 -36.45 17.61
C VAL C 196 36.84 -35.86 18.77
N GLN C 197 36.49 -34.58 18.68
CA GLN C 197 35.67 -33.97 19.72
C GLN C 197 34.26 -34.57 19.70
N ALA C 198 33.73 -34.84 20.90
CA ALA C 198 32.39 -35.41 21.01
C ALA C 198 31.31 -34.40 20.66
N SER C 199 31.63 -33.11 20.69
CA SER C 199 30.67 -32.07 20.36
C SER C 199 31.42 -30.93 19.70
N GLY C 200 31.16 -30.71 18.41
CA GLY C 200 31.83 -29.66 17.67
C GLY C 200 31.27 -28.29 17.97
N ARG C 201 31.78 -27.31 17.23
CA ARG C 201 31.35 -25.93 17.36
C ARG C 201 31.97 -25.13 16.23
N VAL C 202 31.18 -24.27 15.60
CA VAL C 202 31.66 -23.47 14.47
C VAL C 202 31.26 -22.03 14.72
N THR C 203 32.23 -21.19 15.08
CA THR C 203 32.02 -19.76 15.27
C THR C 203 32.66 -19.04 14.10
N VAL C 204 31.84 -18.52 13.20
CA VAL C 204 32.30 -17.69 12.09
C VAL C 204 31.84 -16.26 12.37
N SER C 205 32.79 -15.35 12.44
CA SER C 205 32.50 -14.01 12.94
C SER C 205 33.27 -12.96 12.15
N THR C 206 32.75 -11.75 12.19
CA THR C 206 33.42 -10.56 11.68
C THR C 206 33.58 -9.58 12.84
N ARG C 207 34.20 -8.43 12.55
CA ARG C 207 34.39 -7.44 13.60
C ARG C 207 33.07 -6.92 14.15
N ARG C 208 31.98 -7.10 13.41
CA ARG C 208 30.66 -6.62 13.81
C ARG C 208 29.65 -7.73 14.03
N SER C 209 29.75 -8.84 13.32
CA SER C 209 28.78 -9.92 13.38
C SER C 209 29.42 -11.15 14.02
N GLN C 210 28.60 -12.19 14.22
CA GLN C 210 29.05 -13.41 14.85
C GLN C 210 27.96 -14.46 14.67
N GLN C 211 28.37 -15.68 14.34
CA GLN C 211 27.44 -16.81 14.21
C GLN C 211 28.15 -18.05 14.76
N THR C 212 27.69 -18.54 15.90
CA THR C 212 28.21 -19.77 16.48
C THR C 212 27.14 -20.84 16.40
N ILE C 213 27.50 -21.98 15.82
CA ILE C 213 26.59 -23.08 15.57
C ILE C 213 27.14 -24.32 16.27
N ILE C 214 26.30 -24.98 17.04
CA ILE C 214 26.63 -26.25 17.68
C ILE C 214 26.05 -27.36 16.82
N PRO C 215 26.88 -28.28 16.30
CA PRO C 215 26.33 -29.36 15.48
C PRO C 215 25.37 -30.24 16.26
N ASN C 216 24.37 -30.74 15.55
CA ASN C 216 23.32 -31.58 16.14
C ASN C 216 23.61 -33.03 15.77
N ILE C 217 24.02 -33.82 16.76
CA ILE C 217 24.37 -35.23 16.54
C ILE C 217 23.09 -36.03 16.78
N GLY C 218 22.31 -36.21 15.71
CA GLY C 218 21.10 -37.01 15.79
C GLY C 218 20.69 -37.57 14.45
N SER C 219 20.15 -38.78 14.45
CA SER C 219 19.66 -39.38 13.22
C SER C 219 18.43 -38.64 12.70
N ARG C 220 18.15 -38.83 11.43
CA ARG C 220 17.09 -38.11 10.75
C ARG C 220 16.84 -38.77 9.39
N PRO C 221 15.84 -38.33 8.62
CA PRO C 221 15.48 -39.09 7.42
C PRO C 221 16.64 -39.26 6.47
N TRP C 222 16.73 -40.43 5.87
CA TRP C 222 17.76 -40.69 4.87
C TRP C 222 17.48 -39.89 3.60
N VAL C 223 18.47 -39.15 3.14
CA VAL C 223 18.40 -38.40 1.91
C VAL C 223 19.65 -38.74 1.11
N ARG C 224 19.48 -39.46 0.00
CA ARG C 224 20.59 -39.95 -0.79
C ARG C 224 21.54 -40.80 0.06
N GLY C 225 20.96 -41.59 0.96
CA GLY C 225 21.71 -42.54 1.74
C GLY C 225 22.34 -42.02 3.01
N LEU C 226 22.07 -40.77 3.39
CA LEU C 226 22.69 -40.17 4.56
C LEU C 226 21.63 -39.65 5.50
N SER C 227 21.78 -39.97 6.79
CA SER C 227 21.00 -39.35 7.85
C SER C 227 21.76 -38.22 8.53
N SER C 228 22.87 -37.78 7.95
CA SER C 228 23.58 -36.59 8.39
C SER C 228 23.18 -35.41 7.50
N ARG C 229 23.47 -34.21 7.98
CA ARG C 229 23.06 -33.00 7.27
C ARG C 229 24.21 -32.00 7.24
N ILE C 230 24.02 -30.96 6.44
CA ILE C 230 24.88 -29.78 6.45
C ILE C 230 23.96 -28.58 6.65
N SER C 231 24.16 -27.85 7.74
CA SER C 231 23.46 -26.59 7.95
C SER C 231 24.30 -25.49 7.32
N ILE C 232 23.74 -24.84 6.30
CA ILE C 232 24.49 -23.86 5.51
C ILE C 232 24.24 -22.48 6.08
N TYR C 233 25.32 -21.76 6.35
CA TYR C 233 25.26 -20.40 6.84
C TYR C 233 26.13 -19.52 5.94
N TRP C 234 25.84 -18.23 5.97
CA TRP C 234 26.59 -17.27 5.16
C TRP C 234 27.02 -16.11 6.03
N THR C 235 28.21 -15.60 5.76
CA THR C 235 28.74 -14.41 6.42
C THR C 235 29.13 -13.41 5.35
N ILE C 236 28.64 -12.18 5.47
CA ILE C 236 29.00 -11.10 4.56
C ILE C 236 30.05 -10.25 5.25
N VAL C 237 31.24 -10.22 4.65
CA VAL C 237 32.38 -9.47 5.16
C VAL C 237 32.48 -8.19 4.35
N LYS C 238 32.22 -7.06 4.99
CA LYS C 238 32.30 -5.78 4.32
C LYS C 238 33.76 -5.38 4.14
N PRO C 239 34.04 -4.46 3.21
CA PRO C 239 35.42 -4.06 2.97
C PRO C 239 36.10 -3.58 4.25
N GLY C 240 37.35 -3.97 4.42
CA GLY C 240 38.10 -3.69 5.63
C GLY C 240 37.81 -4.64 6.77
N ASP C 241 36.65 -5.28 6.79
CA ASP C 241 36.34 -6.26 7.82
C ASP C 241 37.14 -7.54 7.60
N VAL C 242 37.17 -8.37 8.64
CA VAL C 242 37.94 -9.61 8.63
C VAL C 242 37.03 -10.75 9.08
N LEU C 243 37.14 -11.89 8.41
CA LEU C 243 36.39 -13.09 8.77
C LEU C 243 37.29 -14.00 9.59
N VAL C 244 36.82 -14.40 10.77
CA VAL C 244 37.52 -15.38 11.60
C VAL C 244 36.62 -16.60 11.71
N ILE C 245 37.19 -17.77 11.39
CA ILE C 245 36.51 -19.04 11.52
C ILE C 245 37.23 -19.83 12.62
N ASN C 246 36.52 -20.10 13.71
CA ASN C 246 37.03 -20.89 14.82
C ASN C 246 36.14 -22.13 14.93
N SER C 247 36.72 -23.29 14.62
CA SER C 247 35.97 -24.54 14.58
C SER C 247 36.62 -25.55 15.50
N ASN C 248 35.89 -25.96 16.53
CA ASN C 248 36.26 -27.12 17.32
C ASN C 248 35.89 -28.43 16.62
N GLY C 249 35.12 -28.36 15.55
CA GLY C 249 34.69 -29.54 14.82
C GLY C 249 33.46 -29.23 14.00
N ASN C 250 33.16 -30.16 13.10
CA ASN C 250 31.93 -30.10 12.29
C ASN C 250 31.87 -28.84 11.44
N LEU C 251 33.01 -28.43 10.88
CA LEU C 251 33.08 -27.25 10.04
C LEU C 251 33.10 -27.66 8.57
N ILE C 252 32.10 -27.23 7.82
CA ILE C 252 32.11 -27.30 6.38
C ILE C 252 32.58 -25.92 5.92
N ALA C 253 33.89 -25.77 5.82
CA ALA C 253 34.50 -24.46 5.66
C ALA C 253 34.24 -23.91 4.26
N PRO C 254 34.39 -22.60 4.07
CA PRO C 254 34.30 -22.05 2.72
C PRO C 254 35.63 -22.16 2.00
N ARG C 255 35.57 -22.47 0.71
CA ARG C 255 36.76 -22.50 -0.13
C ARG C 255 37.13 -21.12 -0.63
N GLY C 256 36.35 -20.10 -0.29
CA GLY C 256 36.56 -18.77 -0.82
C GLY C 256 35.36 -17.90 -0.50
N TYR C 257 35.09 -16.95 -1.39
CA TYR C 257 33.96 -16.06 -1.20
C TYR C 257 33.28 -15.78 -2.54
N PHE C 258 31.97 -15.53 -2.48
CA PHE C 258 31.22 -15.12 -3.65
C PHE C 258 31.19 -13.58 -3.68
N LYS C 259 31.69 -13.01 -4.77
CA LYS C 259 31.70 -11.56 -4.89
C LYS C 259 30.26 -11.06 -4.99
N MET C 260 29.95 -10.06 -4.17
CA MET C 260 28.59 -9.54 -4.05
C MET C 260 28.43 -8.28 -4.88
N ARG C 261 27.39 -8.26 -5.71
CA ARG C 261 27.03 -7.09 -6.51
C ARG C 261 25.70 -6.54 -6.05
N THR C 262 25.39 -5.34 -6.51
CA THR C 262 24.10 -4.70 -6.31
C THR C 262 23.58 -4.28 -7.68
N GLY C 263 22.34 -4.63 -7.99
CA GLY C 263 21.80 -4.30 -9.29
C GLY C 263 20.42 -4.89 -9.50
N LYS C 264 20.07 -5.04 -10.77
CA LYS C 264 18.74 -5.43 -11.21
C LYS C 264 18.52 -6.93 -11.20
N SER C 265 19.34 -7.69 -10.49
CA SER C 265 19.25 -9.14 -10.55
C SER C 265 18.22 -9.68 -9.55
N SER C 266 17.64 -10.82 -9.87
CA SER C 266 16.63 -11.45 -9.03
C SER C 266 16.49 -12.91 -9.45
N ILE C 267 15.54 -13.60 -8.83
CA ILE C 267 15.29 -15.01 -9.09
C ILE C 267 13.79 -15.21 -9.27
N MET C 268 13.42 -16.05 -10.24
CA MET C 268 12.03 -16.35 -10.54
C MET C 268 11.84 -17.86 -10.59
N ARG C 269 10.80 -18.35 -9.91
CA ARG C 269 10.38 -19.75 -10.04
C ARG C 269 9.43 -19.82 -11.23
N SER C 270 9.85 -20.50 -12.30
CA SER C 270 9.07 -20.54 -13.52
C SER C 270 9.46 -21.78 -14.32
N ASP C 271 8.47 -22.41 -14.93
CA ASP C 271 8.69 -23.51 -15.86
C ASP C 271 8.51 -23.07 -17.31
N ALA C 272 8.37 -21.78 -17.55
CA ALA C 272 8.21 -21.28 -18.92
C ALA C 272 9.52 -21.42 -19.68
N PRO C 273 9.51 -22.01 -20.87
CA PRO C 273 10.77 -22.18 -21.60
C PRO C 273 11.36 -20.84 -22.02
N ILE C 274 12.68 -20.83 -22.17
CA ILE C 274 13.39 -19.64 -22.65
C ILE C 274 13.31 -19.61 -24.16
N ASP C 275 12.98 -18.44 -24.72
CA ASP C 275 12.80 -18.29 -26.16
C ASP C 275 13.69 -17.16 -26.66
N THR C 276 14.14 -17.29 -27.91
CA THR C 276 14.94 -16.26 -28.56
C THR C 276 14.00 -15.12 -28.94
N CYS C 277 13.76 -14.25 -27.97
CA CYS C 277 12.77 -13.18 -28.08
C CYS C 277 13.12 -12.07 -27.10
N ILE C 278 12.52 -10.91 -27.32
CA ILE C 278 12.82 -9.70 -26.56
C ILE C 278 11.56 -9.27 -25.82
N SER C 279 11.70 -9.03 -24.52
CA SER C 279 10.61 -8.49 -23.71
C SER C 279 11.18 -7.98 -22.41
N GLU C 280 10.89 -6.73 -22.07
CA GLU C 280 11.40 -6.12 -20.86
C GLU C 280 10.68 -6.61 -19.61
N CYS C 281 9.57 -7.32 -19.77
CA CYS C 281 8.79 -7.83 -18.64
C CYS C 281 8.80 -9.35 -18.66
N ILE C 282 9.04 -9.96 -17.51
CA ILE C 282 9.07 -11.41 -17.38
C ILE C 282 8.15 -11.80 -16.23
N THR C 283 7.31 -12.79 -16.47
CA THR C 283 6.44 -13.38 -15.46
C THR C 283 6.73 -14.88 -15.38
N PRO C 284 6.38 -15.53 -14.28
CA PRO C 284 6.49 -17.00 -14.25
C PRO C 284 5.70 -17.66 -15.37
N ASN C 285 4.60 -17.03 -15.80
CA ASN C 285 3.85 -17.49 -16.95
C ASN C 285 4.63 -17.33 -18.26
N GLY C 286 5.70 -16.56 -18.25
CA GLY C 286 6.42 -16.17 -19.45
C GLY C 286 6.48 -14.66 -19.60
N SER C 287 7.19 -14.24 -20.63
CA SER C 287 7.30 -12.81 -20.90
C SER C 287 5.98 -12.27 -21.43
N ILE C 288 5.66 -11.04 -21.02
CA ILE C 288 4.44 -10.37 -21.46
C ILE C 288 4.81 -8.98 -22.01
N PRO C 289 4.10 -8.46 -22.99
CA PRO C 289 4.36 -7.08 -23.43
C PRO C 289 3.98 -6.09 -22.34
N ASN C 290 4.77 -5.02 -22.23
CA ASN C 290 4.55 -3.98 -21.24
C ASN C 290 3.91 -2.74 -21.85
N ASP C 291 3.31 -2.87 -23.03
CA ASP C 291 2.62 -1.73 -23.64
C ASP C 291 1.45 -1.27 -22.79
N LYS C 292 0.69 -2.21 -22.23
CA LYS C 292 -0.44 -1.87 -21.38
C LYS C 292 0.04 -1.50 -19.98
N PRO C 293 -0.67 -0.61 -19.29
CA PRO C 293 -0.22 -0.20 -17.95
C PRO C 293 -0.49 -1.24 -16.88
N PHE C 294 -1.43 -2.16 -17.10
CA PHE C 294 -1.77 -3.17 -16.12
C PHE C 294 -1.69 -4.54 -16.78
N GLN C 295 -1.47 -5.56 -15.96
CA GLN C 295 -1.41 -6.93 -16.42
C GLN C 295 -2.06 -7.83 -15.39
N ASN C 296 -2.83 -8.81 -15.87
CA ASN C 296 -3.49 -9.80 -15.01
C ASN C 296 -2.85 -11.17 -15.15
N VAL C 297 -1.59 -11.23 -15.57
CA VAL C 297 -0.93 -12.51 -15.80
C VAL C 297 -0.41 -13.09 -14.49
N ASN C 298 0.44 -12.33 -13.80
CA ASN C 298 1.06 -12.84 -12.58
C ASN C 298 1.46 -11.66 -11.71
N LYS C 299 1.19 -11.79 -10.40
CA LYS C 299 1.68 -10.81 -9.45
C LYS C 299 3.20 -10.86 -9.31
N ILE C 300 3.81 -11.98 -9.68
CA ILE C 300 5.26 -12.11 -9.69
C ILE C 300 5.76 -11.59 -11.03
N THR C 301 6.56 -10.52 -10.99
CA THR C 301 7.01 -9.85 -12.20
C THR C 301 8.48 -9.46 -12.06
N TYR C 302 9.14 -9.31 -13.20
CA TYR C 302 10.52 -8.85 -13.26
C TYR C 302 10.69 -7.90 -14.43
N GLY C 303 11.37 -6.79 -14.19
CA GLY C 303 11.65 -5.84 -15.24
C GLY C 303 10.59 -4.78 -15.37
N ALA C 304 10.57 -4.13 -16.54
CA ALA C 304 9.61 -3.07 -16.85
C ALA C 304 8.26 -3.73 -17.12
N CYS C 305 7.52 -3.99 -16.05
CA CYS C 305 6.29 -4.76 -16.12
C CYS C 305 5.08 -3.89 -15.83
N PRO C 306 3.92 -4.20 -16.42
CA PRO C 306 2.69 -3.53 -16.03
C PRO C 306 2.29 -3.88 -14.60
N LYS C 307 1.60 -2.95 -13.95
CA LYS C 307 1.12 -3.20 -12.60
C LYS C 307 0.13 -4.35 -12.60
N TYR C 308 0.23 -5.22 -11.60
CA TYR C 308 -0.70 -6.33 -11.49
C TYR C 308 -2.02 -5.86 -10.91
N VAL C 309 -3.11 -6.24 -11.57
CA VAL C 309 -4.46 -5.90 -11.11
C VAL C 309 -5.29 -7.17 -11.12
N LYS C 310 -6.33 -7.18 -10.29
CA LYS C 310 -7.26 -8.31 -10.24
C LYS C 310 -8.23 -8.32 -11.43
N GLN C 311 -8.32 -7.22 -12.17
CA GLN C 311 -9.23 -7.15 -13.30
C GLN C 311 -8.67 -7.95 -14.47
N ASN C 312 -9.50 -8.78 -15.07
CA ASN C 312 -9.12 -9.48 -16.29
C ASN C 312 -9.32 -8.62 -17.54
N THR C 313 -10.05 -7.52 -17.44
CA THR C 313 -10.18 -6.58 -18.54
C THR C 313 -10.50 -5.20 -17.99
N LEU C 314 -9.90 -4.17 -18.60
CA LEU C 314 -10.18 -2.78 -18.28
C LEU C 314 -10.13 -2.01 -19.60
N LYS C 315 -11.29 -1.81 -20.21
CA LYS C 315 -11.35 -1.15 -21.51
C LYS C 315 -11.35 0.36 -21.30
N LEU C 316 -10.40 1.04 -21.91
CA LEU C 316 -10.29 2.49 -21.86
C LEU C 316 -10.84 3.07 -23.15
N ALA C 317 -11.78 4.00 -23.03
CA ALA C 317 -12.40 4.62 -24.18
C ALA C 317 -11.38 5.46 -24.92
N THR C 318 -10.96 5.00 -26.10
CA THR C 318 -10.13 5.78 -27.00
C THR C 318 -10.94 6.46 -28.09
N GLY C 319 -12.27 6.42 -27.98
CA GLY C 319 -13.14 7.09 -28.91
C GLY C 319 -14.27 7.81 -28.19
N MET C 320 -15.40 7.98 -28.86
CA MET C 320 -16.54 8.71 -28.31
C MET C 320 -17.76 7.79 -28.28
N ARG C 321 -18.90 8.38 -27.91
CA ARG C 321 -20.16 7.63 -27.86
C ARG C 321 -20.51 7.09 -29.25
N ASN C 322 -21.14 5.91 -29.27
CA ASN C 322 -21.86 5.43 -30.43
C ASN C 322 -23.35 5.69 -30.23
N VAL C 323 -23.95 6.40 -31.18
CA VAL C 323 -25.39 6.58 -31.24
C VAL C 323 -25.78 6.21 -32.67
N PRO C 324 -25.72 4.92 -33.04
CA PRO C 324 -25.83 4.55 -34.46
C PRO C 324 -27.05 5.13 -35.15
N GLU C 325 -26.98 5.26 -36.47
CA GLU C 325 -28.05 5.84 -37.26
C GLU C 325 -29.39 5.15 -36.99
N ALA C 334 -33.82 14.83 -43.89
CA ALA C 334 -33.63 14.11 -42.65
C ALA C 334 -32.17 13.75 -42.42
N ILE C 335 -31.38 14.77 -42.09
CA ILE C 335 -29.94 14.61 -41.86
C ILE C 335 -29.60 15.06 -40.44
N ALA C 336 -30.52 14.80 -39.50
CA ALA C 336 -30.37 15.25 -38.12
C ALA C 336 -28.95 15.03 -37.60
N GLY C 337 -28.51 15.92 -36.72
CA GLY C 337 -27.13 15.97 -36.28
C GLY C 337 -26.86 15.14 -35.04
N PHE C 338 -25.86 15.59 -34.26
CA PHE C 338 -25.36 14.80 -33.15
C PHE C 338 -26.41 14.61 -32.06
N ILE C 339 -27.29 15.59 -31.85
CA ILE C 339 -28.27 15.49 -30.79
C ILE C 339 -29.15 14.26 -31.00
N GLU C 340 -29.52 13.99 -32.25
CA GLU C 340 -30.39 12.86 -32.55
C GLU C 340 -29.62 11.55 -32.61
N ASN C 341 -28.60 11.48 -33.46
CA ASN C 341 -27.96 10.22 -33.78
C ASN C 341 -26.52 10.46 -34.20
N GLY C 342 -25.71 9.41 -34.09
CA GLY C 342 -24.38 9.44 -34.65
C GLY C 342 -24.37 9.11 -36.13
N TRP C 343 -23.30 9.52 -36.80
CA TRP C 343 -23.18 9.39 -38.25
C TRP C 343 -22.31 8.20 -38.58
N GLU C 344 -22.94 7.12 -39.06
CA GLU C 344 -22.18 5.94 -39.46
C GLU C 344 -21.38 6.19 -40.73
N GLY C 345 -21.91 7.00 -41.64
CA GLY C 345 -21.31 7.20 -42.95
C GLY C 345 -20.15 8.14 -43.02
N MET C 346 -19.75 8.76 -41.91
CA MET C 346 -18.62 9.69 -41.88
C MET C 346 -17.39 8.95 -41.37
N ILE C 347 -16.40 8.78 -42.24
CA ILE C 347 -15.14 8.15 -41.88
C ILE C 347 -13.96 9.09 -41.99
N ASP C 348 -14.11 10.23 -42.67
CA ASP C 348 -12.99 11.16 -42.82
C ASP C 348 -12.52 11.67 -41.47
N GLY C 349 -13.44 12.00 -40.58
CA GLY C 349 -13.07 12.52 -39.28
C GLY C 349 -14.03 12.09 -38.18
N TRP C 350 -13.86 12.67 -37.00
CA TRP C 350 -14.71 12.36 -35.86
C TRP C 350 -15.96 13.23 -35.83
N TYR C 351 -15.81 14.53 -36.07
CA TYR C 351 -16.93 15.47 -36.12
C TYR C 351 -16.99 16.09 -37.51
N GLY C 352 -18.20 16.43 -37.95
CA GLY C 352 -18.34 16.96 -39.29
C GLY C 352 -19.70 17.58 -39.49
N PHE C 353 -19.91 18.06 -40.71
CA PHE C 353 -21.13 18.72 -41.13
C PHE C 353 -21.77 17.95 -42.28
N ARG C 354 -23.10 17.93 -42.28
CA ARG C 354 -23.90 17.43 -43.40
C ARG C 354 -24.85 18.56 -43.80
N HIS C 355 -24.78 18.98 -45.06
CA HIS C 355 -25.55 20.11 -45.52
C HIS C 355 -26.51 19.70 -46.63
N GLN C 356 -27.66 20.36 -46.66
CA GLN C 356 -28.62 20.26 -47.76
C GLN C 356 -28.92 21.66 -48.25
N ASN C 357 -28.56 21.94 -49.50
CA ASN C 357 -28.81 23.23 -50.13
C ASN C 357 -29.34 23.00 -51.54
N SER C 358 -29.57 24.09 -52.26
CA SER C 358 -30.10 23.98 -53.62
C SER C 358 -29.19 23.17 -54.52
N GLU C 359 -27.91 23.06 -54.19
CA GLU C 359 -26.95 22.31 -54.99
C GLU C 359 -26.87 20.84 -54.60
N GLY C 360 -27.68 20.38 -53.66
CA GLY C 360 -27.72 18.99 -53.27
C GLY C 360 -27.03 18.74 -51.94
N THR C 361 -27.29 17.55 -51.41
CA THR C 361 -26.73 17.17 -50.11
C THR C 361 -25.23 16.91 -50.22
N GLY C 362 -24.53 17.20 -49.13
CA GLY C 362 -23.09 16.96 -49.06
C GLY C 362 -22.66 16.80 -47.62
N GLN C 363 -21.40 16.42 -47.45
CA GLN C 363 -20.83 16.19 -46.13
C GLN C 363 -19.36 16.58 -46.14
N ALA C 364 -18.84 16.91 -44.97
CA ALA C 364 -17.44 17.26 -44.82
C ALA C 364 -17.05 17.18 -43.36
N ALA C 365 -16.01 16.41 -43.07
CA ALA C 365 -15.56 16.26 -41.69
C ALA C 365 -14.85 17.53 -41.22
N ASP C 366 -14.99 17.81 -39.92
CA ASP C 366 -14.33 18.94 -39.28
C ASP C 366 -12.99 18.46 -38.75
N LEU C 367 -11.90 18.92 -39.37
CA LEU C 367 -10.58 18.43 -38.98
C LEU C 367 -10.10 19.03 -37.68
N LYS C 368 -10.46 20.29 -37.39
CA LYS C 368 -9.96 20.95 -36.20
C LYS C 368 -10.46 20.26 -34.93
N SER C 369 -11.77 20.07 -34.82
CA SER C 369 -12.33 19.44 -33.62
C SER C 369 -11.93 17.96 -33.55
N THR C 370 -11.91 17.29 -34.69
CA THR C 370 -11.47 15.90 -34.72
C THR C 370 -10.05 15.77 -34.17
N GLN C 371 -9.15 16.63 -34.64
CA GLN C 371 -7.76 16.57 -34.18
C GLN C 371 -7.64 16.97 -32.72
N ALA C 372 -8.44 17.95 -32.29
CA ALA C 372 -8.43 18.31 -30.87
C ALA C 372 -8.80 17.11 -30.01
N ALA C 373 -9.89 16.42 -30.36
CA ALA C 373 -10.31 15.25 -29.59
C ALA C 373 -9.25 14.15 -29.64
N ILE C 374 -8.68 13.89 -30.82
CA ILE C 374 -7.71 12.82 -30.95
C ILE C 374 -6.46 13.13 -30.14
N ASP C 375 -5.98 14.36 -30.20
CA ASP C 375 -4.80 14.75 -29.43
C ASP C 375 -5.07 14.67 -27.93
N GLN C 376 -6.26 15.11 -27.49
CA GLN C 376 -6.58 15.03 -26.07
C GLN C 376 -6.66 13.59 -25.61
N ILE C 377 -7.19 12.70 -26.46
CA ILE C 377 -7.36 11.30 -26.06
C ILE C 377 -6.08 10.48 -26.21
N ASN C 378 -5.12 10.94 -27.01
CA ASN C 378 -3.97 10.12 -27.35
C ASN C 378 -3.18 9.72 -26.10
N GLY C 379 -2.82 10.69 -25.28
CA GLY C 379 -1.94 10.42 -24.16
C GLY C 379 -2.62 10.49 -22.80
N LYS C 380 -3.95 10.38 -22.78
CA LYS C 380 -4.68 10.51 -21.51
C LYS C 380 -4.12 9.58 -20.45
N LEU C 381 -4.00 8.30 -20.79
CA LEU C 381 -3.55 7.30 -19.83
C LEU C 381 -2.08 7.48 -19.49
N ASN C 382 -1.27 7.88 -20.47
CA ASN C 382 0.16 8.00 -20.25
C ASN C 382 0.49 9.13 -19.28
N ARG C 383 -0.24 10.23 -19.35
CA ARG C 383 0.06 11.40 -18.53
C ARG C 383 -0.51 11.30 -17.12
N VAL C 384 -0.91 10.10 -16.69
CA VAL C 384 -1.31 9.87 -15.30
C VAL C 384 -0.65 8.67 -14.68
N ILE C 385 -0.11 7.74 -15.46
CA ILE C 385 0.69 6.62 -14.96
C ILE C 385 2.12 6.81 -15.44
N GLU C 386 3.08 6.63 -14.54
CA GLU C 386 4.48 6.70 -14.92
C GLU C 386 4.75 5.74 -16.08
N LYS C 387 5.87 5.98 -16.77
CA LYS C 387 6.19 5.20 -17.96
C LYS C 387 5.94 3.71 -17.73
N THR C 388 6.69 3.11 -16.80
CA THR C 388 6.42 1.75 -16.36
C THR C 388 7.26 1.43 -15.13
N ASN C 389 6.60 0.92 -14.07
CA ASN C 389 7.33 0.54 -12.87
C ASN C 389 8.27 -0.61 -13.16
N GLU C 390 9.57 -0.36 -13.07
CA GLU C 390 10.60 -1.33 -13.39
C GLU C 390 11.13 -1.91 -12.08
N LYS C 391 10.58 -3.06 -11.70
CA LYS C 391 10.90 -3.72 -10.45
C LYS C 391 11.76 -4.94 -10.77
N PHE C 392 12.86 -5.13 -10.04
CA PHE C 392 13.80 -6.19 -10.39
C PHE C 392 13.80 -7.25 -9.30
N HIS C 393 14.18 -6.92 -8.08
CA HIS C 393 14.05 -7.89 -7.00
C HIS C 393 12.89 -7.50 -6.11
N GLN C 394 12.14 -8.49 -5.64
CA GLN C 394 10.93 -8.24 -4.88
C GLN C 394 10.91 -9.21 -3.70
N ILE C 395 9.77 -9.23 -3.01
CA ILE C 395 9.49 -10.21 -1.98
C ILE C 395 9.03 -11.50 -2.65
N GLU C 396 9.04 -12.61 -1.92
CA GLU C 396 8.43 -13.82 -2.43
C GLU C 396 6.93 -13.71 -2.33
N LYS C 397 6.25 -14.02 -3.43
CA LYS C 397 4.82 -13.83 -3.53
C LYS C 397 4.07 -15.17 -3.63
N GLU C 398 4.78 -16.26 -3.89
CA GLU C 398 4.24 -17.61 -3.84
C GLU C 398 5.10 -18.43 -2.90
N PHE C 399 4.47 -19.18 -2.01
CA PHE C 399 5.18 -19.95 -1.01
C PHE C 399 4.74 -21.41 -1.04
N SER C 400 5.70 -22.32 -0.93
CA SER C 400 5.43 -23.76 -0.93
C SER C 400 5.35 -24.34 0.48
N GLU C 401 5.92 -23.68 1.48
CA GLU C 401 5.85 -24.12 2.86
C GLU C 401 5.01 -23.14 3.66
N VAL C 402 4.42 -23.64 4.75
CA VAL C 402 3.66 -22.80 5.67
C VAL C 402 4.64 -22.32 6.73
N GLU C 403 5.15 -21.10 6.56
CA GLU C 403 6.13 -20.53 7.47
C GLU C 403 5.48 -19.79 8.63
N GLY C 404 4.43 -19.02 8.36
CA GLY C 404 3.68 -18.37 9.42
C GLY C 404 3.71 -16.86 9.37
N ARG C 405 4.33 -16.25 10.38
CA ARG C 405 4.20 -14.81 10.57
C ARG C 405 4.83 -14.02 9.41
N ILE C 406 6.07 -14.34 9.05
CA ILE C 406 6.75 -13.58 8.01
C ILE C 406 6.09 -13.85 6.66
N GLN C 407 5.75 -15.10 6.38
CA GLN C 407 5.03 -15.42 5.14
C GLN C 407 3.68 -14.74 5.11
N ASP C 408 2.99 -14.71 6.25
CA ASP C 408 1.70 -14.05 6.32
C ASP C 408 1.84 -12.55 6.05
N LEU C 409 2.90 -11.93 6.59
CA LEU C 409 3.15 -10.52 6.32
C LEU C 409 3.46 -10.28 4.86
N GLU C 410 4.25 -11.15 4.24
CA GLU C 410 4.53 -11.01 2.81
C GLU C 410 3.26 -11.12 1.99
N LYS C 411 2.42 -12.12 2.31
CA LYS C 411 1.16 -12.29 1.59
C LYS C 411 0.26 -11.09 1.79
N TYR C 412 0.20 -10.55 3.01
CA TYR C 412 -0.61 -9.37 3.28
C TYR C 412 -0.09 -8.15 2.53
N VAL C 413 1.22 -7.95 2.49
CA VAL C 413 1.77 -6.81 1.76
C VAL C 413 1.43 -6.91 0.28
N GLU C 414 1.63 -8.09 -0.30
CA GLU C 414 1.30 -8.26 -1.71
C GLU C 414 -0.19 -8.12 -1.97
N ASP C 415 -1.04 -8.68 -1.12
CA ASP C 415 -2.48 -8.58 -1.33
C ASP C 415 -2.96 -7.14 -1.19
N THR C 416 -2.40 -6.40 -0.22
CA THR C 416 -2.72 -4.99 -0.09
C THR C 416 -2.28 -4.22 -1.33
N LYS C 417 -1.07 -4.49 -1.82
CA LYS C 417 -0.62 -3.83 -3.04
C LYS C 417 -1.53 -4.14 -4.20
N ILE C 418 -1.92 -5.41 -4.35
CA ILE C 418 -2.76 -5.80 -5.47
C ILE C 418 -4.12 -5.13 -5.38
N ASP C 419 -4.72 -5.11 -4.18
CA ASP C 419 -6.02 -4.48 -4.02
C ASP C 419 -5.95 -2.98 -4.28
N LEU C 420 -4.92 -2.32 -3.76
CA LEU C 420 -4.81 -0.88 -3.95
C LEU C 420 -4.59 -0.55 -5.42
N TRP C 421 -3.75 -1.31 -6.11
CA TRP C 421 -3.50 -1.03 -7.52
C TRP C 421 -4.70 -1.44 -8.39
N SER C 422 -5.45 -2.45 -7.98
CA SER C 422 -6.67 -2.79 -8.70
C SER C 422 -7.73 -1.72 -8.54
N TYR C 423 -7.87 -1.16 -7.35
CA TYR C 423 -8.76 -0.01 -7.17
C TYR C 423 -8.26 1.17 -7.97
N ASN C 424 -6.94 1.40 -7.99
CA ASN C 424 -6.40 2.49 -8.78
C ASN C 424 -6.72 2.31 -10.26
N ALA C 425 -6.59 1.08 -10.76
CA ALA C 425 -6.91 0.81 -12.16
C ALA C 425 -8.40 1.02 -12.43
N GLU C 426 -9.27 0.49 -11.56
CA GLU C 426 -10.71 0.72 -11.74
C GLU C 426 -11.03 2.20 -11.78
N LEU C 427 -10.57 2.94 -10.77
CA LEU C 427 -10.90 4.36 -10.67
C LEU C 427 -10.30 5.13 -11.84
N LEU C 428 -9.07 4.81 -12.23
CA LEU C 428 -8.44 5.52 -13.33
C LEU C 428 -9.16 5.26 -14.64
N VAL C 429 -9.53 4.00 -14.91
CA VAL C 429 -10.24 3.70 -16.15
C VAL C 429 -11.60 4.38 -16.15
N ALA C 430 -12.32 4.33 -15.03
CA ALA C 430 -13.61 5.00 -14.98
C ALA C 430 -13.47 6.50 -15.18
N LEU C 431 -12.49 7.11 -14.51
CA LEU C 431 -12.28 8.55 -14.63
C LEU C 431 -11.86 8.95 -16.04
N GLU C 432 -10.94 8.18 -16.64
CA GLU C 432 -10.47 8.52 -17.97
C GLU C 432 -11.55 8.29 -19.01
N ASN C 433 -12.39 7.27 -18.84
CA ASN C 433 -13.49 7.06 -19.76
C ASN C 433 -14.54 8.14 -19.61
N GLN C 434 -14.85 8.53 -18.37
CA GLN C 434 -15.77 9.64 -18.15
C GLN C 434 -15.24 10.92 -18.77
N HIS C 435 -13.94 11.18 -18.60
CA HIS C 435 -13.35 12.37 -19.18
C HIS C 435 -13.33 12.31 -20.70
N THR C 436 -13.07 11.13 -21.27
CA THR C 436 -13.10 10.98 -22.73
C THR C 436 -14.50 11.23 -23.27
N ILE C 437 -15.51 10.69 -22.60
CA ILE C 437 -16.89 10.89 -23.06
C ILE C 437 -17.28 12.35 -22.95
N ASP C 438 -17.02 12.96 -21.79
CA ASP C 438 -17.33 14.38 -21.61
C ASP C 438 -16.54 15.23 -22.58
N LEU C 439 -15.32 14.81 -22.93
CA LEU C 439 -14.46 15.58 -23.82
C LEU C 439 -14.95 15.52 -25.26
N THR C 440 -15.36 14.34 -25.72
CA THR C 440 -15.92 14.23 -27.05
C THR C 440 -17.25 14.97 -27.14
N ASP C 441 -18.08 14.86 -26.10
CA ASP C 441 -19.32 15.63 -26.06
C ASP C 441 -19.04 17.12 -26.08
N SER C 442 -18.00 17.56 -25.36
CA SER C 442 -17.67 18.97 -25.32
C SER C 442 -17.11 19.44 -26.65
N GLU C 443 -16.36 18.59 -27.36
CA GLU C 443 -15.90 18.95 -28.70
C GLU C 443 -17.07 19.11 -29.65
N MET C 444 -18.03 18.19 -29.60
CA MET C 444 -19.23 18.32 -30.44
C MET C 444 -19.99 19.60 -30.10
N ASN C 445 -20.17 19.87 -28.81
CA ASN C 445 -20.91 21.06 -28.39
C ASN C 445 -20.15 22.34 -28.74
N LYS C 446 -18.82 22.31 -28.65
CA LYS C 446 -18.02 23.48 -29.00
C LYS C 446 -18.11 23.76 -30.50
N LEU C 447 -18.08 22.72 -31.33
CA LEU C 447 -18.27 22.92 -32.75
C LEU C 447 -19.66 23.48 -33.04
N PHE C 448 -20.67 22.97 -32.33
CA PHE C 448 -22.04 23.48 -32.50
C PHE C 448 -22.13 24.95 -32.10
N GLU C 449 -21.48 25.32 -30.99
CA GLU C 449 -21.52 26.71 -30.55
C GLU C 449 -20.76 27.62 -31.50
N LYS C 450 -19.65 27.14 -32.06
CA LYS C 450 -18.93 27.93 -33.07
C LYS C 450 -19.80 28.15 -34.30
N THR C 451 -20.51 27.11 -34.75
CA THR C 451 -21.39 27.27 -35.89
C THR C 451 -22.55 28.21 -35.57
N ARG C 452 -23.07 28.13 -34.34
CA ARG C 452 -24.10 29.07 -33.91
C ARG C 452 -23.57 30.50 -33.96
N ARG C 453 -22.37 30.72 -33.44
CA ARG C 453 -21.79 32.06 -33.42
C ARG C 453 -21.58 32.60 -34.82
N GLN C 454 -21.08 31.76 -35.73
CA GLN C 454 -20.94 32.20 -37.12
C GLN C 454 -22.28 32.56 -37.72
N LEU C 455 -23.31 31.76 -37.43
CA LEU C 455 -24.67 32.03 -37.88
C LEU C 455 -25.42 32.78 -36.77
N ARG C 456 -25.04 34.05 -36.62
CA ARG C 456 -25.57 34.87 -35.53
C ARG C 456 -27.09 34.90 -35.58
N GLU C 457 -27.65 35.51 -36.62
CA GLU C 457 -29.09 35.50 -36.85
C GLU C 457 -29.47 34.85 -38.16
N ASN C 458 -28.50 34.32 -38.91
CA ASN C 458 -28.80 33.73 -40.21
C ASN C 458 -29.46 32.37 -40.06
N ALA C 459 -29.20 31.67 -38.97
CA ALA C 459 -29.67 30.31 -38.79
C ALA C 459 -30.39 30.17 -37.45
N GLU C 460 -31.26 29.17 -37.39
CA GLU C 460 -31.95 28.79 -36.16
C GLU C 460 -31.69 27.32 -35.87
N ASP C 461 -31.30 27.02 -34.63
CA ASP C 461 -31.08 25.64 -34.25
C ASP C 461 -32.42 24.89 -34.22
N MET C 462 -32.49 23.78 -34.95
CA MET C 462 -33.73 23.02 -35.04
C MET C 462 -33.89 22.03 -33.89
N GLY C 463 -32.89 21.89 -33.03
CA GLY C 463 -32.98 21.01 -31.88
C GLY C 463 -32.40 19.62 -32.08
N ASN C 464 -32.12 19.24 -33.32
CA ASN C 464 -31.52 17.95 -33.63
C ASN C 464 -30.03 18.08 -33.90
N GLY C 465 -29.35 18.97 -33.18
CA GLY C 465 -27.94 19.22 -33.44
C GLY C 465 -27.71 19.76 -34.82
N CYS C 466 -28.58 20.64 -35.29
CA CYS C 466 -28.56 21.07 -36.68
C CYS C 466 -29.11 22.48 -36.76
N PHE C 467 -28.78 23.17 -37.84
CA PHE C 467 -29.17 24.55 -38.07
C PHE C 467 -29.96 24.66 -39.37
N LYS C 468 -31.06 25.40 -39.30
CA LYS C 468 -31.79 25.82 -40.49
C LYS C 468 -31.32 27.23 -40.83
N ILE C 469 -30.54 27.34 -41.90
CA ILE C 469 -30.03 28.62 -42.37
C ILE C 469 -31.06 29.22 -43.31
N TYR C 470 -31.46 30.46 -43.04
CA TYR C 470 -32.62 31.05 -43.71
C TYR C 470 -32.22 31.89 -44.93
N HIS C 471 -31.13 31.52 -45.61
CA HIS C 471 -30.73 32.16 -46.84
C HIS C 471 -30.13 31.12 -47.76
N LYS C 472 -30.11 31.45 -49.06
CA LYS C 472 -29.51 30.56 -50.05
C LYS C 472 -28.06 30.30 -49.70
N CYS C 473 -27.74 29.06 -49.34
CA CYS C 473 -26.41 28.67 -48.86
C CYS C 473 -25.83 27.66 -49.85
N ASP C 474 -25.15 28.17 -50.87
CA ASP C 474 -24.51 27.29 -51.84
C ASP C 474 -23.34 26.56 -51.18
N ASN C 475 -22.71 25.67 -51.95
CA ASN C 475 -21.60 24.90 -51.40
C ASN C 475 -20.46 25.80 -50.94
N ALA C 476 -20.23 26.91 -51.65
CA ALA C 476 -19.21 27.85 -51.20
C ALA C 476 -19.54 28.44 -49.85
N CYS C 477 -20.81 28.82 -49.65
CA CYS C 477 -21.22 29.36 -48.35
C CYS C 477 -21.11 28.32 -47.25
N ILE C 478 -21.48 27.07 -47.55
CA ILE C 478 -21.35 26.01 -46.55
C ILE C 478 -19.88 25.80 -46.20
N GLU C 479 -19.00 25.83 -47.20
CA GLU C 479 -17.57 25.70 -46.94
C GLU C 479 -17.08 26.85 -46.08
N SER C 480 -17.56 28.07 -46.35
CA SER C 480 -17.20 29.21 -45.53
C SER C 480 -17.63 29.01 -44.08
N ILE C 481 -18.83 28.48 -43.88
CA ILE C 481 -19.28 28.19 -42.52
C ILE C 481 -18.39 27.14 -41.88
N ARG C 482 -18.03 26.10 -42.64
CA ARG C 482 -17.23 25.02 -42.09
C ARG C 482 -15.85 25.49 -41.67
N ASN C 483 -15.22 26.34 -42.48
CA ASN C 483 -13.86 26.80 -42.20
C ASN C 483 -13.83 28.07 -41.37
N GLY C 484 -14.98 28.58 -40.94
CA GLY C 484 -15.02 29.72 -40.05
C GLY C 484 -14.95 31.07 -40.72
N THR C 485 -14.86 31.13 -42.05
CA THR C 485 -14.80 32.39 -42.78
C THR C 485 -16.17 32.86 -43.25
N TYR C 486 -17.22 32.53 -42.51
CA TYR C 486 -18.58 32.90 -42.89
C TYR C 486 -18.92 34.27 -42.34
N ASP C 487 -19.36 35.16 -43.22
CA ASP C 487 -19.73 36.52 -42.85
C ASP C 487 -21.25 36.59 -42.73
N HIS C 488 -21.73 36.77 -41.50
CA HIS C 488 -23.18 36.81 -41.27
C HIS C 488 -23.83 38.02 -41.93
N ASP C 489 -23.11 39.15 -41.98
CA ASP C 489 -23.71 40.39 -42.46
C ASP C 489 -24.12 40.28 -43.92
N VAL C 490 -23.45 39.44 -44.71
CA VAL C 490 -23.75 39.35 -46.13
C VAL C 490 -25.19 38.89 -46.34
N TYR C 491 -25.61 37.88 -45.59
CA TYR C 491 -26.95 37.29 -45.75
C TYR C 491 -27.90 37.68 -44.63
N ARG C 492 -27.54 38.65 -43.80
CA ARG C 492 -28.39 38.99 -42.66
C ARG C 492 -29.75 39.48 -43.12
N ASP C 493 -29.79 40.32 -44.15
CA ASP C 493 -31.07 40.84 -44.63
C ASP C 493 -31.96 39.72 -45.13
N GLU C 494 -31.44 38.87 -46.01
CA GLU C 494 -32.23 37.77 -46.56
C GLU C 494 -32.67 36.81 -45.45
N ALA C 495 -31.74 36.48 -44.54
CA ALA C 495 -32.08 35.55 -43.47
C ALA C 495 -33.16 36.10 -42.56
N LEU C 496 -33.06 37.38 -42.18
CA LEU C 496 -34.10 37.99 -41.37
C LEU C 496 -35.42 38.02 -42.10
N ASN C 497 -35.40 38.33 -43.40
CA ASN C 497 -36.64 38.34 -44.17
C ASN C 497 -37.28 36.95 -44.19
N ASN C 498 -36.48 35.91 -44.37
CA ASN C 498 -37.02 34.56 -44.40
C ASN C 498 -37.46 34.08 -43.02
N ARG C 499 -36.84 34.62 -41.95
CA ARG C 499 -37.17 34.18 -40.60
C ARG C 499 -38.44 34.86 -40.08
N PHE C 500 -38.41 36.19 -40.01
CA PHE C 500 -39.46 36.95 -39.34
C PHE C 500 -40.48 37.53 -40.31
N GLN C 501 -40.42 37.15 -41.59
CA GLN C 501 -41.38 37.63 -42.56
C GLN C 501 -41.73 36.54 -43.57
C1 NAG D . -13.62 -1.08 18.64
C2 NAG D . -14.05 0.37 18.91
C3 NAG D . -12.82 1.27 18.93
C4 NAG D . -11.78 0.75 19.91
C5 NAG D . -11.46 -0.71 19.59
C6 NAG D . -10.51 -1.34 20.58
C7 NAG D . -16.32 0.82 18.08
C8 NAG D . -17.15 1.34 16.95
N2 NAG D . -14.99 0.82 17.90
O3 NAG D . -13.22 2.59 19.30
O4 NAG D . -10.59 1.52 19.82
O5 NAG D . -12.67 -1.49 19.62
O6 NAG D . -11.16 -1.63 21.81
O7 NAG D . -16.82 0.41 19.12
H2 NAG D . -14.48 0.41 19.78
H3 NAG D . -12.43 1.30 18.04
H4 NAG D . -12.13 0.81 20.82
H5 NAG D . -11.08 -0.76 18.70
H61 NAG D . -10.16 -2.16 20.20
H62 NAG D . -9.78 -0.73 20.75
H81 NAG D . -16.96 2.28 16.82
H82 NAG D . -16.91 0.86 16.13
H83 NAG D . -18.09 1.20 17.14
HN2 NAG D . -14.67 1.14 17.11
HO3 NAG D . -12.51 3.13 19.30
HO4 NAG D . -10.10 1.39 20.55
HO6 NAG D . -10.58 -2.01 22.37
C1 NAG E . 17.34 -44.10 13.78
C2 NAG E . 18.36 -45.19 13.48
C3 NAG E . 18.73 -45.20 12.00
C4 NAG E . 17.47 -45.29 11.15
C5 NAG E . 16.48 -44.20 11.55
C6 NAG E . 15.16 -44.31 10.83
C7 NAG E . 19.85 -45.84 15.33
C8 NAG E . 21.11 -45.52 16.06
N2 NAG E . 19.55 -45.04 14.30
O3 NAG E . 19.58 -46.30 11.73
O4 NAG E . 17.81 -45.13 9.78
O5 NAG E . 16.19 -44.28 12.95
O6 NAG E . 14.16 -43.51 11.46
O7 NAG E . 19.13 -46.79 15.65
H2 NAG E . 17.95 -46.06 13.69
H3 NAG E . 19.19 -44.37 11.79
H4 NAG E . 17.05 -46.16 11.28
H5 NAG E . 16.87 -43.32 11.35
H61 NAG E . 15.27 -44.01 9.91
H62 NAG E . 14.87 -45.25 10.83
H81 NAG E . 21.87 -45.60 15.45
H82 NAG E . 21.07 -44.62 16.41
H83 NAG E . 21.23 -46.16 16.80
HN2 NAG E . 20.12 -44.35 14.11
HO3 NAG E . 19.73 -46.35 10.85
HO4 NAG E . 17.76 -44.27 9.56
HO6 NAG E . 13.71 -43.07 10.84
C1 NAG F . -10.82 -36.86 16.56
C2 NAG F . -11.37 -37.84 17.60
C3 NAG F . -10.60 -39.15 17.54
C4 NAG F . -10.61 -39.70 16.13
C5 NAG F . -10.09 -38.65 15.16
C6 NAG F . -10.18 -39.10 13.71
C7 NAG F . -12.26 -36.50 19.46
C8 NAG F . -12.04 -35.99 20.85
N2 NAG F . -11.30 -37.26 18.94
O3 NAG F . -11.20 -40.08 18.44
O4 NAG F . -9.80 -40.87 16.06
O5 NAG F . -10.87 -37.46 15.27
O6 NAG F . -10.25 -40.52 13.61
O7 NAG F . -13.28 -36.21 18.82
H2 NAG F . -12.30 -38.02 17.39
H3 NAG F . -9.69 -38.99 17.82
H4 NAG F . -11.53 -39.93 15.88
H5 NAG F . -9.15 -38.46 15.37
H61 NAG F . -10.98 -38.72 13.31
H62 NAG F . -9.39 -38.79 13.23
H81 NAG F . -11.95 -36.75 21.46
H82 NAG F . -11.21 -35.46 20.87
H83 NAG F . -12.79 -35.45 21.13
HN2 NAG F . -10.57 -37.44 19.46
HO3 NAG F . -10.76 -40.86 18.40
HO4 NAG F . -9.85 -41.21 15.24
HO6 NAG F . -10.30 -40.75 12.75
C1 NAG G . 9.99 -18.62 43.85
C2 NAG G . 8.57 -18.38 43.33
C3 NAG G . 7.57 -18.46 44.47
C4 NAG G . 7.74 -19.77 45.24
C5 NAG G . 9.20 -19.95 45.65
C6 NAG G . 9.46 -21.28 46.31
C7 NAG G . 9.21 -16.78 41.59
C8 NAG G . 9.00 -15.41 41.02
N2 NAG G . 8.48 -17.09 42.66
O3 NAG G . 6.25 -18.36 43.96
O4 NAG G . 6.91 -19.77 46.39
O5 NAG G . 10.05 -19.87 44.51
O6 NAG G . 10.69 -21.85 45.87
O7 NAG G . 10.01 -17.57 41.10
H2 NAG G . 8.35 -19.08 42.69
H3 NAG G . 7.73 -17.71 45.09
H4 NAG G . 7.48 -20.51 44.65
H5 NAG G . 9.44 -19.24 46.27
H61 NAG G . 9.50 -21.15 47.28
H62 NAG G . 8.73 -21.90 46.10
H81 NAG G . 8.06 -15.30 40.79
H82 NAG G . 9.26 -14.74 41.68
H83 NAG G . 9.55 -15.31 40.21
HN2 NAG G . 7.90 -16.47 42.99
HO3 NAG G . 5.66 -18.42 44.63
HO4 NAG G . 7.29 -20.27 47.03
HO6 NAG G . 10.78 -22.67 46.21
C1 BMA H . 4.44 -20.93 45.49
C2 BMA H . 4.43 -21.35 46.95
C3 BMA H . 3.16 -20.86 47.61
C4 BMA H . 2.89 -19.36 47.32
C5 BMA H . 2.91 -19.11 45.80
C6 BMA H . 2.74 -17.64 45.42
O2 BMA H . 5.53 -20.76 47.63
O3 BMA H . 3.16 -21.10 49.01
O4 BMA H . 1.63 -18.96 47.83
O5 BMA H . 4.20 -19.53 45.31
O6 BMA H . 2.89 -17.52 44.02
C1 NAG I . 18.67 13.51 0.77
C2 NAG I . 18.88 13.97 -0.67
C3 NAG I . 18.86 12.77 -1.61
C4 NAG I . 19.86 11.71 -1.15
C5 NAG I . 19.58 11.34 0.30
C6 NAG I . 20.59 10.36 0.86
C7 NAG I . 18.03 16.26 -0.88
C8 NAG I . 16.90 17.12 -1.37
N2 NAG I . 17.88 14.94 -1.07
O3 NAG I . 19.19 13.20 -2.94
O4 NAG I . 19.73 10.54 -1.96
O5 NAG I . 19.65 12.53 1.12
O6 NAG I . 21.76 11.02 1.31
O7 NAG I . 19.02 16.73 -0.34
H2 NAG I . 19.77 14.38 -0.74
H3 NAG I . 17.96 12.38 -1.62
H4 NAG I . 20.76 12.07 -1.24
H5 NAG I . 18.69 10.97 0.37
H61 NAG I . 20.18 9.88 1.61
H62 NAG I . 20.81 9.72 0.16
H81 NAG I . 16.77 16.96 -2.31
H82 NAG I . 16.09 16.89 -0.88
H83 NAG I . 17.12 18.06 -1.22
HN2 NAG I . 17.13 14.65 -1.49
HO3 NAG I . 19.18 12.51 -3.49
HO4 NAG I . 20.48 10.07 -1.91
HO6 NAG I . 22.36 10.40 1.55
C1 NAG J . 15.86 -20.04 42.12
C2 NAG J . 15.57 -21.08 43.20
C3 NAG J . 14.08 -21.41 43.24
C4 NAG J . 13.25 -20.14 43.37
C5 NAG J . 13.66 -19.13 42.30
C6 NAG J . 12.96 -17.80 42.45
C7 NAG J . 17.46 -22.57 43.69
C8 NAG J . 18.16 -23.84 43.33
N2 NAG J . 16.36 -22.28 42.99
O3 NAG J . 13.82 -22.28 44.34
O4 NAG J . 11.87 -20.46 43.21
O5 NAG J . 15.07 -18.88 42.36
O6 NAG J . 13.90 -16.72 42.37
O7 NAG J . 17.89 -21.83 44.57
H2 NAG J . 15.81 -20.70 44.07
H3 NAG J . 13.85 -21.86 42.41
H4 NAG J . 13.39 -19.75 44.25
H5 NAG J . 13.44 -19.50 41.42
H61 NAG J . 12.31 -17.70 41.74
H62 NAG J . 12.52 -17.76 43.32
H81 NAG J . 17.55 -24.60 43.47
H82 NAG J . 18.42 -23.82 42.38
H83 NAG J . 18.94 -23.96 43.89
HN2 NAG J . 16.09 -22.87 42.34
HO3 NAG J . 12.95 -22.47 44.35
HO4 NAG J . 11.66 -20.38 42.35
HO6 NAG J . 13.70 -16.12 42.99
C1 NAG K . 18.81 8.46 36.53
C2 NAG K . 19.84 8.98 37.53
C3 NAG K . 19.79 8.13 38.81
C4 NAG K . 18.38 8.09 39.36
C5 NAG K . 17.41 7.61 38.28
C6 NAG K . 15.97 7.63 38.73
C7 NAG K . 21.64 9.95 36.18
C8 NAG K . 23.03 9.78 35.68
N2 NAG K . 21.17 8.98 36.97
O3 NAG K . 20.67 8.70 39.78
O4 NAG K . 18.32 7.21 40.48
O5 NAG K . 17.51 8.45 37.13
O6 NAG K . 15.87 7.66 40.14
O7 NAG K . 20.95 10.93 35.87
H2 NAG K . 19.60 9.89 37.78
H3 NAG K . 20.08 7.24 38.60
H4 NAG K . 18.12 8.99 39.65
H5 NAG K . 17.65 6.69 38.03
H61 NAG K . 15.54 8.43 38.36
H62 NAG K . 15.51 6.84 38.39
H81 NAG K . 23.65 9.76 36.43
H82 NAG K . 23.10 8.95 35.17
H83 NAG K . 23.27 10.54 35.10
HN2 NAG K . 21.73 8.28 37.16
HO3 NAG K . 20.64 8.22 40.52
HO4 NAG K . 17.51 7.22 40.82
HO6 NAG K . 15.01 7.67 40.38
C1 NAG L . 44.64 -11.38 15.60
C2 NAG L . 44.12 -9.95 15.46
C3 NAG L . 45.27 -8.96 15.54
C4 NAG L . 46.10 -9.20 16.80
C5 NAG L . 46.52 -10.67 16.88
C6 NAG L . 47.24 -11.01 18.16
C7 NAG L . 42.30 -10.49 13.91
C8 NAG L . 41.66 -10.18 12.59
N2 NAG L . 43.38 -9.78 14.22
O3 NAG L . 44.75 -7.64 15.55
O4 NAG L . 47.26 -8.38 16.79
O5 NAG L . 45.36 -11.52 16.81
O6 NAG L . 46.79 -12.24 18.70
O7 NAG L . 41.84 -11.34 14.67
H2 NAG L . 43.51 -9.77 16.20
H3 NAG L . 45.85 -9.07 14.75
H4 NAG L . 45.56 -8.99 17.59
H5 NAG L . 47.10 -10.87 16.13
H61 NAG L . 48.20 -11.08 17.97
H62 NAG L . 47.09 -10.30 18.81
H81 NAG L . 41.49 -9.23 12.52
H82 NAG L . 42.26 -10.46 11.87
H83 NAG L . 40.83 -10.68 12.51
HN2 NAG L . 43.69 -9.17 13.62
HO3 NAG L . 45.43 -7.06 15.56
HO4 NAG L . 47.88 -8.73 17.33
HO6 NAG L . 47.16 -12.37 19.50
C1 BMA M . 46.42 -5.89 17.93
C2 BMA M . 47.89 -5.93 18.32
C3 BMA M . 48.54 -4.59 17.98
C4 BMA M . 48.19 -4.14 16.54
C5 BMA M . 46.67 -4.14 16.34
C6 BMA M . 46.25 -3.75 14.93
O2 BMA M . 48.57 -6.92 17.59
O3 BMA M . 49.96 -4.62 18.16
O4 BMA M . 48.70 -2.84 16.30
O5 BMA M . 46.20 -5.46 16.60
O6 BMA M . 44.85 -3.93 14.83
C1 NAG N . 15.86 -45.41 7.72
C2 NAG N . 15.65 -44.76 6.35
C3 NAG N . 15.66 -45.83 5.26
C4 NAG N . 16.92 -46.67 5.36
C5 NAG N . 17.08 -47.22 6.77
C6 NAG N . 18.39 -47.97 6.97
C7 NAG N . 14.14 -42.98 7.13
C8 NAG N . 12.80 -42.32 6.93
N2 NAG N . 14.40 -44.02 6.31
O3 NAG N . 15.61 -45.19 3.99
O4 NAG N . 16.85 -47.77 4.45
O5 NAG N . 17.08 -46.15 7.71
O6 NAG N . 19.04 -47.58 8.18
O7 NAG N . 14.95 -42.59 7.96
H2 NAG N . 16.39 -44.15 6.19
H3 NAG N . 14.89 -46.41 5.36
H4 NAG N . 17.70 -46.12 5.14
H5 NAG N . 16.34 -47.82 6.97
H61 NAG N . 18.21 -48.92 7.00
H62 NAG N . 18.98 -47.78 6.22
H81 NAG N . 12.69 -42.07 6.00
H82 NAG N . 12.10 -42.95 7.18
H83 NAG N . 12.75 -41.53 7.50
HN2 NAG N . 13.76 -44.27 5.71
HO3 NAG N . 15.56 -45.80 3.35
HO4 NAG N . 17.50 -48.34 4.63
HO6 NAG N . 19.82 -48.00 8.24
C1 BMA O . 17.91 -46.75 2.01
C2 BMA O . 18.34 -48.22 1.96
C3 BMA O . 17.83 -48.86 0.67
C4 BMA O . 16.34 -48.56 0.43
C5 BMA O . 16.08 -47.05 0.53
C6 BMA O . 14.61 -46.69 0.38
O2 BMA O . 17.76 -48.93 3.03
O3 BMA O . 18.05 -50.27 0.68
O4 BMA O . 15.95 -49.03 -0.85
O5 BMA O . 16.53 -46.60 1.80
O6 BMA O . 14.49 -45.28 0.47
H2 BMA O . 19.44 -48.27 2.00
H3 BMA O . 18.39 -48.47 -0.19
H4 BMA O . 15.76 -49.05 1.23
H5 BMA O . 16.63 -46.53 -0.27
H61 BMA O . 14.25 -47.08 -0.57
H62 BMA O . 14.07 -47.20 1.21
HO2 BMA O . 18.09 -49.84 2.97
HO3 BMA O . 17.70 -50.59 -0.17
HO4 BMA O . 14.99 -49.12 -0.81
HO6 BMA O . 13.55 -45.05 0.33
C1 NAG P . -0.12 -17.77 -14.67
C2 NAG P . -1.59 -17.96 -15.06
C3 NAG P . -2.46 -18.04 -13.81
C4 NAG P . -1.92 -19.10 -12.85
C5 NAG P . -0.45 -18.84 -12.56
C6 NAG P . 0.19 -19.92 -11.71
C7 NAG P . -1.85 -16.89 -17.25
C8 NAG P . -2.40 -15.71 -17.99
N2 NAG P . -2.05 -16.89 -15.92
O3 NAG P . -3.79 -18.36 -14.17
O4 NAG P . -2.65 -19.08 -11.64
O5 NAG P . 0.29 -18.82 -13.80
O6 NAG P . 0.61 -21.03 -12.49
O7 NAG P . -1.27 -17.80 -17.82
H2 NAG P . -1.66 -18.81 -15.53
H3 NAG P . -2.44 -17.18 -13.35
H4 NAG P . -2.02 -19.98 -13.27
H5 NAG P . -0.35 -17.99 -12.11
H61 NAG P . 0.97 -19.55 -11.25
H62 NAG P . -0.46 -20.23 -11.05
H81 NAG P . -3.38 -15.73 -17.96
H82 NAG P . -2.08 -14.89 -17.57
H83 NAG P . -2.11 -15.74 -18.92
HN2 NAG P . -2.50 -16.18 -15.55
HO3 NAG P . -4.31 -18.38 -13.45
HO4 NAG P . -2.55 -19.85 -11.21
HO6 NAG P . 0.98 -21.64 -11.97
C1 NAG Q . 43.04 -17.33 16.78
C2 NAG Q . 44.12 -17.16 17.85
C3 NAG Q . 44.19 -15.70 18.30
C4 NAG Q . 44.36 -14.78 17.10
C5 NAG Q . 43.27 -15.06 16.07
C6 NAG Q . 43.46 -14.26 14.80
C7 NAG Q . 44.62 -19.12 19.25
C8 NAG Q . 44.22 -19.90 20.46
N2 NAG Q . 43.87 -18.03 18.98
O3 NAG Q . 45.28 -15.54 19.21
O4 NAG Q . 44.27 -13.43 17.54
O5 NAG Q . 43.30 -16.45 15.70
O6 NAG Q . 42.87 -14.92 13.69
O7 NAG Q . 45.56 -19.45 18.55
H2 NAG Q . 44.98 -17.39 17.45
H3 NAG Q . 43.35 -15.48 18.76
H4 NAG Q . 45.24 -14.94 16.70
H5 NAG Q . 42.40 -14.84 16.45
H61 NAG Q . 43.04 -13.39 14.91
H62 NAG Q . 44.41 -14.14 14.64
H81 NAG Q . 44.30 -19.33 21.25
H82 NAG Q . 43.28 -20.19 20.36
H83 NAG Q . 44.80 -20.68 20.56
HN2 NAG Q . 43.18 -17.83 19.54
HO3 NAG Q . 45.38 -14.69 19.40
HO4 NAG Q . 43.43 -13.17 17.52
HO6 NAG Q . 43.08 -14.48 12.95
C1 NAG R . 35.93 -18.43 -11.85
C2 NAG R . 36.76 -19.56 -12.46
C3 NAG R . 38.05 -19.75 -11.68
C4 NAG R . 38.81 -18.44 -11.62
C5 NAG R . 37.91 -17.31 -11.09
C6 NAG R . 38.59 -15.96 -11.19
C7 NAG R . 35.29 -21.17 -13.59
C8 NAG R . 34.55 -22.47 -13.44
N2 NAG R . 36.00 -20.79 -12.51
O3 NAG R . 38.86 -20.75 -12.30
O4 NAG R . 39.94 -18.56 -10.75
O5 NAG R . 36.70 -17.22 -11.85
O6 NAG R . 39.99 -16.08 -10.98
O7 NAG R . 35.25 -20.50 -14.61
#